data_1ZLD
# 
_entry.id   1ZLD 
# 
_audit_conform.dict_name       mmcif_pdbx.dic 
_audit_conform.dict_version    5.398 
_audit_conform.dict_location   http://mmcif.pdb.org/dictionaries/ascii/mmcif_pdbx.dic 
# 
loop_
_database_2.database_id 
_database_2.database_code 
_database_2.pdbx_database_accession 
_database_2.pdbx_DOI 
PDB   1ZLD         pdb_00001zld 10.2210/pdb1zld/pdb 
RCSB  RCSB032853   ?            ?                   
WWPDB D_1000032853 ?            ?                   
# 
loop_
_pdbx_audit_revision_history.ordinal 
_pdbx_audit_revision_history.data_content_type 
_pdbx_audit_revision_history.major_revision 
_pdbx_audit_revision_history.minor_revision 
_pdbx_audit_revision_history.revision_date 
1 'Structure model' 1 0 2005-08-16 
2 'Structure model' 1 1 2008-04-30 
3 'Structure model' 1 2 2011-07-13 
4 'Structure model' 2 0 2019-12-25 
5 'Structure model' 2 1 2024-11-06 
# 
_pdbx_audit_revision_details.ordinal             1 
_pdbx_audit_revision_details.revision_ordinal    1 
_pdbx_audit_revision_details.data_content_type   'Structure model' 
_pdbx_audit_revision_details.provider            repository 
_pdbx_audit_revision_details.type                'Initial release' 
_pdbx_audit_revision_details.description         ? 
_pdbx_audit_revision_details.details             ? 
# 
loop_
_pdbx_audit_revision_group.ordinal 
_pdbx_audit_revision_group.revision_ordinal 
_pdbx_audit_revision_group.data_content_type 
_pdbx_audit_revision_group.group 
1 2 'Structure model' 'Version format compliance' 
2 3 'Structure model' 'Version format compliance' 
3 4 'Structure model' 'Database references'       
4 4 'Structure model' 'Derived calculations'      
5 4 'Structure model' 'Polymer sequence'          
6 5 'Structure model' 'Data collection'           
7 5 'Structure model' 'Database references'       
8 5 'Structure model' 'Derived calculations'      
9 5 'Structure model' 'Structure summary'         
# 
loop_
_pdbx_audit_revision_category.ordinal 
_pdbx_audit_revision_category.revision_ordinal 
_pdbx_audit_revision_category.data_content_type 
_pdbx_audit_revision_category.category 
1  4 'Structure model' entity_poly               
2  4 'Structure model' pdbx_struct_mod_residue   
3  4 'Structure model' struct_conn               
4  4 'Structure model' struct_ref_seq_dif        
5  5 'Structure model' chem_comp_atom            
6  5 'Structure model' chem_comp_bond            
7  5 'Structure model' database_2                
8  5 'Structure model' pdbx_entry_details        
9  5 'Structure model' pdbx_modification_feature 
10 5 'Structure model' struct_site               
# 
loop_
_pdbx_audit_revision_item.ordinal 
_pdbx_audit_revision_item.revision_ordinal 
_pdbx_audit_revision_item.data_content_type 
_pdbx_audit_revision_item.item 
1 4 'Structure model' '_entity_poly.pdbx_seq_one_letter_code_can' 
2 4 'Structure model' '_pdbx_struct_mod_residue.parent_comp_id'   
3 4 'Structure model' '_struct_conn.pdbx_leaving_atom_flag'       
4 5 'Structure model' '_database_2.pdbx_DOI'                      
5 5 'Structure model' '_database_2.pdbx_database_accession'       
6 5 'Structure model' '_struct_site.pdbx_auth_asym_id'            
7 5 'Structure model' '_struct_site.pdbx_auth_comp_id'            
8 5 'Structure model' '_struct_site.pdbx_auth_seq_id'             
# 
_pdbx_database_status.entry_id                        1ZLD 
_pdbx_database_status.status_code                     REL 
_pdbx_database_status.recvd_initial_deposition_date   2005-05-06 
_pdbx_database_status.deposit_site                    RCSB 
_pdbx_database_status.process_site                    RCSB 
_pdbx_database_status.status_code_sf                  REL 
_pdbx_database_status.SG_entry                        N 
_pdbx_database_status.status_code_mr                  ? 
_pdbx_database_status.pdb_format_compatible           Y 
_pdbx_database_status.status_code_cs                  ? 
_pdbx_database_status.methods_development_category    ? 
_pdbx_database_status.status_code_nmr_data            ? 
# 
_pdbx_database_related.db_name        PDB 
_pdbx_database_related.db_id          1ZLE 
_pdbx_database_related.details        'Same protein in a different crystal form' 
_pdbx_database_related.content_type   unspecified 
# 
loop_
_audit_author.name 
_audit_author.pdbx_ordinal 
'Sarma, G.N.'     1 
'Manning, V.A.'   2 
'Ciuffetti, L.M.' 3 
'Karplus, P.A.'   4 
# 
_citation.id                        primary 
_citation.title                     
'Structure of Ptr ToxA: An RGD-Containing Host-Selective Toxin from Pyrenophora tritici-repentis' 
_citation.journal_abbrev            'Plant Cell' 
_citation.journal_volume            17 
_citation.page_first                3190 
_citation.page_last                 3202 
_citation.year                      2005 
_citation.journal_id_ASTM           PLCEEW 
_citation.country                   US 
_citation.journal_id_ISSN           1040-4651 
_citation.journal_id_CSD            2109 
_citation.book_publisher            ? 
_citation.pdbx_database_id_PubMed   16214901 
_citation.pdbx_database_id_DOI      10.1105/tpc.105.034918 
# 
loop_
_citation_author.citation_id 
_citation_author.name 
_citation_author.ordinal 
_citation_author.identifier_ORCID 
primary 'Sarma, G.N.'     1 ? 
primary 'Manning, V.A.'   2 ? 
primary 'Ciuffetti, L.M.' 3 ? 
primary 'Karplus, P.A.'   4 ? 
# 
loop_
_entity.id 
_entity.type 
_entity.src_method 
_entity.pdbx_description 
_entity.formula_weight 
_entity.pdbx_number_of_molecules 
_entity.pdbx_ec 
_entity.pdbx_mutation 
_entity.pdbx_fragment 
_entity.details 
1 polymer     nat 'Ptr necrosis toxin' 13207.755 1   ? ? 'C-terminal domain' ? 
2 non-polymer syn 'SULFATE ION'        96.063    2   ? ? ?                   ? 
3 water       nat water                18.015    105 ? ? ?                   ? 
# 
_entity_name_com.entity_id   1 
_entity_name_com.name        'Ptr ToxA' 
# 
_entity_poly.entity_id                      1 
_entity_poly.type                           'polypeptide(L)' 
_entity_poly.nstd_linkage                   no 
_entity_poly.nstd_monomer                   yes 
_entity_poly.pdbx_seq_one_letter_code       
;(PCA)GSCMSITINPSRPSVNNIGQVDIDSVILGRPGAIGSWELNNFITIGLNRVNADTVRVNIRNTGRTNRLIITQWDN
TVTRGDVYELFGDYALIQGRGSFCLNIRSDTGRENWRMQLEN
;
_entity_poly.pdbx_seq_one_letter_code_can   
;QGSCMSITINPSRPSVNNIGQVDIDSVILGRPGAIGSWELNNFITIGLNRVNADTVRVNIRNTGRTNRLIITQWDNTVTR
GDVYELFGDYALIQGRGSFCLNIRSDTGRENWRMQLEN
;
_entity_poly.pdbx_strand_id                 A 
_entity_poly.pdbx_target_identifier         ? 
# 
loop_
_pdbx_entity_nonpoly.entity_id 
_pdbx_entity_nonpoly.name 
_pdbx_entity_nonpoly.comp_id 
2 'SULFATE ION' SO4 
3 water         HOH 
# 
loop_
_entity_poly_seq.entity_id 
_entity_poly_seq.num 
_entity_poly_seq.mon_id 
_entity_poly_seq.hetero 
1 1   PCA n 
1 2   GLY n 
1 3   SER n 
1 4   CYS n 
1 5   MET n 
1 6   SER n 
1 7   ILE n 
1 8   THR n 
1 9   ILE n 
1 10  ASN n 
1 11  PRO n 
1 12  SER n 
1 13  ARG n 
1 14  PRO n 
1 15  SER n 
1 16  VAL n 
1 17  ASN n 
1 18  ASN n 
1 19  ILE n 
1 20  GLY n 
1 21  GLN n 
1 22  VAL n 
1 23  ASP n 
1 24  ILE n 
1 25  ASP n 
1 26  SER n 
1 27  VAL n 
1 28  ILE n 
1 29  LEU n 
1 30  GLY n 
1 31  ARG n 
1 32  PRO n 
1 33  GLY n 
1 34  ALA n 
1 35  ILE n 
1 36  GLY n 
1 37  SER n 
1 38  TRP n 
1 39  GLU n 
1 40  LEU n 
1 41  ASN n 
1 42  ASN n 
1 43  PHE n 
1 44  ILE n 
1 45  THR n 
1 46  ILE n 
1 47  GLY n 
1 48  LEU n 
1 49  ASN n 
1 50  ARG n 
1 51  VAL n 
1 52  ASN n 
1 53  ALA n 
1 54  ASP n 
1 55  THR n 
1 56  VAL n 
1 57  ARG n 
1 58  VAL n 
1 59  ASN n 
1 60  ILE n 
1 61  ARG n 
1 62  ASN n 
1 63  THR n 
1 64  GLY n 
1 65  ARG n 
1 66  THR n 
1 67  ASN n 
1 68  ARG n 
1 69  LEU n 
1 70  ILE n 
1 71  ILE n 
1 72  THR n 
1 73  GLN n 
1 74  TRP n 
1 75  ASP n 
1 76  ASN n 
1 77  THR n 
1 78  VAL n 
1 79  THR n 
1 80  ARG n 
1 81  GLY n 
1 82  ASP n 
1 83  VAL n 
1 84  TYR n 
1 85  GLU n 
1 86  LEU n 
1 87  PHE n 
1 88  GLY n 
1 89  ASP n 
1 90  TYR n 
1 91  ALA n 
1 92  LEU n 
1 93  ILE n 
1 94  GLN n 
1 95  GLY n 
1 96  ARG n 
1 97  GLY n 
1 98  SER n 
1 99  PHE n 
1 100 CYS n 
1 101 LEU n 
1 102 ASN n 
1 103 ILE n 
1 104 ARG n 
1 105 SER n 
1 106 ASP n 
1 107 THR n 
1 108 GLY n 
1 109 ARG n 
1 110 GLU n 
1 111 ASN n 
1 112 TRP n 
1 113 ARG n 
1 114 MET n 
1 115 GLN n 
1 116 LEU n 
1 117 GLU n 
1 118 ASN n 
# 
_entity_src_nat.entity_id                  1 
_entity_src_nat.pdbx_src_id                1 
_entity_src_nat.pdbx_alt_source_flag       sample 
_entity_src_nat.pdbx_beg_seq_num           ? 
_entity_src_nat.pdbx_end_seq_num           ? 
_entity_src_nat.common_name                ? 
_entity_src_nat.pdbx_organism_scientific   'Pyrenophora tritici-repentis' 
_entity_src_nat.pdbx_ncbi_taxonomy_id      45151 
_entity_src_nat.genus                      Pyrenophora 
_entity_src_nat.species                    ? 
_entity_src_nat.strain                     ? 
_entity_src_nat.tissue                     ? 
_entity_src_nat.tissue_fraction            ? 
_entity_src_nat.pdbx_secretion             ? 
_entity_src_nat.pdbx_fragment              ? 
_entity_src_nat.pdbx_variant               ? 
_entity_src_nat.pdbx_cell_line             ? 
_entity_src_nat.pdbx_atcc                  ? 
_entity_src_nat.pdbx_cellular_location     ? 
_entity_src_nat.pdbx_organ                 ? 
_entity_src_nat.pdbx_organelle             ? 
_entity_src_nat.pdbx_cell                  ? 
_entity_src_nat.pdbx_plasmid_name          ? 
_entity_src_nat.pdbx_plasmid_details       ? 
_entity_src_nat.details                    ? 
# 
loop_
_chem_comp.id 
_chem_comp.type 
_chem_comp.mon_nstd_flag 
_chem_comp.name 
_chem_comp.pdbx_synonyms 
_chem_comp.formula 
_chem_comp.formula_weight 
ALA 'L-peptide linking' y ALANINE             ? 'C3 H7 N O2'     89.093  
ARG 'L-peptide linking' y ARGININE            ? 'C6 H15 N4 O2 1' 175.209 
ASN 'L-peptide linking' y ASPARAGINE          ? 'C4 H8 N2 O3'    132.118 
ASP 'L-peptide linking' y 'ASPARTIC ACID'     ? 'C4 H7 N O4'     133.103 
CYS 'L-peptide linking' y CYSTEINE            ? 'C3 H7 N O2 S'   121.158 
GLN 'L-peptide linking' y GLUTAMINE           ? 'C5 H10 N2 O3'   146.144 
GLU 'L-peptide linking' y 'GLUTAMIC ACID'     ? 'C5 H9 N O4'     147.129 
GLY 'peptide linking'   y GLYCINE             ? 'C2 H5 N O2'     75.067  
HOH non-polymer         . WATER               ? 'H2 O'           18.015  
ILE 'L-peptide linking' y ISOLEUCINE          ? 'C6 H13 N O2'    131.173 
LEU 'L-peptide linking' y LEUCINE             ? 'C6 H13 N O2'    131.173 
MET 'L-peptide linking' y METHIONINE          ? 'C5 H11 N O2 S'  149.211 
PCA 'L-peptide linking' n 'PYROGLUTAMIC ACID' ? 'C5 H7 N O3'     129.114 
PHE 'L-peptide linking' y PHENYLALANINE       ? 'C9 H11 N O2'    165.189 
PRO 'L-peptide linking' y PROLINE             ? 'C5 H9 N O2'     115.130 
SER 'L-peptide linking' y SERINE              ? 'C3 H7 N O3'     105.093 
SO4 non-polymer         . 'SULFATE ION'       ? 'O4 S -2'        96.063  
THR 'L-peptide linking' y THREONINE           ? 'C4 H9 N O3'     119.119 
TRP 'L-peptide linking' y TRYPTOPHAN          ? 'C11 H12 N2 O2'  204.225 
TYR 'L-peptide linking' y TYROSINE            ? 'C9 H11 N O3'    181.189 
VAL 'L-peptide linking' y VALINE              ? 'C5 H11 N O2'    117.146 
# 
loop_
_pdbx_poly_seq_scheme.asym_id 
_pdbx_poly_seq_scheme.entity_id 
_pdbx_poly_seq_scheme.seq_id 
_pdbx_poly_seq_scheme.mon_id 
_pdbx_poly_seq_scheme.ndb_seq_num 
_pdbx_poly_seq_scheme.pdb_seq_num 
_pdbx_poly_seq_scheme.auth_seq_num 
_pdbx_poly_seq_scheme.pdb_mon_id 
_pdbx_poly_seq_scheme.auth_mon_id 
_pdbx_poly_seq_scheme.pdb_strand_id 
_pdbx_poly_seq_scheme.pdb_ins_code 
_pdbx_poly_seq_scheme.hetero 
A 1 1   PCA 1   61  61  PCA PCA A . n 
A 1 2   GLY 2   62  62  GLY GLY A . n 
A 1 3   SER 3   63  ?   ?   ?   A . n 
A 1 4   CYS 4   64  ?   ?   ?   A . n 
A 1 5   MET 5   65  ?   ?   ?   A . n 
A 1 6   SER 6   66  ?   ?   ?   A . n 
A 1 7   ILE 7   67  ?   ?   ?   A . n 
A 1 8   THR 8   68  ?   ?   ?   A . n 
A 1 9   ILE 9   69  ?   ?   ?   A . n 
A 1 10  ASN 10  70  ?   ?   ?   A . n 
A 1 11  PRO 11  71  ?   ?   ?   A . n 
A 1 12  SER 12  72  ?   ?   ?   A . n 
A 1 13  ARG 13  73  ?   ?   ?   A . n 
A 1 14  PRO 14  74  ?   ?   ?   A . n 
A 1 15  SER 15  75  ?   ?   ?   A . n 
A 1 16  VAL 16  76  ?   ?   ?   A . n 
A 1 17  ASN 17  77  ?   ?   ?   A . n 
A 1 18  ASN 18  78  78  ASN ASN A . n 
A 1 19  ILE 19  79  79  ILE ILE A . n 
A 1 20  GLY 20  80  80  GLY GLY A . n 
A 1 21  GLN 21  81  81  GLN GLN A . n 
A 1 22  VAL 22  82  82  VAL VAL A . n 
A 1 23  ASP 23  83  83  ASP ASP A . n 
A 1 24  ILE 24  84  84  ILE ILE A . n 
A 1 25  ASP 25  85  85  ASP ASP A . n 
A 1 26  SER 26  86  86  SER SER A . n 
A 1 27  VAL 27  87  87  VAL VAL A . n 
A 1 28  ILE 28  88  88  ILE ILE A . n 
A 1 29  LEU 29  89  89  LEU LEU A . n 
A 1 30  GLY 30  90  90  GLY GLY A . n 
A 1 31  ARG 31  91  91  ARG ARG A . n 
A 1 32  PRO 32  92  92  PRO PRO A . n 
A 1 33  GLY 33  93  93  GLY GLY A . n 
A 1 34  ALA 34  94  94  ALA ALA A . n 
A 1 35  ILE 35  95  95  ILE ILE A . n 
A 1 36  GLY 36  96  96  GLY GLY A . n 
A 1 37  SER 37  97  97  SER SER A . n 
A 1 38  TRP 38  98  98  TRP TRP A . n 
A 1 39  GLU 39  99  99  GLU GLU A . n 
A 1 40  LEU 40  100 100 LEU LEU A . n 
A 1 41  ASN 41  101 101 ASN ASN A . n 
A 1 42  ASN 42  102 102 ASN ASN A . n 
A 1 43  PHE 43  103 103 PHE PHE A . n 
A 1 44  ILE 44  104 104 ILE ILE A . n 
A 1 45  THR 45  105 105 THR THR A . n 
A 1 46  ILE 46  106 106 ILE ILE A . n 
A 1 47  GLY 47  107 107 GLY GLY A . n 
A 1 48  LEU 48  108 108 LEU LEU A . n 
A 1 49  ASN 49  109 109 ASN ASN A . n 
A 1 50  ARG 50  110 110 ARG ARG A . n 
A 1 51  VAL 51  111 111 VAL VAL A . n 
A 1 52  ASN 52  112 112 ASN ASN A . n 
A 1 53  ALA 53  113 113 ALA ALA A . n 
A 1 54  ASP 54  114 114 ASP ASP A . n 
A 1 55  THR 55  115 115 THR THR A . n 
A 1 56  VAL 56  116 116 VAL VAL A . n 
A 1 57  ARG 57  117 117 ARG ARG A . n 
A 1 58  VAL 58  118 118 VAL VAL A . n 
A 1 59  ASN 59  119 119 ASN ASN A . n 
A 1 60  ILE 60  120 120 ILE ILE A . n 
A 1 61  ARG 61  121 121 ARG ARG A . n 
A 1 62  ASN 62  122 122 ASN ASN A . n 
A 1 63  THR 63  123 123 THR THR A . n 
A 1 64  GLY 64  124 124 GLY GLY A . n 
A 1 65  ARG 65  125 125 ARG ARG A . n 
A 1 66  THR 66  126 126 THR THR A . n 
A 1 67  ASN 67  127 127 ASN ASN A . n 
A 1 68  ARG 68  128 128 ARG ARG A . n 
A 1 69  LEU 69  129 129 LEU LEU A . n 
A 1 70  ILE 70  130 130 ILE ILE A . n 
A 1 71  ILE 71  131 131 ILE ILE A . n 
A 1 72  THR 72  132 132 THR THR A . n 
A 1 73  GLN 73  133 133 GLN GLN A . n 
A 1 74  TRP 74  134 134 TRP TRP A . n 
A 1 75  ASP 75  135 135 ASP ASP A . n 
A 1 76  ASN 76  136 136 ASN ASN A . n 
A 1 77  THR 77  137 137 THR THR A . n 
A 1 78  VAL 78  138 138 VAL VAL A . n 
A 1 79  THR 79  139 139 THR THR A . n 
A 1 80  ARG 80  140 140 ARG ARG A . n 
A 1 81  GLY 81  141 141 GLY GLY A . n 
A 1 82  ASP 82  142 142 ASP ASP A . n 
A 1 83  VAL 83  143 143 VAL VAL A . n 
A 1 84  TYR 84  144 144 TYR TYR A . n 
A 1 85  GLU 85  145 145 GLU GLU A . n 
A 1 86  LEU 86  146 146 LEU LEU A . n 
A 1 87  PHE 87  147 147 PHE PHE A . n 
A 1 88  GLY 88  148 148 GLY GLY A . n 
A 1 89  ASP 89  149 149 ASP ASP A . n 
A 1 90  TYR 90  150 150 TYR TYR A . n 
A 1 91  ALA 91  151 151 ALA ALA A . n 
A 1 92  LEU 92  152 152 LEU LEU A . n 
A 1 93  ILE 93  153 153 ILE ILE A . n 
A 1 94  GLN 94  154 154 GLN GLN A . n 
A 1 95  GLY 95  155 155 GLY GLY A . n 
A 1 96  ARG 96  156 156 ARG ARG A . n 
A 1 97  GLY 97  157 157 GLY GLY A . n 
A 1 98  SER 98  158 158 SER SER A . n 
A 1 99  PHE 99  159 159 PHE PHE A . n 
A 1 100 CYS 100 160 160 CYS CYS A . n 
A 1 101 LEU 101 161 161 LEU LEU A . n 
A 1 102 ASN 102 162 162 ASN ASN A . n 
A 1 103 ILE 103 163 163 ILE ILE A . n 
A 1 104 ARG 104 164 164 ARG ARG A . n 
A 1 105 SER 105 165 165 SER SER A . n 
A 1 106 ASP 106 166 166 ASP ASP A . n 
A 1 107 THR 107 167 167 THR THR A . n 
A 1 108 GLY 108 168 168 GLY GLY A . n 
A 1 109 ARG 109 169 169 ARG ARG A . n 
A 1 110 GLU 110 170 170 GLU GLU A . n 
A 1 111 ASN 111 171 171 ASN ASN A . n 
A 1 112 TRP 112 172 172 TRP TRP A . n 
A 1 113 ARG 113 173 173 ARG ARG A . n 
A 1 114 MET 114 174 174 MET MET A . n 
A 1 115 GLN 115 175 175 GLN GLN A . n 
A 1 116 LEU 116 176 176 LEU LEU A . n 
A 1 117 GLU 117 177 177 GLU GLU A . n 
A 1 118 ASN 118 178 178 ASN ASN A . n 
# 
loop_
_pdbx_nonpoly_scheme.asym_id 
_pdbx_nonpoly_scheme.entity_id 
_pdbx_nonpoly_scheme.mon_id 
_pdbx_nonpoly_scheme.ndb_seq_num 
_pdbx_nonpoly_scheme.pdb_seq_num 
_pdbx_nonpoly_scheme.auth_seq_num 
_pdbx_nonpoly_scheme.pdb_mon_id 
_pdbx_nonpoly_scheme.auth_mon_id 
_pdbx_nonpoly_scheme.pdb_strand_id 
_pdbx_nonpoly_scheme.pdb_ins_code 
B 2 SO4 1   501 501 SO4 SO4 A . 
C 2 SO4 1   502 502 SO4 SO4 A . 
D 3 HOH 1   503 1   HOH HOH A . 
D 3 HOH 2   504 2   HOH HOH A . 
D 3 HOH 3   505 3   HOH HOH A . 
D 3 HOH 4   506 4   HOH HOH A . 
D 3 HOH 5   507 5   HOH HOH A . 
D 3 HOH 6   508 6   HOH HOH A . 
D 3 HOH 7   509 7   HOH HOH A . 
D 3 HOH 8   510 8   HOH HOH A . 
D 3 HOH 9   511 9   HOH HOH A . 
D 3 HOH 10  512 10  HOH HOH A . 
D 3 HOH 11  513 11  HOH HOH A . 
D 3 HOH 12  514 12  HOH HOH A . 
D 3 HOH 13  515 13  HOH HOH A . 
D 3 HOH 14  516 14  HOH HOH A . 
D 3 HOH 15  517 15  HOH HOH A . 
D 3 HOH 16  518 16  HOH HOH A . 
D 3 HOH 17  519 17  HOH HOH A . 
D 3 HOH 18  520 18  HOH HOH A . 
D 3 HOH 19  521 19  HOH HOH A . 
D 3 HOH 20  522 20  HOH HOH A . 
D 3 HOH 21  523 21  HOH HOH A . 
D 3 HOH 22  524 22  HOH HOH A . 
D 3 HOH 23  525 23  HOH HOH A . 
D 3 HOH 24  526 24  HOH HOH A . 
D 3 HOH 25  527 25  HOH HOH A . 
D 3 HOH 26  528 26  HOH HOH A . 
D 3 HOH 27  529 27  HOH HOH A . 
D 3 HOH 28  530 28  HOH HOH A . 
D 3 HOH 29  531 29  HOH HOH A . 
D 3 HOH 30  532 30  HOH HOH A . 
D 3 HOH 31  533 31  HOH HOH A . 
D 3 HOH 32  534 32  HOH HOH A . 
D 3 HOH 33  535 33  HOH HOH A . 
D 3 HOH 34  536 34  HOH HOH A . 
D 3 HOH 35  537 35  HOH HOH A . 
D 3 HOH 36  538 36  HOH HOH A . 
D 3 HOH 37  539 37  HOH HOH A . 
D 3 HOH 38  540 38  HOH HOH A . 
D 3 HOH 39  541 39  HOH HOH A . 
D 3 HOH 40  542 40  HOH HOH A . 
D 3 HOH 41  543 41  HOH HOH A . 
D 3 HOH 42  544 42  HOH HOH A . 
D 3 HOH 43  545 43  HOH HOH A . 
D 3 HOH 44  546 44  HOH HOH A . 
D 3 HOH 45  547 45  HOH HOH A . 
D 3 HOH 46  548 46  HOH HOH A . 
D 3 HOH 47  549 47  HOH HOH A . 
D 3 HOH 48  550 48  HOH HOH A . 
D 3 HOH 49  551 49  HOH HOH A . 
D 3 HOH 50  552 50  HOH HOH A . 
D 3 HOH 51  553 51  HOH HOH A . 
D 3 HOH 52  554 52  HOH HOH A . 
D 3 HOH 53  555 53  HOH HOH A . 
D 3 HOH 54  556 54  HOH HOH A . 
D 3 HOH 55  557 55  HOH HOH A . 
D 3 HOH 56  558 56  HOH HOH A . 
D 3 HOH 57  559 57  HOH HOH A . 
D 3 HOH 58  560 58  HOH HOH A . 
D 3 HOH 59  561 59  HOH HOH A . 
D 3 HOH 60  562 60  HOH HOH A . 
D 3 HOH 61  563 61  HOH HOH A . 
D 3 HOH 62  564 62  HOH HOH A . 
D 3 HOH 63  565 63  HOH HOH A . 
D 3 HOH 64  566 64  HOH HOH A . 
D 3 HOH 65  567 65  HOH HOH A . 
D 3 HOH 66  568 66  HOH HOH A . 
D 3 HOH 67  569 67  HOH HOH A . 
D 3 HOH 68  570 68  HOH HOH A . 
D 3 HOH 69  571 69  HOH HOH A . 
D 3 HOH 70  572 70  HOH HOH A . 
D 3 HOH 71  573 71  HOH HOH A . 
D 3 HOH 72  574 72  HOH HOH A . 
D 3 HOH 73  575 73  HOH HOH A . 
D 3 HOH 74  576 74  HOH HOH A . 
D 3 HOH 75  577 75  HOH HOH A . 
D 3 HOH 76  578 76  HOH HOH A . 
D 3 HOH 77  579 77  HOH HOH A . 
D 3 HOH 78  580 78  HOH HOH A . 
D 3 HOH 79  581 79  HOH HOH A . 
D 3 HOH 80  582 80  HOH HOH A . 
D 3 HOH 81  583 81  HOH HOH A . 
D 3 HOH 82  584 82  HOH HOH A . 
D 3 HOH 83  585 83  HOH HOH A . 
D 3 HOH 84  586 84  HOH HOH A . 
D 3 HOH 85  587 85  HOH HOH A . 
D 3 HOH 86  588 86  HOH HOH A . 
D 3 HOH 87  589 87  HOH HOH A . 
D 3 HOH 88  590 88  HOH HOH A . 
D 3 HOH 89  591 89  HOH HOH A . 
D 3 HOH 90  592 90  HOH HOH A . 
D 3 HOH 91  593 91  HOH HOH A . 
D 3 HOH 92  594 92  HOH HOH A . 
D 3 HOH 93  595 93  HOH HOH A . 
D 3 HOH 94  596 94  HOH HOH A . 
D 3 HOH 95  597 95  HOH HOH A . 
D 3 HOH 96  598 96  HOH HOH A . 
D 3 HOH 97  599 97  HOH HOH A . 
D 3 HOH 98  600 98  HOH HOH A . 
D 3 HOH 99  601 99  HOH HOH A . 
D 3 HOH 100 602 100 HOH HOH A . 
D 3 HOH 101 603 101 HOH HOH A . 
D 3 HOH 102 604 102 HOH HOH A . 
D 3 HOH 103 605 103 HOH HOH A . 
D 3 HOH 104 606 104 HOH HOH A . 
D 3 HOH 105 607 105 HOH HOH A . 
# 
loop_
_software.name 
_software.classification 
_software.version 
_software.citation_id 
_software.pdbx_ordinal 
DENZO     'data reduction' .      ? 1 
SCALEPACK 'data scaling'   .      ? 2 
SHELXD    phasing          .      ? 3 
REFMAC    refinement       5.1.24 ? 4 
# 
_cell.entry_id           1ZLD 
_cell.length_a           78.2 
_cell.length_b           78.2 
_cell.length_c           78.2 
_cell.angle_alpha        90 
_cell.angle_beta         90 
_cell.angle_gamma        90 
_cell.Z_PDB              12 
_cell.pdbx_unique_axis   ? 
_cell.length_a_esd       ? 
_cell.length_b_esd       ? 
_cell.length_c_esd       ? 
_cell.angle_alpha_esd    ? 
_cell.angle_beta_esd     ? 
_cell.angle_gamma_esd    ? 
# 
_symmetry.entry_id                         1ZLD 
_symmetry.space_group_name_H-M             'P 21 3' 
_symmetry.cell_setting                     cubic 
_symmetry.pdbx_full_space_group_name_H-M   ? 
_symmetry.Int_Tables_number                198 
_symmetry.space_group_name_Hall            ? 
# 
_exptl.entry_id          1ZLD 
_exptl.method            'X-RAY DIFFRACTION' 
_exptl.crystals_number   1 
# 
_exptl_crystal.id                    1 
_exptl_crystal.density_Matthews      3 
_exptl_crystal.density_percent_sol   60 
_exptl_crystal.density_meas          ? 
_exptl_crystal.description           ? 
_exptl_crystal.F_000                 ? 
_exptl_crystal.preparation           ? 
# 
_exptl_crystal_grow.crystal_id      1 
_exptl_crystal_grow.method          'VAPOR DIFFUSION, HANGING DROP' 
_exptl_crystal_grow.temp            300 
_exptl_crystal_grow.pH              6.5 
_exptl_crystal_grow.pdbx_details    
'0.5 M Ammonium sulfate, 15% Dioxane, 0.1 M MES, pH 6.5, VAPOR DIFFUSION, HANGING DROP, temperature 300K' 
_exptl_crystal_grow.temp_details    ? 
_exptl_crystal_grow.pdbx_pH_range   . 
# 
_diffrn.id                     1 
_diffrn.ambient_temp           100 
_diffrn.ambient_temp_details   ? 
_diffrn.crystal_id             1 
# 
_diffrn_detector.diffrn_id              1 
_diffrn_detector.detector               CCD 
_diffrn_detector.type                   'ADSC QUANTUM 210' 
_diffrn_detector.pdbx_collection_date   2004-01-15 
_diffrn_detector.details                ? 
# 
_diffrn_radiation.diffrn_id                        1 
_diffrn_radiation.wavelength_id                    1 
_diffrn_radiation.pdbx_monochromatic_or_laue_m_l   M 
_diffrn_radiation.monochromator                    'Double crystal, Si(111)' 
_diffrn_radiation.pdbx_diffrn_protocol             'SINGLE WAVELENGTH' 
_diffrn_radiation.pdbx_scattering_type             x-ray 
# 
_diffrn_radiation_wavelength.id           1 
_diffrn_radiation_wavelength.wavelength   1.000 
_diffrn_radiation_wavelength.wt           1.0 
# 
_diffrn_source.diffrn_id                   1 
_diffrn_source.source                      SYNCHROTRON 
_diffrn_source.type                        'ALS BEAMLINE 8.2.1' 
_diffrn_source.pdbx_synchrotron_site       ALS 
_diffrn_source.pdbx_synchrotron_beamline   8.2.1 
_diffrn_source.pdbx_wavelength             ? 
_diffrn_source.pdbx_wavelength_list        1.000 
# 
_reflns.entry_id                     1ZLD 
_reflns.observed_criterion_sigma_F   0 
_reflns.observed_criterion_sigma_I   0 
_reflns.d_resolution_high            1.65 
_reflns.d_resolution_low             50.00 
_reflns.number_all                   19466 
_reflns.number_obs                   19466 
_reflns.percent_possible_obs         100 
_reflns.pdbx_Rmerge_I_obs            ? 
_reflns.pdbx_Rsym_value              ? 
_reflns.pdbx_netI_over_sigmaI        ? 
_reflns.B_iso_Wilson_estimate        ? 
_reflns.pdbx_redundancy              7.6 
_reflns.R_free_details               ? 
_reflns.limit_h_max                  ? 
_reflns.limit_h_min                  ? 
_reflns.limit_k_max                  ? 
_reflns.limit_k_min                  ? 
_reflns.limit_l_max                  ? 
_reflns.limit_l_min                  ? 
_reflns.observed_criterion_F_max     ? 
_reflns.observed_criterion_F_min     ? 
_reflns.pdbx_chi_squared             ? 
_reflns.pdbx_scaling_rejects         ? 
_reflns.pdbx_diffrn_id               1 
_reflns.pdbx_ordinal                 1 
# 
_reflns_shell.d_res_high             1.65 
_reflns_shell.d_res_low              1.71 
_reflns_shell.percent_possible_all   100 
_reflns_shell.Rmerge_I_obs           ? 
_reflns_shell.pdbx_Rsym_value        ? 
_reflns_shell.meanI_over_sigI_obs    ? 
_reflns_shell.pdbx_redundancy        4.7 
_reflns_shell.percent_possible_obs   ? 
_reflns_shell.number_unique_all      ? 
_reflns_shell.number_measured_all    ? 
_reflns_shell.number_measured_obs    ? 
_reflns_shell.number_unique_obs      ? 
_reflns_shell.pdbx_chi_squared       ? 
_reflns_shell.pdbx_diffrn_id         ? 
_reflns_shell.pdbx_ordinal           1 
# 
_refine.entry_id                                 1ZLD 
_refine.ls_d_res_high                            1.65 
_refine.ls_d_res_low                             50. 
_refine.pdbx_ls_sigma_F                          0 
_refine.pdbx_ls_sigma_I                          ? 
_refine.ls_number_reflns_all                     19466 
_refine.ls_number_reflns_obs                     17473 
_refine.ls_number_reflns_R_free                  1993 
_refine.ls_percent_reflns_obs                    ? 
_refine.ls_R_factor_all                          0.15997 
_refine.ls_R_factor_obs                          0.15729 
_refine.ls_R_factor_R_work                       0.15729 
_refine.ls_R_factor_R_free                       0.18348 
_refine.ls_redundancy_reflns_obs                 ? 
_refine.pdbx_data_cutoff_high_absF               ? 
_refine.pdbx_data_cutoff_low_absF                ? 
_refine.ls_number_parameters                     ? 
_refine.ls_number_restraints                     ? 
_refine.ls_percent_reflns_R_free                 ? 
_refine.ls_R_factor_R_free_error                 ? 
_refine.ls_R_factor_R_free_error_details         ? 
_refine.pdbx_method_to_determine_struct          SAD 
_refine.pdbx_starting_model                      ? 
_refine.pdbx_ls_cross_valid_method               ? 
_refine.pdbx_R_Free_selection_details            random 
_refine.pdbx_stereochem_target_val_spec_case     ? 
_refine.pdbx_stereochemistry_target_values       'Engh & Huber' 
_refine.solvent_model_details                    ? 
_refine.solvent_model_param_bsol                 ? 
_refine.solvent_model_param_ksol                 ? 
_refine.occupancy_max                            ? 
_refine.occupancy_min                            ? 
_refine.pdbx_isotropic_thermal_model             ? 
_refine.B_iso_mean                               ? 
_refine.aniso_B[1][1]                            ? 
_refine.aniso_B[1][2]                            ? 
_refine.aniso_B[1][3]                            ? 
_refine.aniso_B[2][2]                            ? 
_refine.aniso_B[2][3]                            ? 
_refine.aniso_B[3][3]                            ? 
_refine.details                                  ? 
_refine.B_iso_min                                ? 
_refine.B_iso_max                                ? 
_refine.correlation_coeff_Fo_to_Fc               ? 
_refine.correlation_coeff_Fo_to_Fc_free          ? 
_refine.pdbx_solvent_vdw_probe_radii             ? 
_refine.pdbx_solvent_ion_probe_radii             ? 
_refine.pdbx_solvent_shrinkage_radii             ? 
_refine.overall_SU_R_Cruickshank_DPI             ? 
_refine.overall_SU_R_free                        ? 
_refine.overall_SU_ML                            ? 
_refine.overall_SU_B                             ? 
_refine.pdbx_overall_ESU_R_Free                  ? 
_refine.pdbx_data_cutoff_high_rms_absF           ? 
_refine.pdbx_overall_ESU_R                       ? 
_refine.ls_wR_factor_R_free                      ? 
_refine.ls_wR_factor_R_work                      ? 
_refine.overall_FOM_free_R_set                   ? 
_refine.overall_FOM_work_R_set                   ? 
_refine.pdbx_refine_id                           'X-RAY DIFFRACTION' 
_refine.pdbx_diffrn_id                           1 
_refine.pdbx_TLS_residual_ADP_flag               ? 
_refine.pdbx_overall_phase_error                 ? 
_refine.pdbx_overall_SU_R_free_Cruickshank_DPI   ? 
_refine.pdbx_overall_SU_R_Blow_DPI               ? 
_refine.pdbx_overall_SU_R_free_Blow_DPI          ? 
# 
_refine_hist.pdbx_refine_id                   'X-RAY DIFFRACTION' 
_refine_hist.cycle_id                         LAST 
_refine_hist.pdbx_number_atoms_protein        848 
_refine_hist.pdbx_number_atoms_nucleic_acid   0 
_refine_hist.pdbx_number_atoms_ligand         10 
_refine_hist.number_atoms_solvent             113 
_refine_hist.number_atoms_total               971 
_refine_hist.d_res_high                       1.65 
_refine_hist.d_res_low                        50. 
# 
loop_
_refine_ls_restr.type 
_refine_ls_restr.dev_ideal 
_refine_ls_restr.dev_ideal_target 
_refine_ls_restr.number 
_refine_ls_restr.weight 
_refine_ls_restr.pdbx_refine_id 
_refine_ls_restr.pdbx_restraint_function 
r_bond_refined_d    0.012 ? ? ? 'X-RAY DIFFRACTION' ? 
r_angle_refined_deg 1.40  ? ? ? 'X-RAY DIFFRACTION' ? 
# 
_struct.entry_id                  1ZLD 
_struct.title                     
'Crystal structure of a RGD-containing host-selective toxin: Pyrenophora tritici-repentis Ptr ToxA' 
_struct.pdbx_model_details        ? 
_struct.pdbx_CASP_flag            ? 
_struct.pdbx_model_type_details   ? 
# 
_struct_keywords.entry_id        1ZLD 
_struct_keywords.pdbx_keywords   TOXIN 
_struct_keywords.text            'beta-sandwich; RGD-motif, TOXIN' 
# 
loop_
_struct_asym.id 
_struct_asym.pdbx_blank_PDB_chainid_flag 
_struct_asym.pdbx_modified 
_struct_asym.entity_id 
_struct_asym.details 
A N N 1 ? 
B N N 2 ? 
C N N 2 ? 
D N N 3 ? 
# 
_struct_ref.id                         1 
_struct_ref.entity_id                  1 
_struct_ref.db_name                    UNP 
_struct_ref.db_code                    P78737_9PLEO 
_struct_ref.pdbx_db_accession          P78737 
_struct_ref.pdbx_align_begin           61 
_struct_ref.pdbx_seq_one_letter_code   
;QGSCMSITINPSRPSVNNIGQVDIDSVILGRPGAIGSWELNNFITIGLNRVNADTVRVNIRNTGRTNRLIITQWDNTVTR
GDVYELFGDYALIQGRGSFCLNIRSDTGRENWRMQLEN
;
_struct_ref.pdbx_db_isoform            ? 
# 
_struct_ref_seq.align_id                      1 
_struct_ref_seq.ref_id                        1 
_struct_ref_seq.pdbx_PDB_id_code              1ZLD 
_struct_ref_seq.pdbx_strand_id                A 
_struct_ref_seq.seq_align_beg                 1 
_struct_ref_seq.pdbx_seq_align_beg_ins_code   ? 
_struct_ref_seq.seq_align_end                 118 
_struct_ref_seq.pdbx_seq_align_end_ins_code   ? 
_struct_ref_seq.pdbx_db_accession             P78737 
_struct_ref_seq.db_align_beg                  61 
_struct_ref_seq.pdbx_db_align_beg_ins_code    ? 
_struct_ref_seq.db_align_end                  178 
_struct_ref_seq.pdbx_db_align_end_ins_code    ? 
_struct_ref_seq.pdbx_auth_seq_align_beg       61 
_struct_ref_seq.pdbx_auth_seq_align_end       178 
# 
_pdbx_struct_assembly.id                   1 
_pdbx_struct_assembly.details              author_defined_assembly 
_pdbx_struct_assembly.method_details       ? 
_pdbx_struct_assembly.oligomeric_details   monomeric 
_pdbx_struct_assembly.oligomeric_count     1 
# 
_pdbx_struct_assembly_gen.assembly_id       1 
_pdbx_struct_assembly_gen.oper_expression   1 
_pdbx_struct_assembly_gen.asym_id_list      A,B,C,D 
# 
_pdbx_struct_oper_list.id                   1 
_pdbx_struct_oper_list.type                 'identity operation' 
_pdbx_struct_oper_list.name                 1_555 
_pdbx_struct_oper_list.symmetry_operation   x,y,z 
_pdbx_struct_oper_list.matrix[1][1]         1.0000000000 
_pdbx_struct_oper_list.matrix[1][2]         0.0000000000 
_pdbx_struct_oper_list.matrix[1][3]         0.0000000000 
_pdbx_struct_oper_list.vector[1]            0.0000000000 
_pdbx_struct_oper_list.matrix[2][1]         0.0000000000 
_pdbx_struct_oper_list.matrix[2][2]         1.0000000000 
_pdbx_struct_oper_list.matrix[2][3]         0.0000000000 
_pdbx_struct_oper_list.vector[2]            0.0000000000 
_pdbx_struct_oper_list.matrix[3][1]         0.0000000000 
_pdbx_struct_oper_list.matrix[3][2]         0.0000000000 
_pdbx_struct_oper_list.matrix[3][3]         1.0000000000 
_pdbx_struct_oper_list.vector[3]            0.0000000000 
# 
_struct_biol.id                    1 
_struct_biol.pdbx_parent_biol_id   ? 
_struct_biol.details               ? 
# 
_struct_conf.conf_type_id            HELX_P 
_struct_conf.id                      HELX_P1 
_struct_conf.pdbx_PDB_helix_id       1 
_struct_conf.beg_label_comp_id       ILE 
_struct_conf.beg_label_asym_id       A 
_struct_conf.beg_label_seq_id        24 
_struct_conf.pdbx_beg_PDB_ins_code   ? 
_struct_conf.end_label_comp_id       LEU 
_struct_conf.end_label_asym_id       A 
_struct_conf.end_label_seq_id        29 
_struct_conf.pdbx_end_PDB_ins_code   ? 
_struct_conf.beg_auth_comp_id        ILE 
_struct_conf.beg_auth_asym_id        A 
_struct_conf.beg_auth_seq_id         84 
_struct_conf.end_auth_comp_id        LEU 
_struct_conf.end_auth_asym_id        A 
_struct_conf.end_auth_seq_id         89 
_struct_conf.pdbx_PDB_helix_class    1 
_struct_conf.details                 ? 
_struct_conf.pdbx_PDB_helix_length   6 
# 
_struct_conf_type.id          HELX_P 
_struct_conf_type.criteria    ? 
_struct_conf_type.reference   ? 
# 
_struct_conn.id                            covale1 
_struct_conn.conn_type_id                  covale 
_struct_conn.pdbx_leaving_atom_flag        both 
_struct_conn.pdbx_PDB_id                   ? 
_struct_conn.ptnr1_label_asym_id           A 
_struct_conn.ptnr1_label_comp_id           PCA 
_struct_conn.ptnr1_label_seq_id            1 
_struct_conn.ptnr1_label_atom_id           C 
_struct_conn.pdbx_ptnr1_label_alt_id       ? 
_struct_conn.pdbx_ptnr1_PDB_ins_code       ? 
_struct_conn.pdbx_ptnr1_standard_comp_id   ? 
_struct_conn.ptnr1_symmetry                1_555 
_struct_conn.ptnr2_label_asym_id           A 
_struct_conn.ptnr2_label_comp_id           GLY 
_struct_conn.ptnr2_label_seq_id            2 
_struct_conn.ptnr2_label_atom_id           N 
_struct_conn.pdbx_ptnr2_label_alt_id       ? 
_struct_conn.pdbx_ptnr2_PDB_ins_code       ? 
_struct_conn.ptnr1_auth_asym_id            A 
_struct_conn.ptnr1_auth_comp_id            PCA 
_struct_conn.ptnr1_auth_seq_id             61 
_struct_conn.ptnr2_auth_asym_id            A 
_struct_conn.ptnr2_auth_comp_id            GLY 
_struct_conn.ptnr2_auth_seq_id             62 
_struct_conn.ptnr2_symmetry                1_555 
_struct_conn.pdbx_ptnr3_label_atom_id      ? 
_struct_conn.pdbx_ptnr3_label_seq_id       ? 
_struct_conn.pdbx_ptnr3_label_comp_id      ? 
_struct_conn.pdbx_ptnr3_label_asym_id      ? 
_struct_conn.pdbx_ptnr3_label_alt_id       ? 
_struct_conn.pdbx_ptnr3_PDB_ins_code       ? 
_struct_conn.details                       ? 
_struct_conn.pdbx_dist_value               1.335 
_struct_conn.pdbx_value_order              ? 
_struct_conn.pdbx_role                     ? 
# 
_struct_conn_type.id          covale 
_struct_conn_type.criteria    ? 
_struct_conn_type.reference   ? 
# 
_pdbx_modification_feature.ordinal                            1 
_pdbx_modification_feature.label_comp_id                      PCA 
_pdbx_modification_feature.label_asym_id                      A 
_pdbx_modification_feature.label_seq_id                       1 
_pdbx_modification_feature.label_alt_id                       ? 
_pdbx_modification_feature.modified_residue_label_comp_id     . 
_pdbx_modification_feature.modified_residue_label_asym_id     . 
_pdbx_modification_feature.modified_residue_label_seq_id      . 
_pdbx_modification_feature.modified_residue_label_alt_id      . 
_pdbx_modification_feature.auth_comp_id                       PCA 
_pdbx_modification_feature.auth_asym_id                       A 
_pdbx_modification_feature.auth_seq_id                        61 
_pdbx_modification_feature.PDB_ins_code                       ? 
_pdbx_modification_feature.symmetry                           1_555 
_pdbx_modification_feature.modified_residue_auth_comp_id      . 
_pdbx_modification_feature.modified_residue_auth_asym_id      . 
_pdbx_modification_feature.modified_residue_auth_seq_id       . 
_pdbx_modification_feature.modified_residue_PDB_ins_code      . 
_pdbx_modification_feature.modified_residue_symmetry          . 
_pdbx_modification_feature.comp_id_linking_atom               . 
_pdbx_modification_feature.modified_residue_id_linking_atom   . 
_pdbx_modification_feature.modified_residue_id                GLN 
_pdbx_modification_feature.ref_pcm_id                         1 
_pdbx_modification_feature.ref_comp_id                        PCA 
_pdbx_modification_feature.type                               'Pyrrolidone carboxylic acid' 
_pdbx_modification_feature.category                           'Named protein modification' 
# 
loop_
_struct_sheet.id 
_struct_sheet.type 
_struct_sheet.number_strands 
_struct_sheet.details 
A ? 4 ? 
B ? 4 ? 
# 
loop_
_struct_sheet_order.sheet_id 
_struct_sheet_order.range_id_1 
_struct_sheet_order.range_id_2 
_struct_sheet_order.offset 
_struct_sheet_order.sense 
A 1 2 ? anti-parallel 
A 2 3 ? anti-parallel 
A 3 4 ? anti-parallel 
B 1 2 ? anti-parallel 
B 2 3 ? anti-parallel 
B 3 4 ? anti-parallel 
# 
loop_
_struct_sheet_range.sheet_id 
_struct_sheet_range.id 
_struct_sheet_range.beg_label_comp_id 
_struct_sheet_range.beg_label_asym_id 
_struct_sheet_range.beg_label_seq_id 
_struct_sheet_range.pdbx_beg_PDB_ins_code 
_struct_sheet_range.end_label_comp_id 
_struct_sheet_range.end_label_asym_id 
_struct_sheet_range.end_label_seq_id 
_struct_sheet_range.pdbx_end_PDB_ins_code 
_struct_sheet_range.beg_auth_comp_id 
_struct_sheet_range.beg_auth_asym_id 
_struct_sheet_range.beg_auth_seq_id 
_struct_sheet_range.end_auth_comp_id 
_struct_sheet_range.end_auth_asym_id 
_struct_sheet_range.end_auth_seq_id 
A 1 VAL A 22  ? ASP A 23  ? VAL A 82  ASP A 83  
A 2 TRP A 112 ? LEU A 116 ? TRP A 172 LEU A 176 
A 3 ASN A 67  ? ASN A 76  ? ASN A 127 ASN A 136 
A 4 ASP A 82  ? LEU A 92  ? ASP A 142 LEU A 152 
B 1 ILE A 35  ? GLU A 39  ? ILE A 95  GLU A 99  
B 2 ILE A 44  ? ASN A 52  ? ILE A 104 ASN A 112 
B 3 THR A 55  ? ASN A 62  ? THR A 115 ASN A 122 
B 4 GLY A 95  ? ASN A 102 ? GLY A 155 ASN A 162 
# 
loop_
_pdbx_struct_sheet_hbond.sheet_id 
_pdbx_struct_sheet_hbond.range_id_1 
_pdbx_struct_sheet_hbond.range_id_2 
_pdbx_struct_sheet_hbond.range_1_label_atom_id 
_pdbx_struct_sheet_hbond.range_1_label_comp_id 
_pdbx_struct_sheet_hbond.range_1_label_asym_id 
_pdbx_struct_sheet_hbond.range_1_label_seq_id 
_pdbx_struct_sheet_hbond.range_1_PDB_ins_code 
_pdbx_struct_sheet_hbond.range_1_auth_atom_id 
_pdbx_struct_sheet_hbond.range_1_auth_comp_id 
_pdbx_struct_sheet_hbond.range_1_auth_asym_id 
_pdbx_struct_sheet_hbond.range_1_auth_seq_id 
_pdbx_struct_sheet_hbond.range_2_label_atom_id 
_pdbx_struct_sheet_hbond.range_2_label_comp_id 
_pdbx_struct_sheet_hbond.range_2_label_asym_id 
_pdbx_struct_sheet_hbond.range_2_label_seq_id 
_pdbx_struct_sheet_hbond.range_2_PDB_ins_code 
_pdbx_struct_sheet_hbond.range_2_auth_atom_id 
_pdbx_struct_sheet_hbond.range_2_auth_comp_id 
_pdbx_struct_sheet_hbond.range_2_auth_asym_id 
_pdbx_struct_sheet_hbond.range_2_auth_seq_id 
A 1 2 N VAL A 22  ? N VAL A 82  O MET A 114 ? O MET A 174 
A 2 3 O ARG A 113 ? O ARG A 173 N THR A 72  ? N THR A 132 
A 3 4 N ILE A 71  ? N ILE A 131 O GLY A 88  ? O GLY A 148 
B 1 2 N TRP A 38  ? N TRP A 98  O ILE A 46  ? O ILE A 106 
B 2 3 N ASN A 49  ? N ASN A 109 O ARG A 57  ? O ARG A 117 
B 3 4 N VAL A 58  ? N VAL A 118 O PHE A 99  ? O PHE A 159 
# 
loop_
_struct_site.id 
_struct_site.pdbx_evidence_code 
_struct_site.pdbx_auth_asym_id 
_struct_site.pdbx_auth_comp_id 
_struct_site.pdbx_auth_seq_id 
_struct_site.pdbx_auth_ins_code 
_struct_site.pdbx_num_residues 
_struct_site.details 
AC1 Software A SO4 501 ? 8 'BINDING SITE FOR RESIDUE SO4 A 501' 
AC2 Software A SO4 502 ? 6 'BINDING SITE FOR RESIDUE SO4 A 502' 
# 
loop_
_struct_site_gen.id 
_struct_site_gen.site_id 
_struct_site_gen.pdbx_num_res 
_struct_site_gen.label_comp_id 
_struct_site_gen.label_asym_id 
_struct_site_gen.label_seq_id 
_struct_site_gen.pdbx_auth_ins_code 
_struct_site_gen.auth_comp_id 
_struct_site_gen.auth_asym_id 
_struct_site_gen.auth_seq_id 
_struct_site_gen.label_atom_id 
_struct_site_gen.label_alt_id 
_struct_site_gen.symmetry 
_struct_site_gen.details 
1  AC1 8 SER A 26 ? SER A 86  . ? 9_555 ? 
2  AC1 8 GLY A 30 ? GLY A 90  . ? 1_555 ? 
3  AC1 8 ARG A 31 ? ARG A 91  . ? 1_555 ? 
4  AC1 8 HOH D .  ? HOH A 540 . ? 1_555 ? 
5  AC1 8 HOH D .  ? HOH A 541 . ? 1_555 ? 
6  AC1 8 HOH D .  ? HOH A 543 . ? 9_555 ? 
7  AC1 8 HOH D .  ? HOH A 568 . ? 1_555 ? 
8  AC1 8 HOH D .  ? HOH A 583 . ? 1_555 ? 
9  AC2 6 ARG A 61 ? ARG A 121 . ? 2_555 ? 
10 AC2 6 THR A 77 ? THR A 137 . ? 1_555 ? 
11 AC2 6 VAL A 78 ? VAL A 138 . ? 1_555 ? 
12 AC2 6 THR A 79 ? THR A 139 . ? 1_555 ? 
13 AC2 6 ARG A 80 ? ARG A 140 . ? 1_555 ? 
14 AC2 6 ARG A 96 ? ARG A 156 . ? 2_555 ? 
# 
_pdbx_entry_details.entry_id                   1ZLD 
_pdbx_entry_details.compound_details           ? 
_pdbx_entry_details.source_details             ? 
_pdbx_entry_details.nonpolymer_details         ? 
_pdbx_entry_details.sequence_details           ? 
_pdbx_entry_details.has_ligand_of_interest     ? 
_pdbx_entry_details.has_protein_modification   Y 
# 
_pdbx_struct_mod_residue.id               1 
_pdbx_struct_mod_residue.label_asym_id    A 
_pdbx_struct_mod_residue.label_comp_id    PCA 
_pdbx_struct_mod_residue.label_seq_id     1 
_pdbx_struct_mod_residue.auth_asym_id     A 
_pdbx_struct_mod_residue.auth_comp_id     PCA 
_pdbx_struct_mod_residue.auth_seq_id      61 
_pdbx_struct_mod_residue.PDB_ins_code     ? 
_pdbx_struct_mod_residue.parent_comp_id   GLN 
_pdbx_struct_mod_residue.details          'PYROGLUTAMIC ACID' 
# 
_pdbx_struct_special_symmetry.id              1 
_pdbx_struct_special_symmetry.PDB_model_num   1 
_pdbx_struct_special_symmetry.auth_asym_id    A 
_pdbx_struct_special_symmetry.auth_comp_id    HOH 
_pdbx_struct_special_symmetry.auth_seq_id     551 
_pdbx_struct_special_symmetry.PDB_ins_code    ? 
_pdbx_struct_special_symmetry.label_asym_id   D 
_pdbx_struct_special_symmetry.label_comp_id   HOH 
_pdbx_struct_special_symmetry.label_seq_id    . 
# 
loop_
_pdbx_unobs_or_zero_occ_residues.id 
_pdbx_unobs_or_zero_occ_residues.PDB_model_num 
_pdbx_unobs_or_zero_occ_residues.polymer_flag 
_pdbx_unobs_or_zero_occ_residues.occupancy_flag 
_pdbx_unobs_or_zero_occ_residues.auth_asym_id 
_pdbx_unobs_or_zero_occ_residues.auth_comp_id 
_pdbx_unobs_or_zero_occ_residues.auth_seq_id 
_pdbx_unobs_or_zero_occ_residues.PDB_ins_code 
_pdbx_unobs_or_zero_occ_residues.label_asym_id 
_pdbx_unobs_or_zero_occ_residues.label_comp_id 
_pdbx_unobs_or_zero_occ_residues.label_seq_id 
1  1 Y 1 A SER 63 ? A SER 3  
2  1 Y 1 A CYS 64 ? A CYS 4  
3  1 Y 1 A MET 65 ? A MET 5  
4  1 Y 1 A SER 66 ? A SER 6  
5  1 Y 1 A ILE 67 ? A ILE 7  
6  1 Y 1 A THR 68 ? A THR 8  
7  1 Y 1 A ILE 69 ? A ILE 9  
8  1 Y 1 A ASN 70 ? A ASN 10 
9  1 Y 1 A PRO 71 ? A PRO 11 
10 1 Y 1 A SER 72 ? A SER 12 
11 1 Y 1 A ARG 73 ? A ARG 13 
12 1 Y 1 A PRO 74 ? A PRO 14 
13 1 Y 1 A SER 75 ? A SER 15 
14 1 Y 1 A VAL 76 ? A VAL 16 
15 1 Y 1 A ASN 77 ? A ASN 17 
# 
loop_
_chem_comp_atom.comp_id 
_chem_comp_atom.atom_id 
_chem_comp_atom.type_symbol 
_chem_comp_atom.pdbx_aromatic_flag 
_chem_comp_atom.pdbx_stereo_config 
_chem_comp_atom.pdbx_ordinal 
ALA N    N N N 1   
ALA CA   C N S 2   
ALA C    C N N 3   
ALA O    O N N 4   
ALA CB   C N N 5   
ALA OXT  O N N 6   
ALA H    H N N 7   
ALA H2   H N N 8   
ALA HA   H N N 9   
ALA HB1  H N N 10  
ALA HB2  H N N 11  
ALA HB3  H N N 12  
ALA HXT  H N N 13  
ARG N    N N N 14  
ARG CA   C N S 15  
ARG C    C N N 16  
ARG O    O N N 17  
ARG CB   C N N 18  
ARG CG   C N N 19  
ARG CD   C N N 20  
ARG NE   N N N 21  
ARG CZ   C N N 22  
ARG NH1  N N N 23  
ARG NH2  N N N 24  
ARG OXT  O N N 25  
ARG H    H N N 26  
ARG H2   H N N 27  
ARG HA   H N N 28  
ARG HB2  H N N 29  
ARG HB3  H N N 30  
ARG HG2  H N N 31  
ARG HG3  H N N 32  
ARG HD2  H N N 33  
ARG HD3  H N N 34  
ARG HE   H N N 35  
ARG HH11 H N N 36  
ARG HH12 H N N 37  
ARG HH21 H N N 38  
ARG HH22 H N N 39  
ARG HXT  H N N 40  
ASN N    N N N 41  
ASN CA   C N S 42  
ASN C    C N N 43  
ASN O    O N N 44  
ASN CB   C N N 45  
ASN CG   C N N 46  
ASN OD1  O N N 47  
ASN ND2  N N N 48  
ASN OXT  O N N 49  
ASN H    H N N 50  
ASN H2   H N N 51  
ASN HA   H N N 52  
ASN HB2  H N N 53  
ASN HB3  H N N 54  
ASN HD21 H N N 55  
ASN HD22 H N N 56  
ASN HXT  H N N 57  
ASP N    N N N 58  
ASP CA   C N S 59  
ASP C    C N N 60  
ASP O    O N N 61  
ASP CB   C N N 62  
ASP CG   C N N 63  
ASP OD1  O N N 64  
ASP OD2  O N N 65  
ASP OXT  O N N 66  
ASP H    H N N 67  
ASP H2   H N N 68  
ASP HA   H N N 69  
ASP HB2  H N N 70  
ASP HB3  H N N 71  
ASP HD2  H N N 72  
ASP HXT  H N N 73  
CYS N    N N N 74  
CYS CA   C N R 75  
CYS C    C N N 76  
CYS O    O N N 77  
CYS CB   C N N 78  
CYS SG   S N N 79  
CYS OXT  O N N 80  
CYS H    H N N 81  
CYS H2   H N N 82  
CYS HA   H N N 83  
CYS HB2  H N N 84  
CYS HB3  H N N 85  
CYS HG   H N N 86  
CYS HXT  H N N 87  
GLN N    N N N 88  
GLN CA   C N S 89  
GLN C    C N N 90  
GLN O    O N N 91  
GLN CB   C N N 92  
GLN CG   C N N 93  
GLN CD   C N N 94  
GLN OE1  O N N 95  
GLN NE2  N N N 96  
GLN OXT  O N N 97  
GLN H    H N N 98  
GLN H2   H N N 99  
GLN HA   H N N 100 
GLN HB2  H N N 101 
GLN HB3  H N N 102 
GLN HG2  H N N 103 
GLN HG3  H N N 104 
GLN HE21 H N N 105 
GLN HE22 H N N 106 
GLN HXT  H N N 107 
GLU N    N N N 108 
GLU CA   C N S 109 
GLU C    C N N 110 
GLU O    O N N 111 
GLU CB   C N N 112 
GLU CG   C N N 113 
GLU CD   C N N 114 
GLU OE1  O N N 115 
GLU OE2  O N N 116 
GLU OXT  O N N 117 
GLU H    H N N 118 
GLU H2   H N N 119 
GLU HA   H N N 120 
GLU HB2  H N N 121 
GLU HB3  H N N 122 
GLU HG2  H N N 123 
GLU HG3  H N N 124 
GLU HE2  H N N 125 
GLU HXT  H N N 126 
GLY N    N N N 127 
GLY CA   C N N 128 
GLY C    C N N 129 
GLY O    O N N 130 
GLY OXT  O N N 131 
GLY H    H N N 132 
GLY H2   H N N 133 
GLY HA2  H N N 134 
GLY HA3  H N N 135 
GLY HXT  H N N 136 
HOH O    O N N 137 
HOH H1   H N N 138 
HOH H2   H N N 139 
ILE N    N N N 140 
ILE CA   C N S 141 
ILE C    C N N 142 
ILE O    O N N 143 
ILE CB   C N S 144 
ILE CG1  C N N 145 
ILE CG2  C N N 146 
ILE CD1  C N N 147 
ILE OXT  O N N 148 
ILE H    H N N 149 
ILE H2   H N N 150 
ILE HA   H N N 151 
ILE HB   H N N 152 
ILE HG12 H N N 153 
ILE HG13 H N N 154 
ILE HG21 H N N 155 
ILE HG22 H N N 156 
ILE HG23 H N N 157 
ILE HD11 H N N 158 
ILE HD12 H N N 159 
ILE HD13 H N N 160 
ILE HXT  H N N 161 
LEU N    N N N 162 
LEU CA   C N S 163 
LEU C    C N N 164 
LEU O    O N N 165 
LEU CB   C N N 166 
LEU CG   C N N 167 
LEU CD1  C N N 168 
LEU CD2  C N N 169 
LEU OXT  O N N 170 
LEU H    H N N 171 
LEU H2   H N N 172 
LEU HA   H N N 173 
LEU HB2  H N N 174 
LEU HB3  H N N 175 
LEU HG   H N N 176 
LEU HD11 H N N 177 
LEU HD12 H N N 178 
LEU HD13 H N N 179 
LEU HD21 H N N 180 
LEU HD22 H N N 181 
LEU HD23 H N N 182 
LEU HXT  H N N 183 
MET N    N N N 184 
MET CA   C N S 185 
MET C    C N N 186 
MET O    O N N 187 
MET CB   C N N 188 
MET CG   C N N 189 
MET SD   S N N 190 
MET CE   C N N 191 
MET OXT  O N N 192 
MET H    H N N 193 
MET H2   H N N 194 
MET HA   H N N 195 
MET HB2  H N N 196 
MET HB3  H N N 197 
MET HG2  H N N 198 
MET HG3  H N N 199 
MET HE1  H N N 200 
MET HE2  H N N 201 
MET HE3  H N N 202 
MET HXT  H N N 203 
PCA N    N N N 204 
PCA CA   C N S 205 
PCA CB   C N N 206 
PCA CG   C N N 207 
PCA CD   C N N 208 
PCA OE   O N N 209 
PCA C    C N N 210 
PCA O    O N N 211 
PCA OXT  O N N 212 
PCA H    H N N 213 
PCA HA   H N N 214 
PCA HB2  H N N 215 
PCA HB3  H N N 216 
PCA HG2  H N N 217 
PCA HG3  H N N 218 
PCA HXT  H N N 219 
PHE N    N N N 220 
PHE CA   C N S 221 
PHE C    C N N 222 
PHE O    O N N 223 
PHE CB   C N N 224 
PHE CG   C Y N 225 
PHE CD1  C Y N 226 
PHE CD2  C Y N 227 
PHE CE1  C Y N 228 
PHE CE2  C Y N 229 
PHE CZ   C Y N 230 
PHE OXT  O N N 231 
PHE H    H N N 232 
PHE H2   H N N 233 
PHE HA   H N N 234 
PHE HB2  H N N 235 
PHE HB3  H N N 236 
PHE HD1  H N N 237 
PHE HD2  H N N 238 
PHE HE1  H N N 239 
PHE HE2  H N N 240 
PHE HZ   H N N 241 
PHE HXT  H N N 242 
PRO N    N N N 243 
PRO CA   C N S 244 
PRO C    C N N 245 
PRO O    O N N 246 
PRO CB   C N N 247 
PRO CG   C N N 248 
PRO CD   C N N 249 
PRO OXT  O N N 250 
PRO H    H N N 251 
PRO HA   H N N 252 
PRO HB2  H N N 253 
PRO HB3  H N N 254 
PRO HG2  H N N 255 
PRO HG3  H N N 256 
PRO HD2  H N N 257 
PRO HD3  H N N 258 
PRO HXT  H N N 259 
SER N    N N N 260 
SER CA   C N S 261 
SER C    C N N 262 
SER O    O N N 263 
SER CB   C N N 264 
SER OG   O N N 265 
SER OXT  O N N 266 
SER H    H N N 267 
SER H2   H N N 268 
SER HA   H N N 269 
SER HB2  H N N 270 
SER HB3  H N N 271 
SER HG   H N N 272 
SER HXT  H N N 273 
SO4 S    S N N 274 
SO4 O1   O N N 275 
SO4 O2   O N N 276 
SO4 O3   O N N 277 
SO4 O4   O N N 278 
THR N    N N N 279 
THR CA   C N S 280 
THR C    C N N 281 
THR O    O N N 282 
THR CB   C N R 283 
THR OG1  O N N 284 
THR CG2  C N N 285 
THR OXT  O N N 286 
THR H    H N N 287 
THR H2   H N N 288 
THR HA   H N N 289 
THR HB   H N N 290 
THR HG1  H N N 291 
THR HG21 H N N 292 
THR HG22 H N N 293 
THR HG23 H N N 294 
THR HXT  H N N 295 
TRP N    N N N 296 
TRP CA   C N S 297 
TRP C    C N N 298 
TRP O    O N N 299 
TRP CB   C N N 300 
TRP CG   C Y N 301 
TRP CD1  C Y N 302 
TRP CD2  C Y N 303 
TRP NE1  N Y N 304 
TRP CE2  C Y N 305 
TRP CE3  C Y N 306 
TRP CZ2  C Y N 307 
TRP CZ3  C Y N 308 
TRP CH2  C Y N 309 
TRP OXT  O N N 310 
TRP H    H N N 311 
TRP H2   H N N 312 
TRP HA   H N N 313 
TRP HB2  H N N 314 
TRP HB3  H N N 315 
TRP HD1  H N N 316 
TRP HE1  H N N 317 
TRP HE3  H N N 318 
TRP HZ2  H N N 319 
TRP HZ3  H N N 320 
TRP HH2  H N N 321 
TRP HXT  H N N 322 
TYR N    N N N 323 
TYR CA   C N S 324 
TYR C    C N N 325 
TYR O    O N N 326 
TYR CB   C N N 327 
TYR CG   C Y N 328 
TYR CD1  C Y N 329 
TYR CD2  C Y N 330 
TYR CE1  C Y N 331 
TYR CE2  C Y N 332 
TYR CZ   C Y N 333 
TYR OH   O N N 334 
TYR OXT  O N N 335 
TYR H    H N N 336 
TYR H2   H N N 337 
TYR HA   H N N 338 
TYR HB2  H N N 339 
TYR HB3  H N N 340 
TYR HD1  H N N 341 
TYR HD2  H N N 342 
TYR HE1  H N N 343 
TYR HE2  H N N 344 
TYR HH   H N N 345 
TYR HXT  H N N 346 
VAL N    N N N 347 
VAL CA   C N S 348 
VAL C    C N N 349 
VAL O    O N N 350 
VAL CB   C N N 351 
VAL CG1  C N N 352 
VAL CG2  C N N 353 
VAL OXT  O N N 354 
VAL H    H N N 355 
VAL H2   H N N 356 
VAL HA   H N N 357 
VAL HB   H N N 358 
VAL HG11 H N N 359 
VAL HG12 H N N 360 
VAL HG13 H N N 361 
VAL HG21 H N N 362 
VAL HG22 H N N 363 
VAL HG23 H N N 364 
VAL HXT  H N N 365 
# 
loop_
_chem_comp_bond.comp_id 
_chem_comp_bond.atom_id_1 
_chem_comp_bond.atom_id_2 
_chem_comp_bond.value_order 
_chem_comp_bond.pdbx_aromatic_flag 
_chem_comp_bond.pdbx_stereo_config 
_chem_comp_bond.pdbx_ordinal 
ALA N   CA   sing N N 1   
ALA N   H    sing N N 2   
ALA N   H2   sing N N 3   
ALA CA  C    sing N N 4   
ALA CA  CB   sing N N 5   
ALA CA  HA   sing N N 6   
ALA C   O    doub N N 7   
ALA C   OXT  sing N N 8   
ALA CB  HB1  sing N N 9   
ALA CB  HB2  sing N N 10  
ALA CB  HB3  sing N N 11  
ALA OXT HXT  sing N N 12  
ARG N   CA   sing N N 13  
ARG N   H    sing N N 14  
ARG N   H2   sing N N 15  
ARG CA  C    sing N N 16  
ARG CA  CB   sing N N 17  
ARG CA  HA   sing N N 18  
ARG C   O    doub N N 19  
ARG C   OXT  sing N N 20  
ARG CB  CG   sing N N 21  
ARG CB  HB2  sing N N 22  
ARG CB  HB3  sing N N 23  
ARG CG  CD   sing N N 24  
ARG CG  HG2  sing N N 25  
ARG CG  HG3  sing N N 26  
ARG CD  NE   sing N N 27  
ARG CD  HD2  sing N N 28  
ARG CD  HD3  sing N N 29  
ARG NE  CZ   sing N N 30  
ARG NE  HE   sing N N 31  
ARG CZ  NH1  sing N N 32  
ARG CZ  NH2  doub N N 33  
ARG NH1 HH11 sing N N 34  
ARG NH1 HH12 sing N N 35  
ARG NH2 HH21 sing N N 36  
ARG NH2 HH22 sing N N 37  
ARG OXT HXT  sing N N 38  
ASN N   CA   sing N N 39  
ASN N   H    sing N N 40  
ASN N   H2   sing N N 41  
ASN CA  C    sing N N 42  
ASN CA  CB   sing N N 43  
ASN CA  HA   sing N N 44  
ASN C   O    doub N N 45  
ASN C   OXT  sing N N 46  
ASN CB  CG   sing N N 47  
ASN CB  HB2  sing N N 48  
ASN CB  HB3  sing N N 49  
ASN CG  OD1  doub N N 50  
ASN CG  ND2  sing N N 51  
ASN ND2 HD21 sing N N 52  
ASN ND2 HD22 sing N N 53  
ASN OXT HXT  sing N N 54  
ASP N   CA   sing N N 55  
ASP N   H    sing N N 56  
ASP N   H2   sing N N 57  
ASP CA  C    sing N N 58  
ASP CA  CB   sing N N 59  
ASP CA  HA   sing N N 60  
ASP C   O    doub N N 61  
ASP C   OXT  sing N N 62  
ASP CB  CG   sing N N 63  
ASP CB  HB2  sing N N 64  
ASP CB  HB3  sing N N 65  
ASP CG  OD1  doub N N 66  
ASP CG  OD2  sing N N 67  
ASP OD2 HD2  sing N N 68  
ASP OXT HXT  sing N N 69  
CYS N   CA   sing N N 70  
CYS N   H    sing N N 71  
CYS N   H2   sing N N 72  
CYS CA  C    sing N N 73  
CYS CA  CB   sing N N 74  
CYS CA  HA   sing N N 75  
CYS C   O    doub N N 76  
CYS C   OXT  sing N N 77  
CYS CB  SG   sing N N 78  
CYS CB  HB2  sing N N 79  
CYS CB  HB3  sing N N 80  
CYS SG  HG   sing N N 81  
CYS OXT HXT  sing N N 82  
GLN N   CA   sing N N 83  
GLN N   H    sing N N 84  
GLN N   H2   sing N N 85  
GLN CA  C    sing N N 86  
GLN CA  CB   sing N N 87  
GLN CA  HA   sing N N 88  
GLN C   O    doub N N 89  
GLN C   OXT  sing N N 90  
GLN CB  CG   sing N N 91  
GLN CB  HB2  sing N N 92  
GLN CB  HB3  sing N N 93  
GLN CG  CD   sing N N 94  
GLN CG  HG2  sing N N 95  
GLN CG  HG3  sing N N 96  
GLN CD  OE1  doub N N 97  
GLN CD  NE2  sing N N 98  
GLN NE2 HE21 sing N N 99  
GLN NE2 HE22 sing N N 100 
GLN OXT HXT  sing N N 101 
GLU N   CA   sing N N 102 
GLU N   H    sing N N 103 
GLU N   H2   sing N N 104 
GLU CA  C    sing N N 105 
GLU CA  CB   sing N N 106 
GLU CA  HA   sing N N 107 
GLU C   O    doub N N 108 
GLU C   OXT  sing N N 109 
GLU CB  CG   sing N N 110 
GLU CB  HB2  sing N N 111 
GLU CB  HB3  sing N N 112 
GLU CG  CD   sing N N 113 
GLU CG  HG2  sing N N 114 
GLU CG  HG3  sing N N 115 
GLU CD  OE1  doub N N 116 
GLU CD  OE2  sing N N 117 
GLU OE2 HE2  sing N N 118 
GLU OXT HXT  sing N N 119 
GLY N   CA   sing N N 120 
GLY N   H    sing N N 121 
GLY N   H2   sing N N 122 
GLY CA  C    sing N N 123 
GLY CA  HA2  sing N N 124 
GLY CA  HA3  sing N N 125 
GLY C   O    doub N N 126 
GLY C   OXT  sing N N 127 
GLY OXT HXT  sing N N 128 
HOH O   H1   sing N N 129 
HOH O   H2   sing N N 130 
ILE N   CA   sing N N 131 
ILE N   H    sing N N 132 
ILE N   H2   sing N N 133 
ILE CA  C    sing N N 134 
ILE CA  CB   sing N N 135 
ILE CA  HA   sing N N 136 
ILE C   O    doub N N 137 
ILE C   OXT  sing N N 138 
ILE CB  CG1  sing N N 139 
ILE CB  CG2  sing N N 140 
ILE CB  HB   sing N N 141 
ILE CG1 CD1  sing N N 142 
ILE CG1 HG12 sing N N 143 
ILE CG1 HG13 sing N N 144 
ILE CG2 HG21 sing N N 145 
ILE CG2 HG22 sing N N 146 
ILE CG2 HG23 sing N N 147 
ILE CD1 HD11 sing N N 148 
ILE CD1 HD12 sing N N 149 
ILE CD1 HD13 sing N N 150 
ILE OXT HXT  sing N N 151 
LEU N   CA   sing N N 152 
LEU N   H    sing N N 153 
LEU N   H2   sing N N 154 
LEU CA  C    sing N N 155 
LEU CA  CB   sing N N 156 
LEU CA  HA   sing N N 157 
LEU C   O    doub N N 158 
LEU C   OXT  sing N N 159 
LEU CB  CG   sing N N 160 
LEU CB  HB2  sing N N 161 
LEU CB  HB3  sing N N 162 
LEU CG  CD1  sing N N 163 
LEU CG  CD2  sing N N 164 
LEU CG  HG   sing N N 165 
LEU CD1 HD11 sing N N 166 
LEU CD1 HD12 sing N N 167 
LEU CD1 HD13 sing N N 168 
LEU CD2 HD21 sing N N 169 
LEU CD2 HD22 sing N N 170 
LEU CD2 HD23 sing N N 171 
LEU OXT HXT  sing N N 172 
MET N   CA   sing N N 173 
MET N   H    sing N N 174 
MET N   H2   sing N N 175 
MET CA  C    sing N N 176 
MET CA  CB   sing N N 177 
MET CA  HA   sing N N 178 
MET C   O    doub N N 179 
MET C   OXT  sing N N 180 
MET CB  CG   sing N N 181 
MET CB  HB2  sing N N 182 
MET CB  HB3  sing N N 183 
MET CG  SD   sing N N 184 
MET CG  HG2  sing N N 185 
MET CG  HG3  sing N N 186 
MET SD  CE   sing N N 187 
MET CE  HE1  sing N N 188 
MET CE  HE2  sing N N 189 
MET CE  HE3  sing N N 190 
MET OXT HXT  sing N N 191 
PCA N   CA   sing N N 192 
PCA N   CD   sing N N 193 
PCA N   H    sing N N 194 
PCA CA  CB   sing N N 195 
PCA CA  C    sing N N 196 
PCA CA  HA   sing N N 197 
PCA CB  CG   sing N N 198 
PCA CB  HB2  sing N N 199 
PCA CB  HB3  sing N N 200 
PCA CG  CD   sing N N 201 
PCA CG  HG2  sing N N 202 
PCA CG  HG3  sing N N 203 
PCA CD  OE   doub N N 204 
PCA C   O    doub N N 205 
PCA C   OXT  sing N N 206 
PCA OXT HXT  sing N N 207 
PHE N   CA   sing N N 208 
PHE N   H    sing N N 209 
PHE N   H2   sing N N 210 
PHE CA  C    sing N N 211 
PHE CA  CB   sing N N 212 
PHE CA  HA   sing N N 213 
PHE C   O    doub N N 214 
PHE C   OXT  sing N N 215 
PHE CB  CG   sing N N 216 
PHE CB  HB2  sing N N 217 
PHE CB  HB3  sing N N 218 
PHE CG  CD1  doub Y N 219 
PHE CG  CD2  sing Y N 220 
PHE CD1 CE1  sing Y N 221 
PHE CD1 HD1  sing N N 222 
PHE CD2 CE2  doub Y N 223 
PHE CD2 HD2  sing N N 224 
PHE CE1 CZ   doub Y N 225 
PHE CE1 HE1  sing N N 226 
PHE CE2 CZ   sing Y N 227 
PHE CE2 HE2  sing N N 228 
PHE CZ  HZ   sing N N 229 
PHE OXT HXT  sing N N 230 
PRO N   CA   sing N N 231 
PRO N   CD   sing N N 232 
PRO N   H    sing N N 233 
PRO CA  C    sing N N 234 
PRO CA  CB   sing N N 235 
PRO CA  HA   sing N N 236 
PRO C   O    doub N N 237 
PRO C   OXT  sing N N 238 
PRO CB  CG   sing N N 239 
PRO CB  HB2  sing N N 240 
PRO CB  HB3  sing N N 241 
PRO CG  CD   sing N N 242 
PRO CG  HG2  sing N N 243 
PRO CG  HG3  sing N N 244 
PRO CD  HD2  sing N N 245 
PRO CD  HD3  sing N N 246 
PRO OXT HXT  sing N N 247 
SER N   CA   sing N N 248 
SER N   H    sing N N 249 
SER N   H2   sing N N 250 
SER CA  C    sing N N 251 
SER CA  CB   sing N N 252 
SER CA  HA   sing N N 253 
SER C   O    doub N N 254 
SER C   OXT  sing N N 255 
SER CB  OG   sing N N 256 
SER CB  HB2  sing N N 257 
SER CB  HB3  sing N N 258 
SER OG  HG   sing N N 259 
SER OXT HXT  sing N N 260 
SO4 S   O1   doub N N 261 
SO4 S   O2   doub N N 262 
SO4 S   O3   sing N N 263 
SO4 S   O4   sing N N 264 
THR N   CA   sing N N 265 
THR N   H    sing N N 266 
THR N   H2   sing N N 267 
THR CA  C    sing N N 268 
THR CA  CB   sing N N 269 
THR CA  HA   sing N N 270 
THR C   O    doub N N 271 
THR C   OXT  sing N N 272 
THR CB  OG1  sing N N 273 
THR CB  CG2  sing N N 274 
THR CB  HB   sing N N 275 
THR OG1 HG1  sing N N 276 
THR CG2 HG21 sing N N 277 
THR CG2 HG22 sing N N 278 
THR CG2 HG23 sing N N 279 
THR OXT HXT  sing N N 280 
TRP N   CA   sing N N 281 
TRP N   H    sing N N 282 
TRP N   H2   sing N N 283 
TRP CA  C    sing N N 284 
TRP CA  CB   sing N N 285 
TRP CA  HA   sing N N 286 
TRP C   O    doub N N 287 
TRP C   OXT  sing N N 288 
TRP CB  CG   sing N N 289 
TRP CB  HB2  sing N N 290 
TRP CB  HB3  sing N N 291 
TRP CG  CD1  doub Y N 292 
TRP CG  CD2  sing Y N 293 
TRP CD1 NE1  sing Y N 294 
TRP CD1 HD1  sing N N 295 
TRP CD2 CE2  doub Y N 296 
TRP CD2 CE3  sing Y N 297 
TRP NE1 CE2  sing Y N 298 
TRP NE1 HE1  sing N N 299 
TRP CE2 CZ2  sing Y N 300 
TRP CE3 CZ3  doub Y N 301 
TRP CE3 HE3  sing N N 302 
TRP CZ2 CH2  doub Y N 303 
TRP CZ2 HZ2  sing N N 304 
TRP CZ3 CH2  sing Y N 305 
TRP CZ3 HZ3  sing N N 306 
TRP CH2 HH2  sing N N 307 
TRP OXT HXT  sing N N 308 
TYR N   CA   sing N N 309 
TYR N   H    sing N N 310 
TYR N   H2   sing N N 311 
TYR CA  C    sing N N 312 
TYR CA  CB   sing N N 313 
TYR CA  HA   sing N N 314 
TYR C   O    doub N N 315 
TYR C   OXT  sing N N 316 
TYR CB  CG   sing N N 317 
TYR CB  HB2  sing N N 318 
TYR CB  HB3  sing N N 319 
TYR CG  CD1  doub Y N 320 
TYR CG  CD2  sing Y N 321 
TYR CD1 CE1  sing Y N 322 
TYR CD1 HD1  sing N N 323 
TYR CD2 CE2  doub Y N 324 
TYR CD2 HD2  sing N N 325 
TYR CE1 CZ   doub Y N 326 
TYR CE1 HE1  sing N N 327 
TYR CE2 CZ   sing Y N 328 
TYR CE2 HE2  sing N N 329 
TYR CZ  OH   sing N N 330 
TYR OH  HH   sing N N 331 
TYR OXT HXT  sing N N 332 
VAL N   CA   sing N N 333 
VAL N   H    sing N N 334 
VAL N   H2   sing N N 335 
VAL CA  C    sing N N 336 
VAL CA  CB   sing N N 337 
VAL CA  HA   sing N N 338 
VAL C   O    doub N N 339 
VAL C   OXT  sing N N 340 
VAL CB  CG1  sing N N 341 
VAL CB  CG2  sing N N 342 
VAL CB  HB   sing N N 343 
VAL CG1 HG11 sing N N 344 
VAL CG1 HG12 sing N N 345 
VAL CG1 HG13 sing N N 346 
VAL CG2 HG21 sing N N 347 
VAL CG2 HG22 sing N N 348 
VAL CG2 HG23 sing N N 349 
VAL OXT HXT  sing N N 350 
# 
_atom_sites.entry_id                    1ZLD 
_atom_sites.fract_transf_matrix[1][1]   -0.00444104 
_atom_sites.fract_transf_matrix[1][2]   -0.00978480 
_atom_sites.fract_transf_matrix[1][3]   -0.00693309 
_atom_sites.fract_transf_matrix[2][1]   0.00818274 
_atom_sites.fract_transf_matrix[2][2]   0.00293212 
_atom_sites.fract_transf_matrix[2][3]   -0.00937968 
_atom_sites.fract_transf_matrix[3][1]   0.00876657 
_atom_sites.fract_transf_matrix[3][2]   -0.00769371 
_atom_sites.fract_transf_matrix[3][3]   0.00524279 
_atom_sites.fract_transf_vector[1]      0.203610 
_atom_sites.fract_transf_vector[2]      0.012368 
_atom_sites.fract_transf_vector[3]      0.285497 
# 
loop_
_atom_type.symbol 
C 
N 
O 
S 
# 
loop_
_atom_site.group_PDB 
_atom_site.id 
_atom_site.type_symbol 
_atom_site.label_atom_id 
_atom_site.label_alt_id 
_atom_site.label_comp_id 
_atom_site.label_asym_id 
_atom_site.label_entity_id 
_atom_site.label_seq_id 
_atom_site.pdbx_PDB_ins_code 
_atom_site.Cartn_x 
_atom_site.Cartn_y 
_atom_site.Cartn_z 
_atom_site.occupancy 
_atom_site.B_iso_or_equiv 
_atom_site.pdbx_formal_charge 
_atom_site.auth_seq_id 
_atom_site.auth_comp_id 
_atom_site.auth_asym_id 
_atom_site.auth_atom_id 
_atom_site.pdbx_PDB_model_num 
HETATM 1   N N   . PCA A 1 1   ? 2.261   2.921   11.811  1.00 38.41  ? 61  PCA A N   1 
HETATM 2   C CA  . PCA A 1 1   ? 2.970   3.813   10.871  1.00 38.57  ? 61  PCA A CA  1 
HETATM 3   C CB  . PCA A 1 1   ? 2.052   4.918   10.396  1.00 31.44  ? 61  PCA A CB  1 
HETATM 4   C CG  . PCA A 1 1   ? 0.674   4.672   10.955  1.00 24.36  ? 61  PCA A CG  1 
HETATM 5   C CD  . PCA A 1 1   ? 0.879   3.410   11.754  1.00 43.47  ? 61  PCA A CD  1 
HETATM 6   O OE  . PCA A 1 1   ? -0.071  2.838   12.283  1.00 51.61  ? 61  PCA A OE  1 
HETATM 7   C C   . PCA A 1 1   ? 4.178   4.515   11.484  1.00 63.44  ? 61  PCA A C   1 
HETATM 8   O O   . PCA A 1 1   ? 4.633   4.132   12.560  1.00 53.85  ? 61  PCA A O   1 
ATOM   9   N N   . GLY A 1 2   ? 4.683   5.541   10.794  1.00 68.16  ? 62  GLY A N   1 
ATOM   10  C CA  . GLY A 1 2   ? 5.830   6.321   11.253  1.00 69.52  ? 62  GLY A CA  1 
ATOM   11  C C   . GLY A 1 2   ? 6.980   6.282   10.265  1.00 79.13  ? 62  GLY A C   1 
ATOM   12  O O   . GLY A 1 2   ? 7.633   7.296   10.013  1.00 82.95  ? 62  GLY A O   1 
ATOM   13  N N   . ASN A 1 18  ? -5.722  -11.924 -6.019  1.00 82.46  ? 78  ASN A N   1 
ATOM   14  C CA  . ASN A 1 18  ? -6.866  -11.949 -5.109  1.00 94.11  ? 78  ASN A CA  1 
ATOM   15  C C   . ASN A 1 18  ? -7.775  -10.733 -5.282  1.00 85.00  ? 78  ASN A C   1 
ATOM   16  O O   . ASN A 1 18  ? -7.309  -9.636  -5.620  1.00 51.78  ? 78  ASN A O   1 
ATOM   17  C CB  . ASN A 1 18  ? -6.406  -12.061 -3.649  1.00 96.57  ? 78  ASN A CB  1 
ATOM   18  C CG  . ASN A 1 18  ? -5.668  -13.360 -3.359  1.00 100.17 ? 78  ASN A CG  1 
ATOM   19  O OD1 . ASN A 1 18  ? -6.121  -14.174 -2.553  1.00 106.35 ? 78  ASN A OD1 1 
ATOM   20  N ND2 . ASN A 1 18  ? -4.525  -13.561 -4.012  1.00 89.05  ? 78  ASN A ND2 1 
ATOM   21  N N   . ILE A 1 19  ? -9.072  -10.934 -5.051  1.00 83.76  ? 79  ILE A N   1 
ATOM   22  C CA  . ILE A 1 19  ? -10.046 -9.859  -5.210  1.00 81.03  ? 79  ILE A CA  1 
ATOM   23  C C   . ILE A 1 19  ? -9.780  -8.737  -4.205  1.00 73.92  ? 79  ILE A C   1 
ATOM   24  O O   . ILE A 1 19  ? -9.620  -8.978  -3.006  1.00 73.26  ? 79  ILE A O   1 
ATOM   25  C CB  . ILE A 1 19  ? -11.523 -10.382 -5.167  1.00 87.97  ? 79  ILE A CB  1 
ATOM   26  C CG1 . ILE A 1 19  ? -12.508 -9.290  -5.608  1.00 96.99  ? 79  ILE A CG1 1 
ATOM   27  C CG2 . ILE A 1 19  ? -11.896 -10.941 -3.791  1.00 84.54  ? 79  ILE A CG2 1 
ATOM   28  C CD1 . ILE A 1 19  ? -12.458 -8.956  -7.096  1.00 107.49 ? 79  ILE A CD1 1 
ATOM   29  N N   . GLY A 1 20  ? -9.700  -7.516  -4.719  1.00 40.07  ? 80  GLY A N   1 
ATOM   30  C CA  . GLY A 1 20  ? -9.438  -6.359  -3.895  1.00 28.54  ? 80  GLY A CA  1 
ATOM   31  C C   . GLY A 1 20  ? -7.984  -5.922  -3.855  1.00 22.34  ? 80  GLY A C   1 
ATOM   32  O O   . GLY A 1 20  ? -7.716  -4.783  -3.509  1.00 25.15  ? 80  GLY A O   1 
ATOM   33  N N   . GLN A 1 21  ? -7.035  -6.796  -4.218  1.00 20.62  ? 81  GLN A N   1 
ATOM   34  C CA  . GLN A 1 21  ? -5.619  -6.389  -4.099  1.00 15.46  ? 81  GLN A CA  1 
ATOM   35  C C   . GLN A 1 21  ? -5.174  -5.653  -5.333  1.00 20.75  ? 81  GLN A C   1 
ATOM   36  O O   . GLN A 1 21  ? -5.571  -6.017  -6.452  1.00 22.37  ? 81  GLN A O   1 
ATOM   37  C CB  . GLN A 1 21  ? -4.705  -7.605  -3.892  1.00 21.48  ? 81  GLN A CB  1 
ATOM   38  C CG  . GLN A 1 21  ? -4.903  -8.252  -2.555  1.00 25.59  ? 81  GLN A CG  1 
ATOM   39  C CD  . GLN A 1 21  ? -4.211  -9.586  -2.445  1.00 32.91  ? 81  GLN A CD  1 
ATOM   40  O OE1 . GLN A 1 21  ? -3.693  -10.112 -3.440  1.00 33.66  ? 81  GLN A OE1 1 
ATOM   41  N NE2 . GLN A 1 21  ? -4.226  -10.160 -1.244  1.00 31.02  ? 81  GLN A NE2 1 
ATOM   42  N N   . VAL A 1 22  ? -4.348  -4.625  -5.140  1.00 15.13  ? 82  VAL A N   1 
ATOM   43  C CA  . VAL A 1 22  ? -3.735  -3.903  -6.259  1.00 13.63  ? 82  VAL A CA  1 
ATOM   44  C C   . VAL A 1 22  ? -2.212  -3.871  -6.151  1.00 14.70  ? 82  VAL A C   1 
ATOM   45  O O   . VAL A 1 22  ? -1.673  -3.824  -5.055  1.00 15.68  ? 82  VAL A O   1 
ATOM   46  C CB  . VAL A 1 22  ? -4.271  -2.449  -6.386  1.00 15.10  ? 82  VAL A CB  1 
ATOM   47  C CG1 . VAL A 1 22  ? -5.781  -2.496  -6.547  1.00 18.68  ? 82  VAL A CG1 1 
ATOM   48  C CG2 . VAL A 1 22  ? -3.923  -1.583  -5.178  1.00 12.22  ? 82  VAL A CG2 1 
ATOM   49  N N   . ASP A 1 23  ? -1.542  -3.887  -7.294  1.00 14.23  ? 83  ASP A N   1 
ATOM   50  C CA  . ASP A 1 23  ? -0.082  -3.887  -7.366  1.00 12.98  ? 83  ASP A CA  1 
ATOM   51  C C   . ASP A 1 23  ? 0.404   -2.473  -7.113  1.00 15.40  ? 83  ASP A C   1 
ATOM   52  O O   . ASP A 1 23  ? 0.050   -1.549  -7.851  1.00 14.51  ? 83  ASP A O   1 
ATOM   53  C CB  . ASP A 1 23  ? 0.288   -4.329  -8.779  1.00 15.11  ? 83  ASP A CB  1 
ATOM   54  C CG  . ASP A 1 23  ? 1.764   -4.275  -9.090  1.00 19.42  ? 83  ASP A CG  1 
ATOM   55  O OD1 . ASP A 1 23  ? 2.590   -3.910  -8.235  1.00 18.51  ? 83  ASP A OD1 1 
ATOM   56  O OD2 . ASP A 1 23  ? 2.183   -4.636  -10.229 1.00 21.36  ? 83  ASP A OD2 1 
ATOM   57  N N   . ILE A 1 24  ? 1.227   -2.292  -6.089  1.00 11.77  ? 84  ILE A N   1 
ATOM   58  C CA  . ILE A 1 24  ? 1.754   -0.951  -5.765  1.00 10.55  ? 84  ILE A CA  1 
ATOM   59  C C   . ILE A 1 24  ? 3.258   -0.806  -6.020  1.00 10.95  ? 84  ILE A C   1 
ATOM   60  O O   . ILE A 1 24  ? 3.870   0.155   -5.559  1.00 11.43  ? 84  ILE A O   1 
ATOM   61  C CB  . ILE A 1 24  ? 1.338   -0.552  -4.328  1.00 11.95  ? 84  ILE A CB  1 
ATOM   62  C CG1 . ILE A 1 24  ? 1.856   -1.570  -3.281  1.00 11.53  ? 84  ILE A CG1 1 
ATOM   63  C CG2 . ILE A 1 24  ? -0.200  -0.434  -4.257  1.00 12.13  ? 84  ILE A CG2 1 
ATOM   64  C CD1 . ILE A 1 24  ? 1.776   -1.028  -1.826  1.00 11.84  ? 84  ILE A CD1 1 
ATOM   65  N N   . ASP A 1 25  ? 3.820   -1.738  -6.800  1.00 11.71  ? 85  ASP A N   1 
ATOM   66  C CA  . ASP A 1 25  ? 5.256   -1.707  -7.108  1.00 14.48  ? 85  ASP A CA  1 
ATOM   67  C C   . ASP A 1 25  ? 5.654   -0.415  -7.830  1.00 14.21  ? 85  ASP A C   1 
ATOM   68  O O   . ASP A 1 25  ? 6.793   0.017   -7.683  1.00 14.87  ? 85  ASP A O   1 
ATOM   69  C CB  . ASP A 1 25  ? 5.698   -2.898  -7.970  1.00 14.26  ? 85  ASP A CB  1 
ATOM   70  C CG  . ASP A 1 25  ? 5.941   -4.147  -7.173  1.00 17.11  ? 85  ASP A CG  1 
ATOM   71  O OD1 . ASP A 1 25  ? 5.931   -4.084  -5.916  1.00 17.07  ? 85  ASP A OD1 1 
ATOM   72  O OD2 . ASP A 1 25  ? 6.163   -5.236  -7.750  1.00 21.10  ? 85  ASP A OD2 1 
ATOM   73  N N   . SER A 1 26  ? 4.738   0.216   -8.582  1.00 11.72  ? 86  SER A N   1 
ATOM   74  C CA  . SER A 1 26  ? 5.160   1.430   -9.293  1.00 12.44  ? 86  SER A CA  1 
ATOM   75  C C   . SER A 1 26  ? 5.690   2.508   -8.346  1.00 11.96  ? 86  SER A C   1 
ATOM   76  O O   . SER A 1 26  ? 6.540   3.312   -8.767  1.00 17.02  ? 86  SER A O   1 
ATOM   77  C CB  A SER A 1 26  ? 3.978   2.034   -10.070 0.70 11.24  ? 86  SER A CB  1 
ATOM   78  C CB  B SER A 1 26  ? 4.049   2.010   -10.175 0.30 24.45  ? 86  SER A CB  1 
ATOM   79  O OG  A SER A 1 26  ? 2.940   2.459   -9.205  0.70 15.21  ? 86  SER A OG  1 
ATOM   80  O OG  B SER A 1 26  ? 4.560   3.057   -10.994 0.30 16.13  ? 86  SER A OG  1 
ATOM   81  N N   . VAL A 1 27  ? 5.148   2.553   -7.135  1.00 11.05  ? 87  VAL A N   1 
ATOM   82  C CA  . VAL A 1 27  ? 5.597   3.540   -6.135  1.00 11.21  ? 87  VAL A CA  1 
ATOM   83  C C   . VAL A 1 27  ? 6.617   2.928   -5.187  1.00 12.14  ? 87  VAL A C   1 
ATOM   84  O O   . VAL A 1 27  ? 7.657   3.525   -4.942  1.00 13.71  ? 87  VAL A O   1 
ATOM   85  C CB  . VAL A 1 27  ? 4.424   4.124   -5.389  1.00 10.73  ? 87  VAL A CB  1 
ATOM   86  C CG1 . VAL A 1 27  ? 4.881   5.086   -4.326  1.00 12.00  ? 87  VAL A CG1 1 
ATOM   87  C CG2 . VAL A 1 27  ? 3.515   4.859   -6.391  1.00 11.72  ? 87  VAL A CG2 1 
ATOM   88  N N   . ILE A 1 28  ? 6.331   1.734   -4.656  1.00 12.61  ? 88  ILE A N   1 
ATOM   89  C CA  . ILE A 1 28  ? 7.277   1.156   -3.705  1.00 14.05  ? 88  ILE A CA  1 
ATOM   90  C C   . ILE A 1 28  ? 8.654   0.938   -4.307  1.00 15.57  ? 88  ILE A C   1 
ATOM   91  O O   . ILE A 1 28  ? 9.681   1.229   -3.643  1.00 16.65  ? 88  ILE A O   1 
ATOM   92  C CB  . ILE A 1 28  ? 6.734   -0.179  -3.107  1.00 11.86  ? 88  ILE A CB  1 
ATOM   93  C CG1 . ILE A 1 28  ? 5.329   0.011   -2.503  1.00 12.14  ? 88  ILE A CG1 1 
ATOM   94  C CG2 . ILE A 1 28  ? 7.732   -0.713  -2.061  1.00 17.46  ? 88  ILE A CG2 1 
ATOM   95  C CD1 . ILE A 1 28  ? 5.217   1.116   -1.405  1.00 13.99  ? 88  ILE A CD1 1 
ATOM   96  N N   . LEU A 1 29  ? 8.711   0.451   -5.556  1.00 12.75  ? 89  LEU A N   1 
ATOM   97  C CA  . LEU A 1 29  ? 9.983   0.195   -6.219  1.00 13.51  ? 89  LEU A CA  1 
ATOM   98  C C   . LEU A 1 29  ? 10.473  1.349   -7.122  1.00 13.27  ? 89  LEU A C   1 
ATOM   99  O O   . LEU A 1 29  ? 11.502  1.248   -7.786  1.00 19.43  ? 89  LEU A O   1 
ATOM   100 C CB  . LEU A 1 29  ? 9.889   -1.096  -7.030  1.00 15.03  ? 89  LEU A CB  1 
ATOM   101 C CG  . LEU A 1 29  ? 9.430   -2.308  -6.210  1.00 17.67  ? 89  LEU A CG  1 
ATOM   102 C CD1 . LEU A 1 29  ? 9.378   -3.493  -7.125  1.00 21.53  ? 89  LEU A CD1 1 
ATOM   103 C CD2 . LEU A 1 29  ? 10.327  -2.590  -5.016  1.00 23.34  ? 89  LEU A CD2 1 
ATOM   104 N N   . GLY A 1 30  ? 9.713   2.441   -7.114  1.00 14.98  ? 90  GLY A N   1 
ATOM   105 C CA  . GLY A 1 30  ? 10.078  3.618   -7.902  1.00 14.08  ? 90  GLY A CA  1 
ATOM   106 C C   . GLY A 1 30  ? 11.119  4.455   -7.195  1.00 16.79  ? 90  GLY A C   1 
ATOM   107 O O   . GLY A 1 30  ? 11.348  4.292   -5.983  1.00 17.09  ? 90  GLY A O   1 
ATOM   108 N N   . ARG A 1 31  ? 11.762  5.348   -7.948  1.00 15.58  ? 91  ARG A N   1 
ATOM   109 C CA  . ARG A 1 31  ? 12.648  6.316   -7.337  1.00 16.63  ? 91  ARG A CA  1 
ATOM   110 C C   . ARG A 1 31  ? 11.841  7.284   -6.480  1.00 16.23  ? 91  ARG A C   1 
ATOM   111 O O   . ARG A 1 31  ? 10.627  7.397   -6.664  1.00 14.66  ? 91  ARG A O   1 
ATOM   112 C CB  . ARG A 1 31  ? 13.353  7.113   -8.431  1.00 17.32  ? 91  ARG A CB  1 
ATOM   113 C CG  . ARG A 1 31  ? 14.457  6.367   -9.121  1.00 18.06  ? 91  ARG A CG  1 
ATOM   114 C CD  . ARG A 1 31  ? 14.963  7.102   -10.356 1.00 24.57  ? 91  ARG A CD  1 
ATOM   115 N NE  . ARG A 1 31  ? 13.957  7.060   -11.434 1.00 21.79  ? 91  ARG A NE  1 
ATOM   116 C CZ  . ARG A 1 31  ? 14.190  7.497   -12.685 1.00 22.66  ? 91  ARG A CZ  1 
ATOM   117 N NH1 . ARG A 1 31  ? 15.365  8.024   -13.006 1.00 25.51  ? 91  ARG A NH1 1 
ATOM   118 N NH2 . ARG A 1 31  ? 13.241  7.394   -13.615 1.00 26.97  ? 91  ARG A NH2 1 
ATOM   119 N N   . PRO A 1 32  ? 12.483  7.985   -5.543  1.00 14.72  ? 92  PRO A N   1 
ATOM   120 C CA  . PRO A 1 32  ? 11.795  9.093   -4.878  1.00 14.65  ? 92  PRO A CA  1 
ATOM   121 C C   . PRO A 1 32  ? 11.154  10.002  -5.941  1.00 12.60  ? 92  PRO A C   1 
ATOM   122 O O   . PRO A 1 32  ? 11.738  10.236  -7.009  1.00 13.98  ? 92  PRO A O   1 
ATOM   123 C CB  . PRO A 1 32  ? 12.918  9.810   -4.127  1.00 20.60  ? 92  PRO A CB  1 
ATOM   124 C CG  . PRO A 1 32  ? 13.878  8.662   -3.762  1.00 23.56  ? 92  PRO A CG  1 
ATOM   125 C CD  . PRO A 1 32  ? 13.861  7.790   -5.030  1.00 18.72  ? 92  PRO A CD  1 
ATOM   126 N N   . GLY A 1 33  ? 9.969   10.492  -5.601  1.00 13.59  ? 93  GLY A N   1 
ATOM   127 C CA  . GLY A 1 33  ? 9.192   11.289  -6.518  1.00 13.76  ? 93  GLY A CA  1 
ATOM   128 C C   . GLY A 1 33  ? 8.032   10.489  -7.040  1.00 13.52  ? 93  GLY A C   1 
ATOM   129 O O   . GLY A 1 33  ? 7.002   11.062  -7.393  1.00 12.23  ? 93  GLY A O   1 
ATOM   130 N N   . ALA A 1 34  ? 8.163   9.160   -7.065  1.00 10.63  ? 94  ALA A N   1 
ATOM   131 C CA  . ALA A 1 34  ? 7.123   8.327   -7.682  1.00 12.19  ? 94  ALA A CA  1 
ATOM   132 C C   . ALA A 1 34  ? 5.771   8.542   -6.994  1.00 12.43  ? 94  ALA A C   1 
ATOM   133 O O   . ALA A 1 34  ? 5.688   8.669   -5.778  1.00 11.02  ? 94  ALA A O   1 
ATOM   134 C CB  . ALA A 1 34  ? 7.539   6.843   -7.625  1.00 13.39  ? 94  ALA A CB  1 
ATOM   135 N N   . ILE A 1 35  ? 4.696   8.601   -7.783  1.00 11.79  ? 95  ILE A N   1 
ATOM   136 C CA  . ILE A 1 35  ? 3.360   8.858   -7.211  1.00 10.85  ? 95  ILE A CA  1 
ATOM   137 C C   . ILE A 1 35  ? 2.339   8.024   -7.968  1.00 11.44  ? 95  ILE A C   1 
ATOM   138 O O   . ILE A 1 35  ? 2.505   7.749   -9.172  1.00 12.45  ? 95  ILE A O   1 
ATOM   139 C CB  A ILE A 1 35  ? 3.083   10.375  -7.274  0.70 17.83  ? 95  ILE A CB  1 
ATOM   140 C CB  B ILE A 1 35  ? 2.932   10.358  -7.353  0.30 11.57  ? 95  ILE A CB  1 
ATOM   141 C CG1 A ILE A 1 35  ? 1.821   10.762  -6.500  0.70 14.67  ? 95  ILE A CG1 1 
ATOM   142 C CG1 B ILE A 1 35  ? 3.001   10.844  -8.807  0.30 24.26  ? 95  ILE A CG1 1 
ATOM   143 C CG2 A ILE A 1 35  ? 3.113   10.879  -8.714  0.70 12.37  ? 95  ILE A CG2 1 
ATOM   144 C CG2 B ILE A 1 35  ? 3.760   11.255  -6.482  0.30 10.84  ? 95  ILE A CG2 1 
ATOM   145 C CD1 A ILE A 1 35  ? 1.879   12.225  -6.064  0.70 14.69  ? 95  ILE A CD1 1 
ATOM   146 C CD1 B ILE A 1 35  ? 2.211   12.138  -9.068  0.30 21.43  ? 95  ILE A CD1 1 
ATOM   147 N N   . GLY A 1 36  ? 1.306   7.604   -7.243  1.00 10.08  ? 96  GLY A N   1 
ATOM   148 C CA  . GLY A 1 36  ? 0.182   6.897   -7.863  1.00 12.32  ? 96  GLY A CA  1 
ATOM   149 C C   . GLY A 1 36  ? -1.073  7.179   -7.058  1.00 11.61  ? 96  GLY A C   1 
ATOM   150 O O   . GLY A 1 36  ? -1.013  7.617   -5.907  1.00 11.72  ? 96  GLY A O   1 
ATOM   151 N N   . SER A 1 37  ? -2.232  6.927   -7.656  1.00 10.88  ? 97  SER A N   1 
ATOM   152 C CA  . SER A 1 37  ? -3.481  7.061   -6.904  1.00 9.89   ? 97  SER A CA  1 
ATOM   153 C C   . SER A 1 37  ? -4.500  6.011   -7.366  1.00 11.70  ? 97  SER A C   1 
ATOM   154 O O   . SER A 1 37  ? -4.679  5.805   -8.569  1.00 11.63  ? 97  SER A O   1 
ATOM   155 C CB  . SER A 1 37  ? -4.082  8.444   -7.151  1.00 13.76  ? 97  SER A CB  1 
ATOM   156 O OG  . SER A 1 37  ? -5.153  8.671   -6.244  1.00 15.24  ? 97  SER A OG  1 
ATOM   157 N N   . TRP A 1 38  ? -5.140  5.360   -6.386  1.00 11.81  ? 98  TRP A N   1 
ATOM   158 C CA  . TRP A 1 38  ? -6.068  4.257   -6.643  1.00 11.51  ? 98  TRP A CA  1 
ATOM   159 C C   . TRP A 1 38  ? -7.421  4.591   -6.003  1.00 13.07  ? 98  TRP A C   1 
ATOM   160 O O   . TRP A 1 38  ? -7.454  5.095   -4.878  1.00 14.33  ? 98  TRP A O   1 
ATOM   161 C CB  . TRP A 1 38  ? -5.542  2.997   -5.945  1.00 13.26  ? 98  TRP A CB  1 
ATOM   162 C CG  . TRP A 1 38  ? -4.330  2.349   -6.585  1.00 12.89  ? 98  TRP A CG  1 
ATOM   163 C CD1 . TRP A 1 38  ? -4.334  1.235   -7.362  1.00 14.02  ? 98  TRP A CD1 1 
ATOM   164 C CD2 . TRP A 1 38  ? -2.949  2.751   -6.463  1.00 10.27  ? 98  TRP A CD2 1 
ATOM   165 N NE1 . TRP A 1 38  ? -3.050  0.932   -7.763  1.00 13.37  ? 98  TRP A NE1 1 
ATOM   166 C CE2 . TRP A 1 38  ? -2.179  1.824   -7.202  1.00 12.32  ? 98  TRP A CE2 1 
ATOM   167 C CE3 . TRP A 1 38  ? -2.279  3.781   -5.757  1.00 10.77  ? 98  TRP A CE3 1 
ATOM   168 C CZ2 . TRP A 1 38  ? -0.780  1.921   -7.329  1.00 11.41  ? 98  TRP A CZ2 1 
ATOM   169 C CZ3 . TRP A 1 38  ? -0.883  3.892   -5.887  1.00 11.60  ? 98  TRP A CZ3 1 
ATOM   170 C CH2 . TRP A 1 38  ? -0.146  2.960   -6.657  1.00 10.77  ? 98  TRP A CH2 1 
ATOM   171 N N   . GLU A 1 39  ? -8.510  4.283   -6.704  1.00 13.97  ? 99  GLU A N   1 
ATOM   172 C CA  . GLU A 1 39  ? -9.826  4.257   -6.031  1.00 12.74  ? 99  GLU A CA  1 
ATOM   173 C C   . GLU A 1 39  ? -10.077 2.807   -5.631  1.00 17.35  ? 99  GLU A C   1 
ATOM   174 O O   . GLU A 1 39  ? -10.359 1.954   -6.495  1.00 20.04  ? 99  GLU A O   1 
ATOM   175 C CB  . GLU A 1 39  ? -10.921 4.840   -6.933  1.00 16.77  ? 99  GLU A CB  1 
ATOM   176 C CG  . GLU A 1 39  ? -10.700 6.331   -7.227  1.00 18.23  ? 99  GLU A CG  1 
ATOM   177 C CD  . GLU A 1 39  ? -11.706 6.953   -8.194  1.00 27.67  ? 99  GLU A CD  1 
ATOM   178 O OE1 . GLU A 1 39  ? -12.629 6.258   -8.667  1.00 29.68  ? 99  GLU A OE1 1 
ATOM   179 O OE2 . GLU A 1 39  ? -11.581 8.165   -8.470  1.00 27.24  ? 99  GLU A OE2 1 
ATOM   180 N N   . LEU A 1 40  ? -9.994  2.514   -4.335  1.00 15.79  ? 100 LEU A N   1 
ATOM   181 C CA  . LEU A 1 40  ? -10.136 1.120   -3.902  1.00 15.84  ? 100 LEU A CA  1 
ATOM   182 C C   . LEU A 1 40  ? -11.586 0.704   -3.735  1.00 17.00  ? 100 LEU A C   1 
ATOM   183 O O   . LEU A 1 40  ? -11.916 -0.484  -3.873  1.00 21.17  ? 100 LEU A O   1 
ATOM   184 C CB  . LEU A 1 40  ? -9.343  0.855   -2.616  1.00 15.54  ? 100 LEU A CB  1 
ATOM   185 C CG  . LEU A 1 40  ? -7.819  1.009   -2.767  1.00 14.82  ? 100 LEU A CG  1 
ATOM   186 C CD1 . LEU A 1 40  ? -7.125  0.687   -1.421  1.00 18.48  ? 100 LEU A CD1 1 
ATOM   187 C CD2 . LEU A 1 40  ? -7.247  0.095   -3.876  1.00 15.86  ? 100 LEU A CD2 1 
ATOM   188 N N   . ASN A 1 41  ? -12.460 1.656   -3.420  1.00 18.11  ? 101 ASN A N   1 
ATOM   189 C CA  . ASN A 1 41  ? -13.914 1.420   -3.544  1.00 20.05  ? 101 ASN A CA  1 
ATOM   190 C C   . ASN A 1 41  ? -14.600 2.770   -3.728  1.00 21.77  ? 101 ASN A C   1 
ATOM   191 O O   . ASN A 1 41  ? -13.913 3.779   -3.970  1.00 22.11  ? 101 ASN A O   1 
ATOM   192 C CB  . ASN A 1 41  ? -14.488 0.614   -2.345  1.00 20.80  ? 101 ASN A CB  1 
ATOM   193 C CG  . ASN A 1 41  ? -14.462 1.392   -1.018  1.00 21.56  ? 101 ASN A CG  1 
ATOM   194 O OD1 . ASN A 1 41  ? -14.250 2.609   -1.000  1.00 21.26  ? 101 ASN A OD1 1 
ATOM   195 N ND2 . ASN A 1 41  ? -14.671 0.687   0.088   1.00 19.80  ? 101 ASN A ND2 1 
ATOM   196 N N   . ASN A 1 42  ? -15.928 2.807   -3.632  1.00 22.67  ? 102 ASN A N   1 
ATOM   197 C CA  . ASN A 1 42  ? -16.652 4.058   -3.872  1.00 26.29  ? 102 ASN A CA  1 
ATOM   198 C C   . ASN A 1 42  ? -16.360 5.167   -2.846  1.00 32.83  ? 102 ASN A C   1 
ATOM   199 O O   . ASN A 1 42  ? -16.659 6.334   -3.087  1.00 28.61  ? 102 ASN A O   1 
ATOM   200 C CB  . ASN A 1 42  ? -18.169 3.804   -3.957  1.00 29.03  ? 102 ASN A CB  1 
ATOM   201 C CG  . ASN A 1 42  ? -18.568 3.069   -5.230  1.00 52.41  ? 102 ASN A CG  1 
ATOM   202 O OD1 . ASN A 1 42  ? -17.840 3.077   -6.229  1.00 45.50  ? 102 ASN A OD1 1 
ATOM   203 N ND2 . ASN A 1 42  ? -19.736 2.437   -5.202  1.00 52.82  ? 102 ASN A ND2 1 
ATOM   204 N N   . PHE A 1 43  ? -15.761 4.796   -1.716  1.00 21.65  ? 103 PHE A N   1 
ATOM   205 C CA  . PHE A 1 43  ? -15.592 5.718   -0.598  1.00 21.88  ? 103 PHE A CA  1 
ATOM   206 C C   . PHE A 1 43  ? -14.131 6.112   -0.384  1.00 19.03  ? 103 PHE A C   1 
ATOM   207 O O   . PHE A 1 43  ? -13.863 7.172   0.169   1.00 19.78  ? 103 PHE A O   1 
ATOM   208 C CB  . PHE A 1 43  ? -16.128 5.087   0.699   1.00 18.72  ? 103 PHE A CB  1 
ATOM   209 C CG  . PHE A 1 43  ? -17.594 4.707   0.628   1.00 25.63  ? 103 PHE A CG  1 
ATOM   210 C CD1 . PHE A 1 43  ? -18.574 5.670   0.728   1.00 29.05  ? 103 PHE A CD1 1 
ATOM   211 C CD2 . PHE A 1 43  ? -17.975 3.382   0.449   1.00 31.03  ? 103 PHE A CD2 1 
ATOM   212 C CE1 . PHE A 1 43  ? -19.930 5.327   0.642   1.00 32.69  ? 103 PHE A CE1 1 
ATOM   213 C CE2 . PHE A 1 43  ? -19.329 3.019   0.378   1.00 35.64  ? 103 PHE A CE2 1 
ATOM   214 C CZ  . PHE A 1 43  ? -20.301 3.994   0.474   1.00 39.72  ? 103 PHE A CZ  1 
ATOM   215 N N   . ILE A 1 44  ? -13.190 5.258   -0.802  1.00 15.81  ? 104 ILE A N   1 
ATOM   216 C CA  . ILE A 1 44  ? -11.798 5.396   -0.385  1.00 14.57  ? 104 ILE A CA  1 
ATOM   217 C C   . ILE A 1 44  ? -10.864 5.508   -1.578  1.00 16.83  ? 104 ILE A C   1 
ATOM   218 O O   . ILE A 1 44  ? -10.856 4.653   -2.461  1.00 16.47  ? 104 ILE A O   1 
ATOM   219 C CB  . ILE A 1 44  ? -11.385 4.212   0.518   1.00 14.37  ? 104 ILE A CB  1 
ATOM   220 C CG1 . ILE A 1 44  ? -12.208 4.279   1.817   1.00 15.24  ? 104 ILE A CG1 1 
ATOM   221 C CG2 . ILE A 1 44  ? -9.859  4.226   0.764   1.00 14.38  ? 104 ILE A CG2 1 
ATOM   222 C CD1 . ILE A 1 44  ? -12.014 3.095   2.756   1.00 18.25  ? 104 ILE A CD1 1 
ATOM   223 N N   . THR A 1 45  ? -10.113 6.604   -1.594  1.00 14.11  ? 105 THR A N   1 
ATOM   224 C CA  . THR A 1 45  ? -9.044  6.823   -2.543  1.00 10.46  ? 105 THR A CA  1 
ATOM   225 C C   . THR A 1 45  ? -7.724  6.790   -1.776  1.00 14.04  ? 105 THR A C   1 
ATOM   226 O O   . THR A 1 45  ? -7.609  7.447   -0.724  1.00 15.15  ? 105 THR A O   1 
ATOM   227 C CB  . THR A 1 45  ? -9.226  8.196   -3.148  1.00 14.56  ? 105 THR A CB  1 
ATOM   228 O OG1 . THR A 1 45  ? -10.475 8.249   -3.859  1.00 21.57  ? 105 THR A OG1 1 
ATOM   229 C CG2 . THR A 1 45  ? -8.152  8.434   -4.236  1.00 17.72  ? 105 THR A CG2 1 
ATOM   230 N N   . ILE A 1 46  ? -6.742  6.030   -2.275  1.00 11.07  ? 106 ILE A N   1 
ATOM   231 C CA  . ILE A 1 46  ? -5.413  5.969   -1.654  1.00 12.51  ? 106 ILE A CA  1 
ATOM   232 C C   . ILE A 1 46  ? -4.373  6.470   -2.643  1.00 13.62  ? 106 ILE A C   1 
ATOM   233 O O   . ILE A 1 46  ? -4.234  5.928   -3.734  1.00 12.78  ? 106 ILE A O   1 
ATOM   234 C CB  . ILE A 1 46  ? -5.039  4.545   -1.254  1.00 12.29  ? 106 ILE A CB  1 
ATOM   235 C CG1 . ILE A 1 46  ? -6.068  3.961   -0.267  1.00 14.96  ? 106 ILE A CG1 1 
ATOM   236 C CG2 . ILE A 1 46  ? -3.590  4.502   -0.694  1.00 13.30  ? 106 ILE A CG2 1 
ATOM   237 C CD1 . ILE A 1 46  ? -6.015  4.580   1.123   1.00 16.26  ? 106 ILE A CD1 1 
ATOM   238 N N   . GLY A 1 47  ? -3.663  7.524   -2.258  1.00 11.38  ? 107 GLY A N   1 
ATOM   239 C CA  . GLY A 1 47  ? -2.498  7.959   -3.028  1.00 11.94  ? 107 GLY A CA  1 
ATOM   240 C C   . GLY A 1 47  ? -1.252  7.397   -2.352  1.00 14.64  ? 107 GLY A C   1 
ATOM   241 O O   . GLY A 1 47  ? -1.179  7.313   -1.113  1.00 15.26  ? 107 GLY A O   1 
ATOM   242 N N   . LEU A 1 48  ? -0.272  6.997   -3.153  1.00 11.19  ? 108 LEU A N   1 
ATOM   243 C CA  . LEU A 1 48  ? 1.028   6.621   -2.581  1.00 10.12  ? 108 LEU A CA  1 
ATOM   244 C C   . LEU A 1 48  ? 2.072   7.513   -3.226  1.00 11.81  ? 108 LEU A C   1 
ATOM   245 O O   . LEU A 1 48  ? 2.014   7.767   -4.430  1.00 11.60  ? 108 LEU A O   1 
ATOM   246 C CB  . LEU A 1 48  ? 1.395   5.165   -2.894  1.00 10.43  ? 108 LEU A CB  1 
ATOM   247 C CG  . LEU A 1 48  ? 0.442   4.112   -2.309  1.00 10.94  ? 108 LEU A CG  1 
ATOM   248 C CD1 . LEU A 1 48  ? 0.907   2.723   -2.797  1.00 10.88  ? 108 LEU A CD1 1 
ATOM   249 C CD2 . LEU A 1 48  ? 0.360   4.199   -0.766  1.00 11.57  ? 108 LEU A CD2 1 
ATOM   250 N N   . ASN A 1 49  ? 3.044   7.959   -2.441  1.00 9.70   ? 109 ASN A N   1 
ATOM   251 C CA  . ASN A 1 49  ? 4.077   8.831   -2.997  1.00 10.92  ? 109 ASN A CA  1 
ATOM   252 C C   . ASN A 1 49  ? 5.376   8.491   -2.295  1.00 11.08  ? 109 ASN A C   1 
ATOM   253 O O   . ASN A 1 49  ? 5.455   8.595   -1.078  1.00 11.61  ? 109 ASN A O   1 
ATOM   254 C CB  . ASN A 1 49  ? 3.659   10.293  -2.705  1.00 12.93  ? 109 ASN A CB  1 
ATOM   255 C CG  . ASN A 1 49  ? 4.675   11.354  -3.111  1.00 12.42  ? 109 ASN A CG  1 
ATOM   256 O OD1 . ASN A 1 49  ? 4.606   12.467  -2.562  1.00 13.94  ? 109 ASN A OD1 1 
ATOM   257 N ND2 . ASN A 1 49  ? 5.570   11.076  -4.067  1.00 12.05  ? 109 ASN A ND2 1 
ATOM   258 N N   . ARG A 1 50  ? 6.392   8.093   -3.052  1.00 11.10  ? 110 ARG A N   1 
ATOM   259 C CA  . ARG A 1 50  ? 7.692   7.863   -2.414  1.00 11.31  ? 110 ARG A CA  1 
ATOM   260 C C   . ARG A 1 50  ? 8.317   9.243   -2.216  1.00 13.45  ? 110 ARG A C   1 
ATOM   261 O O   . ARG A 1 50  ? 8.817   9.851   -3.147  1.00 13.94  ? 110 ARG A O   1 
ATOM   262 C CB  . ARG A 1 50  ? 8.569   6.936   -3.240  1.00 12.55  ? 110 ARG A CB  1 
ATOM   263 C CG  . ARG A 1 50  ? 9.929   6.760   -2.557  1.00 15.58  ? 110 ARG A CG  1 
ATOM   264 C CD  . ARG A 1 50  ? 10.840  5.693   -3.172  1.00 16.84  ? 110 ARG A CD  1 
ATOM   265 N NE  . ARG A 1 50  ? 10.400  4.349   -2.786  1.00 16.29  ? 110 ARG A NE  1 
ATOM   266 C CZ  . ARG A 1 50  ? 10.588  3.854   -1.562  1.00 17.65  ? 110 ARG A CZ  1 
ATOM   267 N NH1 . ARG A 1 50  ? 11.183  4.588   -0.616  1.00 17.38  ? 110 ARG A NH1 1 
ATOM   268 N NH2 . ARG A 1 50  ? 10.187  2.623   -1.276  1.00 15.02  ? 110 ARG A NH2 1 
ATOM   269 N N   . VAL A 1 51  ? 8.290   9.739   -0.977  1.00 14.98  ? 111 VAL A N   1 
ATOM   270 C CA  . VAL A 1 51  ? 8.718   11.131  -0.726  1.00 14.07  ? 111 VAL A CA  1 
ATOM   271 C C   . VAL A 1 51  ? 10.220  11.285  -0.578  1.00 18.20  ? 111 VAL A C   1 
ATOM   272 O O   . VAL A 1 51  ? 10.761  12.387  -0.753  1.00 19.57  ? 111 VAL A O   1 
ATOM   273 C CB  . VAL A 1 51  ? 7.999   11.753  0.505   1.00 18.44  ? 111 VAL A CB  1 
ATOM   274 C CG1 . VAL A 1 51  ? 6.508   11.791  0.276   1.00 16.04  ? 111 VAL A CG1 1 
ATOM   275 C CG2 . VAL A 1 51  ? 8.278   10.970  1.775   1.00 17.60  ? 111 VAL A CG2 1 
ATOM   276 N N   . ASN A 1 52  ? 10.891  10.170  -0.240  1.00 16.91  ? 112 ASN A N   1 
ATOM   277 C CA  . ASN A 1 52  ? 12.357  10.140  -0.188  1.00 20.10  ? 112 ASN A CA  1 
ATOM   278 C C   . ASN A 1 52  ? 12.801  8.672   -0.238  1.00 16.99  ? 112 ASN A C   1 
ATOM   279 O O   . ASN A 1 52  ? 11.959  7.770   -0.409  1.00 19.62  ? 112 ASN A O   1 
ATOM   280 C CB  . ASN A 1 52  ? 12.911  10.876  1.052   1.00 23.83  ? 112 ASN A CB  1 
ATOM   281 C CG  . ASN A 1 52  ? 12.457  10.251  2.357   1.00 26.57  ? 112 ASN A CG  1 
ATOM   282 O OD1 . ASN A 1 52  ? 12.472  9.034   2.495   1.00 22.16  ? 112 ASN A OD1 1 
ATOM   283 N ND2 . ASN A 1 52  ? 12.062  11.083  3.327   1.00 25.30  ? 112 ASN A ND2 1 
ATOM   284 N N   . ALA A 1 53  ? 14.108  8.436   -0.117  1.00 22.09  ? 113 ALA A N   1 
ATOM   285 C CA  . ALA A 1 53  ? 14.654  7.093   -0.336  1.00 22.98  ? 113 ALA A CA  1 
ATOM   286 C C   . ALA A 1 53  ? 14.174  6.092   0.703   1.00 29.64  ? 113 ALA A C   1 
ATOM   287 O O   . ALA A 1 53  ? 14.205  4.886   0.464   1.00 24.46  ? 113 ALA A O   1 
ATOM   288 C CB  . ALA A 1 53  ? 16.184  7.137   -0.345  1.00 27.59  ? 113 ALA A CB  1 
ATOM   289 N N   . ASP A 1 54  ? 13.697  6.593   1.842   1.00 22.78  ? 114 ASP A N   1 
ATOM   290 C CA  . ASP A 1 54  ? 13.384  5.702   2.962   1.00 23.97  ? 114 ASP A CA  1 
ATOM   291 C C   . ASP A 1 54  ? 11.903  5.527   3.193   1.00 24.30  ? 114 ASP A C   1 
ATOM   292 O O   . ASP A 1 54  ? 11.503  4.673   3.979   1.00 22.25  ? 114 ASP A O   1 
ATOM   293 C CB  . ASP A 1 54  ? 14.050  6.227   4.253   1.00 24.21  ? 114 ASP A CB  1 
ATOM   294 C CG  . ASP A 1 54  ? 15.550  6.129   4.208   1.00 37.91  ? 114 ASP A CG  1 
ATOM   295 O OD1 . ASP A 1 54  ? 16.074  5.003   4.069   1.00 43.67  ? 114 ASP A OD1 1 
ATOM   296 O OD2 . ASP A 1 54  ? 16.291  7.130   4.298   1.00 44.73  ? 114 ASP A OD2 1 
ATOM   297 N N   . THR A 1 55  ? 11.079  6.324   2.509   1.00 19.06  ? 115 THR A N   1 
ATOM   298 C CA  . THR A 1 55  ? 9.742   6.578   3.008   1.00 15.43  ? 115 THR A CA  1 
ATOM   299 C C   . THR A 1 55  ? 8.711   6.688   1.907   1.00 15.44  ? 115 THR A C   1 
ATOM   300 O O   . THR A 1 55  ? 8.956   7.360   0.905   1.00 18.29  ? 115 THR A O   1 
ATOM   301 C CB  . THR A 1 55  ? 9.765   7.916   3.779   1.00 16.56  ? 115 THR A CB  1 
ATOM   302 O OG1 . THR A 1 55  ? 10.786  7.868   4.782   1.00 25.42  ? 115 THR A OG1 1 
ATOM   303 C CG2 . THR A 1 55  ? 8.454   8.090   4.559   1.00 20.48  ? 115 THR A CG2 1 
ATOM   304 N N   . VAL A 1 56  ? 7.571   6.021   2.102   1.00 13.18  ? 116 VAL A N   1 
ATOM   305 C CA  . VAL A 1 56  ? 6.428   6.189   1.208   1.00 11.57  ? 116 VAL A CA  1 
ATOM   306 C C   . VAL A 1 56  ? 5.285   6.768   2.018   1.00 14.13  ? 116 VAL A C   1 
ATOM   307 O O   . VAL A 1 56  ? 4.905   6.213   3.049   1.00 16.52  ? 116 VAL A O   1 
ATOM   308 C CB  . VAL A 1 56  ? 6.008   4.840   0.587   1.00 13.12  ? 116 VAL A CB  1 
ATOM   309 C CG1 . VAL A 1 56  ? 4.718   4.980   -0.203  1.00 14.26  ? 116 VAL A CG1 1 
ATOM   310 C CG2 . VAL A 1 56  ? 7.136   4.321   -0.310  1.00 15.09  ? 116 VAL A CG2 1 
ATOM   311 N N   . ARG A 1 57  ? 4.747   7.902   1.576   1.00 10.71  ? 117 ARG A N   1 
ATOM   312 C CA  . ARG A 1 57  ? 3.567   8.490   2.202   1.00 12.50  ? 117 ARG A CA  1 
ATOM   313 C C   . ARG A 1 57  ? 2.294   7.897   1.598   1.00 14.49  ? 117 ARG A C   1 
ATOM   314 O O   . ARG A 1 57  ? 2.149   7.785   0.378   1.00 13.02  ? 117 ARG A O   1 
ATOM   315 C CB  A ARG A 1 57  ? 3.532   10.017  2.030   0.70 12.81  ? 117 ARG A CB  1 
ATOM   316 C CB  B ARG A 1 57  ? 3.584   10.015  1.968   0.30 13.80  ? 117 ARG A CB  1 
ATOM   317 C CG  A ARG A 1 57  ? 2.332   10.645  2.761   0.70 14.60  ? 117 ARG A CG  1 
ATOM   318 C CG  B ARG A 1 57  ? 2.682   10.861  2.886   0.30 31.59  ? 117 ARG A CG  1 
ATOM   319 C CD  A ARG A 1 57  ? 2.342   12.169  2.838   0.70 25.21  ? 117 ARG A CD  1 
ATOM   320 C CD  B ARG A 1 57  ? 2.425   12.287  2.355   0.30 18.85  ? 117 ARG A CD  1 
ATOM   321 N NE  A ARG A 1 57  ? 3.508   12.728  3.519   0.70 23.28  ? 117 ARG A NE  1 
ATOM   322 N NE  B ARG A 1 57  ? 1.906   13.216  3.364   0.30 25.46  ? 117 ARG A NE  1 
ATOM   323 C CZ  A ARG A 1 57  ? 3.595   12.974  4.821   0.70 37.43  ? 117 ARG A CZ  1 
ATOM   324 C CZ  B ARG A 1 57  ? 1.091   14.240  3.112   0.30 30.09  ? 117 ARG A CZ  1 
ATOM   325 N NH1 A ARG A 1 57  ? 2.586   12.676  5.645   0.70 30.51  ? 117 ARG A NH1 1 
ATOM   326 N NH1 B ARG A 1 57  ? 0.691   15.024  4.101   0.30 26.94  ? 117 ARG A NH1 1 
ATOM   327 N NH2 A ARG A 1 57  ? 4.712   13.515  5.306   0.70 30.13  ? 117 ARG A NH2 1 
ATOM   328 N NH2 B ARG A 1 57  ? 0.657   14.478  1.881   0.30 30.28  ? 117 ARG A NH2 1 
ATOM   329 N N   . VAL A 1 58  ? 1.358   7.563   2.486   1.00 12.75  ? 118 VAL A N   1 
ATOM   330 C CA  . VAL A 1 58  ? 0.055   7.054   2.104   1.00 11.94  ? 118 VAL A CA  1 
ATOM   331 C C   . VAL A 1 58  ? -0.912  8.197   2.366   1.00 14.03  ? 118 VAL A C   1 
ATOM   332 O O   . VAL A 1 58  ? -1.041  8.643   3.510   1.00 14.66  ? 118 VAL A O   1 
ATOM   333 C CB  . VAL A 1 58  ? -0.334  5.872   3.013   1.00 12.31  ? 118 VAL A CB  1 
ATOM   334 C CG1 . VAL A 1 58  ? -1.684  5.315   2.532   1.00 11.68  ? 118 VAL A CG1 1 
ATOM   335 C CG2 . VAL A 1 58  ? 0.704   4.775   2.924   1.00 13.84  ? 118 VAL A CG2 1 
ATOM   336 N N   . ASN A 1 59  ? -1.632  8.633   1.328   1.00 10.85  ? 119 ASN A N   1 
ATOM   337 C CA  . ASN A 1 59  ? -2.567  9.760   1.442   1.00 12.00  ? 119 ASN A CA  1 
ATOM   338 C C   . ASN A 1 59  ? -3.957  9.172   1.294   1.00 14.65  ? 119 ASN A C   1 
ATOM   339 O O   . ASN A 1 59  ? -4.206  8.430   0.353   1.00 15.47  ? 119 ASN A O   1 
ATOM   340 C CB  . ASN A 1 59  ? -2.286  10.767  0.322   1.00 13.89  ? 119 ASN A CB  1 
ATOM   341 C CG  . ASN A 1 59  ? -0.948  11.465  0.503   1.00 21.67  ? 119 ASN A CG  1 
ATOM   342 O OD1 . ASN A 1 59  ? -0.734  12.104  1.505   1.00 24.08  ? 119 ASN A OD1 1 
ATOM   343 N ND2 . ASN A 1 59  ? -0.044  11.323  -0.471  1.00 27.27  ? 119 ASN A ND2 1 
ATOM   344 N N   . ILE A 1 60  ? -4.843  9.472   2.249   1.00 12.95  ? 120 ILE A N   1 
ATOM   345 C CA  . ILE A 1 60  ? -6.158  8.806   2.307   1.00 14.16  ? 120 ILE A CA  1 
ATOM   346 C C   . ILE A 1 60  ? -7.263  9.829   2.154   1.00 13.70  ? 120 ILE A C   1 
ATOM   347 O O   . ILE A 1 60  ? -7.222  10.889  2.783   1.00 16.36  ? 120 ILE A O   1 
ATOM   348 C CB  . ILE A 1 60  ? -6.327  8.128   3.695   1.00 15.61  ? 120 ILE A CB  1 
ATOM   349 C CG1 . ILE A 1 60  ? -5.077  7.291   4.044   1.00 16.92  ? 120 ILE A CG1 1 
ATOM   350 C CG2 . ILE A 1 60  ? -7.604  7.279   3.713   1.00 17.53  ? 120 ILE A CG2 1 
ATOM   351 C CD1 . ILE A 1 60  ? -4.787  7.289   5.510   1.00 20.94  ? 120 ILE A CD1 1 
ATOM   352 N N   . ARG A 1 61  ? -8.254  9.525   1.310   1.00 12.13  ? 121 ARG A N   1 
ATOM   353 C CA  . ARG A 1 61  ? -9.525  10.241  1.370   1.00 14.42  ? 121 ARG A CA  1 
ATOM   354 C C   . ARG A 1 61  ? -10.592 9.196   1.551   1.00 17.62  ? 121 ARG A C   1 
ATOM   355 O O   . ARG A 1 61  ? -10.714 8.297   0.725   1.00 18.29  ? 121 ARG A O   1 
ATOM   356 C CB  . ARG A 1 61  ? -9.781  11.039  0.080   1.00 17.24  ? 121 ARG A CB  1 
ATOM   357 C CG  . ARG A 1 61  ? -11.063 11.837  0.125   1.00 21.69  ? 121 ARG A CG  1 
ATOM   358 C CD  . ARG A 1 61  ? -11.380 12.470  -1.241  1.00 29.93  ? 121 ARG A CD  1 
ATOM   359 N NE  . ARG A 1 61  ? -12.628 13.232  -1.240  1.00 38.37  ? 121 ARG A NE  1 
ATOM   360 C CZ  . ARG A 1 61  ? -13.695 12.934  -1.977  1.00 51.50  ? 121 ARG A CZ  1 
ATOM   361 N NH1 . ARG A 1 61  ? -13.672 11.878  -2.782  1.00 38.38  ? 121 ARG A NH1 1 
ATOM   362 N NH2 . ARG A 1 61  ? -14.792 13.689  -1.906  1.00 40.58  ? 121 ARG A NH2 1 
ATOM   363 N N   . ASN A 1 62  ? -11.353 9.308   2.635   1.00 16.27  ? 122 ASN A N   1 
ATOM   364 C CA  . ASN A 1 62  ? -12.401 8.354   2.938   1.00 16.27  ? 122 ASN A CA  1 
ATOM   365 C C   . ASN A 1 62  ? -13.672 9.106   3.218   1.00 18.46  ? 122 ASN A C   1 
ATOM   366 O O   . ASN A 1 62  ? -13.766 9.843   4.208   1.00 20.09  ? 122 ASN A O   1 
ATOM   367 C CB  . ASN A 1 62  ? -12.004 7.484   4.152   1.00 14.44  ? 122 ASN A CB  1 
ATOM   368 C CG  . ASN A 1 62  ? -13.051 6.443   4.501   1.00 18.99  ? 122 ASN A CG  1 
ATOM   369 O OD1 . ASN A 1 62  ? -14.061 6.291   3.792   1.00 20.58  ? 122 ASN A OD1 1 
ATOM   370 N ND2 . ASN A 1 62  ? -12.819 5.713   5.603   1.00 16.71  ? 122 ASN A ND2 1 
ATOM   371 N N   . THR A 1 63  ? -14.668 8.948   2.340   1.00 19.77  ? 123 THR A N   1 
ATOM   372 C CA  . THR A 1 63  ? -15.922 9.692   2.528   1.00 18.90  ? 123 THR A CA  1 
ATOM   373 C C   . THR A 1 63  ? -16.976 8.866   3.242   1.00 22.05  ? 123 THR A C   1 
ATOM   374 O O   . THR A 1 63  ? -18.118 9.307   3.400   1.00 30.25  ? 123 THR A O   1 
ATOM   375 C CB  . THR A 1 63  ? -16.478 10.138  1.160   1.00 28.33  ? 123 THR A CB  1 
ATOM   376 O OG1 . THR A 1 63  ? -16.741 8.974   0.364   1.00 27.30  ? 123 THR A OG1 1 
ATOM   377 C CG2 . THR A 1 63  ? -15.429 10.883  0.373   1.00 26.69  ? 123 THR A CG2 1 
ATOM   378 N N   . GLY A 1 64  ? -16.603 7.663   3.673   1.00 23.43  ? 124 GLY A N   1 
ATOM   379 C CA  . GLY A 1 64  ? -17.534 6.723   4.312   1.00 25.36  ? 124 GLY A CA  1 
ATOM   380 C C   . GLY A 1 64  ? -17.069 6.263   5.684   1.00 29.90  ? 124 GLY A C   1 
ATOM   381 O O   . GLY A 1 64  ? -16.320 6.961   6.350   1.00 25.67  ? 124 GLY A O   1 
ATOM   382 N N   . ARG A 1 65  ? -17.514 5.091   6.109   1.00 24.04  ? 125 ARG A N   1 
ATOM   383 C CA  . ARG A 1 65  ? -17.187 4.612   7.456   1.00 23.79  ? 125 ARG A CA  1 
ATOM   384 C C   . ARG A 1 65  ? -15.741 4.126   7.561   1.00 21.38  ? 125 ARG A C   1 
ATOM   385 O O   . ARG A 1 65  ? -15.054 3.918   6.549   1.00 22.37  ? 125 ARG A O   1 
ATOM   386 C CB  . ARG A 1 65  ? -18.187 3.541   7.926   1.00 38.86  ? 125 ARG A CB  1 
ATOM   387 C CG  . ARG A 1 65  ? -18.364 2.340   7.000   1.00 50.21  ? 125 ARG A CG  1 
ATOM   388 C CD  . ARG A 1 65  ? -17.484 1.137   7.315   1.00 75.13  ? 125 ARG A CD  1 
ATOM   389 N NE  . ARG A 1 65  ? -17.477 0.179   6.211   1.00 77.87  ? 125 ARG A NE  1 
ATOM   390 C CZ  . ARG A 1 65  ? -16.509 -0.702  5.960   1.00 70.37  ? 125 ARG A CZ  1 
ATOM   391 N NH1 . ARG A 1 65  ? -15.417 -0.784  6.730   1.00 30.71  ? 125 ARG A NH1 1 
ATOM   392 N NH2 . ARG A 1 65  ? -16.635 -1.505  4.913   1.00 68.93  ? 125 ARG A NH2 1 
ATOM   393 N N   . THR A 1 66  ? -15.282 3.949   8.802   1.00 23.72  ? 126 THR A N   1 
ATOM   394 C CA  . THR A 1 66  ? -13.909 3.500   9.016   1.00 18.07  ? 126 THR A CA  1 
ATOM   395 C C   . THR A 1 66  ? -13.692 2.152   8.329   1.00 17.69  ? 126 THR A C   1 
ATOM   396 O O   . THR A 1 66  ? -14.546 1.255   8.436   1.00 22.06  ? 126 THR A O   1 
ATOM   397 C CB  . THR A 1 66  ? -13.650 3.369   10.526  1.00 20.84  ? 126 THR A CB  1 
ATOM   398 O OG1 . THR A 1 66  ? -13.749 4.663   11.145  1.00 24.41  ? 126 THR A OG1 1 
ATOM   399 C CG2 . THR A 1 66  ? -12.193 2.919   10.814  1.00 19.50  ? 126 THR A CG2 1 
ATOM   400 N N   . ASN A 1 67  ? -12.536 2.014   7.674   1.00 19.25  ? 127 ASN A N   1 
ATOM   401 C CA  . ASN A 1 67  ? -12.134 0.770   7.036   1.00 18.38  ? 127 ASN A CA  1 
ATOM   402 C C   . ASN A 1 67  ? -10.669 0.537   7.424   1.00 16.97  ? 127 ASN A C   1 
ATOM   403 O O   . ASN A 1 67  ? -10.186 1.112   8.416   1.00 17.10  ? 127 ASN A O   1 
ATOM   404 C CB  . ASN A 1 67  ? -12.346 0.865   5.518   1.00 19.39  ? 127 ASN A CB  1 
ATOM   405 C CG  . ASN A 1 67  ? -12.503 -0.506  4.836   1.00 20.15  ? 127 ASN A CG  1 
ATOM   406 O OD1 . ASN A 1 67  ? -11.854 -1.475  5.215   1.00 19.94  ? 127 ASN A OD1 1 
ATOM   407 N ND2 . ASN A 1 67  ? -13.360 -0.566  3.806   1.00 18.60  ? 127 ASN A ND2 1 
ATOM   408 N N   . ARG A 1 68  ? -9.958  -0.317  6.695   1.00 15.38  ? 128 ARG A N   1 
ATOM   409 C CA  . ARG A 1 68  ? -8.577  -0.669  7.061   1.00 15.08  ? 128 ARG A CA  1 
ATOM   410 C C   . ARG A 1 68  ? -7.798  -0.973  5.791   1.00 16.24  ? 128 ARG A C   1 
ATOM   411 O O   . ARG A 1 68  ? -8.338  -1.606  4.876   1.00 15.31  ? 128 ARG A O   1 
ATOM   412 C CB  . ARG A 1 68  ? -8.562  -1.889  7.997   1.00 16.02  ? 128 ARG A CB  1 
ATOM   413 C CG  . ARG A 1 68  ? -7.159  -2.477  8.253   1.00 20.00  ? 128 ARG A CG  1 
ATOM   414 C CD  . ARG A 1 68  ? -7.143  -3.457  9.433   1.00 21.70  ? 128 ARG A CD  1 
ATOM   415 N NE  . ARG A 1 68  ? -7.672  -2.710  10.565  1.00 24.70  ? 128 ARG A NE  1 
ATOM   416 C CZ  . ARG A 1 68  ? -6.942  -1.966  11.392  1.00 30.82  ? 128 ARG A CZ  1 
ATOM   417 N NH1 . ARG A 1 68  ? -5.610  -1.965  11.343  1.00 20.10  ? 128 ARG A NH1 1 
ATOM   418 N NH2 . ARG A 1 68  ? -7.559  -1.247  12.305  1.00 31.83  ? 128 ARG A NH2 1 
ATOM   419 N N   . LEU A 1 69  ? -6.548  -0.516  5.733   1.00 11.64  ? 129 LEU A N   1 
ATOM   420 C CA  . LEU A 1 69  ? -5.673  -0.801  4.606   1.00 11.29  ? 129 LEU A CA  1 
ATOM   421 C C   . LEU A 1 69  ? -4.701  -1.895  5.016   1.00 15.93  ? 129 LEU A C   1 
ATOM   422 O O   . LEU A 1 69  ? -4.100  -1.779  6.089   1.00 15.10  ? 129 LEU A O   1 
ATOM   423 C CB  . LEU A 1 69  ? -4.871  0.440   4.214   1.00 13.10  ? 129 LEU A CB  1 
ATOM   424 C CG  . LEU A 1 69  ? -4.123  0.329   2.869   1.00 13.95  ? 129 LEU A CG  1 
ATOM   425 C CD1 . LEU A 1 69  ? -5.129  0.242   1.725   1.00 12.49  ? 129 LEU A CD1 1 
ATOM   426 C CD2 . LEU A 1 69  ? -3.235  1.546   2.714   1.00 14.71  ? 129 LEU A CD2 1 
ATOM   427 N N   . ILE A 1 70  ? -4.508  -2.905  4.160   1.00 11.72  ? 130 ILE A N   1 
ATOM   428 C CA  . ILE A 1 70  ? -3.597  -4.026  4.520   1.00 10.93  ? 130 ILE A CA  1 
ATOM   429 C C   . ILE A 1 70  ? -2.538  -4.083  3.428   1.00 13.45  ? 130 ILE A C   1 
ATOM   430 O O   . ILE A 1 70  ? -2.877  -4.188  2.229   1.00 13.57  ? 130 ILE A O   1 
ATOM   431 C CB  . ILE A 1 70  ? -4.359  -5.345  4.604   1.00 12.19  ? 130 ILE A CB  1 
ATOM   432 C CG1 . ILE A 1 70  ? -5.470  -5.271  5.664   1.00 12.73  ? 130 ILE A CG1 1 
ATOM   433 C CG2 . ILE A 1 70  ? -3.374  -6.506  4.906   1.00 16.69  ? 130 ILE A CG2 1 
ATOM   434 C CD1 . ILE A 1 70  ? -6.470  -6.428  5.615   1.00 15.72  ? 130 ILE A CD1 1 
ATOM   435 N N   . ILE A 1 71  ? -1.270  -3.983  3.823   1.00 11.59  ? 131 ILE A N   1 
ATOM   436 C CA  . ILE A 1 71  ? -0.155  -3.963  2.854   1.00 11.45  ? 131 ILE A CA  1 
ATOM   437 C C   . ILE A 1 71  ? 0.629   -5.280  2.983   1.00 13.21  ? 131 ILE A C   1 
ATOM   438 O O   . ILE A 1 71  ? 1.031   -5.685  4.098   1.00 14.47  ? 131 ILE A O   1 
ATOM   439 C CB  . ILE A 1 71  ? 0.765   -2.754  3.110   1.00 13.53  ? 131 ILE A CB  1 
ATOM   440 C CG1 . ILE A 1 71  ? -0.063  -1.451  2.916   1.00 16.60  ? 131 ILE A CG1 1 
ATOM   441 C CG2 . ILE A 1 71  ? 1.990   -2.839  2.175   1.00 14.20  ? 131 ILE A CG2 1 
ATOM   442 C CD1 A ILE A 1 71  ? 0.713   -0.155  3.012   0.70 16.24  ? 131 ILE A CD1 1 
ATOM   443 C CD1 B ILE A 1 71  ? -0.103  -0.939  1.568   0.30 12.50  ? 131 ILE A CD1 1 
ATOM   444 N N   . THR A 1 72  ? 0.832   -5.958  1.843   1.00 12.31  ? 132 THR A N   1 
ATOM   445 C CA  . THR A 1 72  ? 1.500   -7.253  1.838   1.00 11.42  ? 132 THR A CA  1 
ATOM   446 C C   . THR A 1 72  ? 2.536   -7.286  0.722   1.00 13.00  ? 132 THR A C   1 
ATOM   447 O O   . THR A 1 72  ? 2.546   -6.421  -0.173  1.00 13.98  ? 132 THR A O   1 
ATOM   448 C CB  . THR A 1 72  ? 0.499   -8.426  1.610   1.00 14.27  ? 132 THR A CB  1 
ATOM   449 O OG1 . THR A 1 72  ? -0.311  -8.117  0.454   1.00 15.06  ? 132 THR A OG1 1 
ATOM   450 C CG2 . THR A 1 72  ? -0.505  -8.546  2.788   1.00 14.75  ? 132 THR A CG2 1 
ATOM   451 N N   . GLN A 1 73  ? 3.405   -8.284  0.794   1.00 14.09  ? 133 GLN A N   1 
ATOM   452 C CA  . GLN A 1 73  ? 4.446   -8.420  -0.226  1.00 17.35  ? 133 GLN A CA  1 
ATOM   453 C C   . GLN A 1 73  ? 4.484   -9.879  -0.625  1.00 22.18  ? 133 GLN A C   1 
ATOM   454 O O   . GLN A 1 73  ? 4.674   -10.758 0.225   1.00 19.67  ? 133 GLN A O   1 
ATOM   455 C CB  . GLN A 1 73  ? 5.788   -7.884  0.326   1.00 18.55  ? 133 GLN A CB  1 
ATOM   456 C CG  . GLN A 1 73  ? 6.962   -7.936  -0.638  1.00 21.39  ? 133 GLN A CG  1 
ATOM   457 C CD  . GLN A 1 73  ? 7.719   -9.258  -0.548  1.00 30.66  ? 133 GLN A CD  1 
ATOM   458 O OE1 . GLN A 1 73  ? 8.152   -9.668  0.545   1.00 27.24  ? 133 GLN A OE1 1 
ATOM   459 N NE2 . GLN A 1 73  ? 7.891   -9.923  -1.690  1.00 28.37  ? 133 GLN A NE2 1 
ATOM   460 N N   . TRP A 1 74  ? 4.302   -10.152 -1.924  1.00 17.30  ? 134 TRP A N   1 
ATOM   461 C CA  . TRP A 1 74  ? 4.061   -11.526 -2.389  1.00 21.21  ? 134 TRP A CA  1 
ATOM   462 C C   . TRP A 1 74  ? 5.236   -12.171 -3.085  1.00 24.45  ? 134 TRP A C   1 
ATOM   463 O O   . TRP A 1 74  ? 6.113   -11.506 -3.630  1.00 26.72  ? 134 TRP A O   1 
ATOM   464 C CB  . TRP A 1 74  ? 2.818   -11.546 -3.291  1.00 26.83  ? 134 TRP A CB  1 
ATOM   465 C CG  . TRP A 1 74  ? 1.570   -11.287 -2.512  1.00 22.22  ? 134 TRP A CG  1 
ATOM   466 C CD1 . TRP A 1 74  ? 1.164   -10.092 -1.966  1.00 21.65  ? 134 TRP A CD1 1 
ATOM   467 C CD2 . TRP A 1 74  ? 0.577   -12.245 -2.151  1.00 21.02  ? 134 TRP A CD2 1 
ATOM   468 N NE1 . TRP A 1 74  ? -0.029  -10.260 -1.301  1.00 23.44  ? 134 TRP A NE1 1 
ATOM   469 C CE2 . TRP A 1 74  ? -0.413  -11.568 -1.393  1.00 23.08  ? 134 TRP A CE2 1 
ATOM   470 C CE3 . TRP A 1 74  ? 0.422   -13.620 -2.371  1.00 24.43  ? 134 TRP A CE3 1 
ATOM   471 C CZ2 . TRP A 1 74  ? -1.541  -12.223 -0.873  1.00 21.91  ? 134 TRP A CZ2 1 
ATOM   472 C CZ3 . TRP A 1 74  ? -0.709  -14.269 -1.856  1.00 31.45  ? 134 TRP A CZ3 1 
ATOM   473 C CH2 . TRP A 1 74  ? -1.675  -13.560 -1.119  1.00 29.91  ? 134 TRP A CH2 1 
ATOM   474 N N   . ASP A 1 75  ? 5.259   -13.491 -3.025  1.00 25.17  ? 135 ASP A N   1 
ATOM   475 C CA  . ASP A 1 75  ? 6.232   -14.264 -3.770  1.00 32.07  ? 135 ASP A CA  1 
ATOM   476 C C   . ASP A 1 75  ? 5.567   -15.525 -4.300  1.00 36.21  ? 135 ASP A C   1 
ATOM   477 O O   . ASP A 1 75  ? 4.636   -16.056 -3.690  1.00 34.25  ? 135 ASP A O   1 
ATOM   478 C CB  . ASP A 1 75  ? 7.452   -14.589 -2.893  1.00 40.29  ? 135 ASP A CB  1 
ATOM   479 C CG  . ASP A 1 75  ? 8.395   -13.394 -2.739  1.00 66.38  ? 135 ASP A CG  1 
ATOM   480 O OD1 . ASP A 1 75  ? 8.979   -12.950 -3.758  1.00 51.26  ? 135 ASP A OD1 1 
ATOM   481 O OD2 . ASP A 1 75  ? 8.612   -12.828 -1.641  1.00 42.61  ? 135 ASP A OD2 1 
ATOM   482 N N   . ASN A 1 76  ? 6.035   -15.996 -5.451  1.00 36.73  ? 136 ASN A N   1 
ATOM   483 C CA  . ASN A 1 76  ? 5.661   -17.327 -5.901  1.00 46.73  ? 136 ASN A CA  1 
ATOM   484 C C   . ASN A 1 76  ? 6.749   -18.311 -5.487  1.00 51.67  ? 136 ASN A C   1 
ATOM   485 O O   . ASN A 1 76  ? 7.939   -18.013 -5.586  1.00 70.02  ? 136 ASN A O   1 
ATOM   486 C CB  . ASN A 1 76  ? 5.417   -17.373 -7.415  1.00 63.34  ? 136 ASN A CB  1 
ATOM   487 C CG  . ASN A 1 76  ? 4.893   -18.733 -7.884  1.00 91.05  ? 136 ASN A CG  1 
ATOM   488 O OD1 . ASN A 1 76  ? 4.065   -19.366 -7.217  1.00 77.22  ? 136 ASN A OD1 1 
ATOM   489 N ND2 . ASN A 1 76  ? 5.380   -19.187 -9.035  1.00 99.02  ? 136 ASN A ND2 1 
ATOM   490 N N   . THR A 1 77  ? 6.326   -19.471 -4.999  1.00 45.97  ? 137 THR A N   1 
ATOM   491 C CA  . THR A 1 77  ? 7.247   -20.484 -4.521  1.00 46.98  ? 137 THR A CA  1 
ATOM   492 C C   . THR A 1 77  ? 7.066   -21.715 -5.398  1.00 70.22  ? 137 THR A C   1 
ATOM   493 O O   . THR A 1 77  ? 6.114   -21.792 -6.186  1.00 58.64  ? 137 THR A O   1 
ATOM   494 C CB  . THR A 1 77  ? 6.974   -20.812 -3.031  1.00 58.22  ? 137 THR A CB  1 
ATOM   495 O OG1 . THR A 1 77  ? 5.658   -21.362 -2.887  1.00 62.04  ? 137 THR A OG1 1 
ATOM   496 C CG2 . THR A 1 77  ? 6.927   -19.535 -2.183  1.00 47.83  ? 137 THR A CG2 1 
ATOM   497 N N   . VAL A 1 78  ? 7.984   -22.666 -5.276  1.00 69.58  ? 138 VAL A N   1 
ATOM   498 C CA  . VAL A 1 78  ? 7.889   -23.909 -6.029  1.00 77.91  ? 138 VAL A CA  1 
ATOM   499 C C   . VAL A 1 78  ? 6.869   -24.825 -5.352  1.00 70.99  ? 138 VAL A C   1 
ATOM   500 O O   . VAL A 1 78  ? 6.040   -25.448 -6.019  1.00 79.72  ? 138 VAL A O   1 
ATOM   501 C CB  . VAL A 1 78  ? 9.271   -24.606 -6.149  1.00 88.31  ? 138 VAL A CB  1 
ATOM   502 C CG1 . VAL A 1 78  ? 9.169   -25.913 -6.931  1.00 99.72  ? 138 VAL A CG1 1 
ATOM   503 C CG2 . VAL A 1 78  ? 10.292  -23.669 -6.800  1.00 90.11  ? 138 VAL A CG2 1 
ATOM   504 N N   . THR A 1 79  ? 6.919   -24.868 -4.024  1.00 81.25  ? 139 THR A N   1 
ATOM   505 C CA  . THR A 1 79  ? 6.138   -25.819 -3.234  1.00 87.49  ? 139 THR A CA  1 
ATOM   506 C C   . THR A 1 79  ? 4.744   -25.311 -2.853  1.00 88.61  ? 139 THR A C   1 
ATOM   507 O O   . THR A 1 79  ? 3.762   -26.055 -2.959  1.00 71.42  ? 139 THR A O   1 
ATOM   508 C CB  . THR A 1 79  ? 6.933   -26.214 -1.957  1.00 93.81  ? 139 THR A CB  1 
ATOM   509 O OG1 . THR A 1 79  ? 8.188   -26.792 -2.335  1.00 98.12  ? 139 THR A OG1 1 
ATOM   510 C CG2 . THR A 1 79  ? 6.242   -27.339 -1.190  1.00 104.90 ? 139 THR A CG2 1 
ATOM   511 N N   . ARG A 1 80  ? 4.659   -24.051 -2.424  1.00 61.64  ? 140 ARG A N   1 
ATOM   512 C CA  . ARG A 1 80  ? 3.480   -23.583 -1.698  1.00 71.25  ? 140 ARG A CA  1 
ATOM   513 C C   . ARG A 1 80  ? 2.574   -22.635 -2.477  1.00 62.72  ? 140 ARG A C   1 
ATOM   514 O O   . ARG A 1 80  ? 1.638   -22.081 -1.908  1.00 56.13  ? 140 ARG A O   1 
ATOM   515 C CB  . ARG A 1 80  ? 3.898   -22.917 -0.379  1.00 76.70  ? 140 ARG A CB  1 
ATOM   516 C CG  . ARG A 1 80  ? 4.705   -23.798 0.568   1.00 100.76 ? 140 ARG A CG  1 
ATOM   517 C CD  . ARG A 1 80  ? 5.421   -23.016 1.659   1.00 94.44  ? 140 ARG A CD  1 
ATOM   518 N NE  . ARG A 1 80  ? 6.479   -22.163 1.113   1.00 102.05 ? 140 ARG A NE  1 
ATOM   519 C CZ  . ARG A 1 80  ? 6.887   -21.024 1.662   1.00 94.19  ? 140 ARG A CZ  1 
ATOM   520 N NH1 . ARG A 1 80  ? 6.326   -20.576 2.780   1.00 82.41  ? 140 ARG A NH1 1 
ATOM   521 N NH2 . ARG A 1 80  ? 7.855   -20.322 1.086   1.00 86.04  ? 140 ARG A NH2 1 
ATOM   522 N N   . GLY A 1 81  ? 2.840   -22.450 -3.767  1.00 46.41  ? 141 GLY A N   1 
ATOM   523 C CA  . GLY A 1 81  ? 2.099   -21.459 -4.546  1.00 44.87  ? 141 GLY A CA  1 
ATOM   524 C C   . GLY A 1 81  ? 2.428   -20.042 -4.103  1.00 34.37  ? 141 GLY A C   1 
ATOM   525 O O   . GLY A 1 81  ? 3.533   -19.779 -3.626  1.00 45.84  ? 141 GLY A O   1 
ATOM   526 N N   . ASP A 1 82  ? 1.480   -19.121 -4.275  1.00 34.86  ? 142 ASP A N   1 
ATOM   527 C CA  . ASP A 1 82  ? 1.699   -17.744 -3.911  1.00 29.68  ? 142 ASP A CA  1 
ATOM   528 C C   . ASP A 1 82  ? 1.569   -17.577 -2.408  1.00 30.31  ? 142 ASP A C   1 
ATOM   529 O O   . ASP A 1 82  ? 0.638   -18.089 -1.797  1.00 35.24  ? 142 ASP A O   1 
ATOM   530 C CB  . ASP A 1 82  ? 0.697   -16.820 -4.606  1.00 37.95  ? 142 ASP A CB  1 
ATOM   531 C CG  . ASP A 1 82  ? 0.862   -16.811 -6.121  1.00 58.61  ? 142 ASP A CG  1 
ATOM   532 O OD1 . ASP A 1 82  ? 1.867   -17.361 -6.628  1.00 56.72  ? 142 ASP A OD1 1 
ATOM   533 O OD2 . ASP A 1 82  ? 0.032   -16.274 -6.882  1.00 67.39  ? 142 ASP A OD2 1 
ATOM   534 N N   . VAL A 1 83  ? 2.515   -16.850 -1.829  1.00 29.29  ? 143 VAL A N   1 
ATOM   535 C CA  . VAL A 1 83  ? 2.530   -16.655 -0.380  1.00 24.73  ? 143 VAL A CA  1 
ATOM   536 C C   . VAL A 1 83  ? 2.875   -15.216 -0.143  1.00 27.55  ? 143 VAL A C   1 
ATOM   537 O O   . VAL A 1 83  ? 3.455   -14.547 -1.004  1.00 27.42  ? 143 VAL A O   1 
ATOM   538 C CB  . VAL A 1 83  ? 3.543   -17.591 0.364   1.00 25.39  ? 143 VAL A CB  1 
ATOM   539 C CG1 . VAL A 1 83  ? 3.262   -19.039 0.083   1.00 27.37  ? 143 VAL A CG1 1 
ATOM   540 C CG2 . VAL A 1 83  ? 4.991   -17.239 0.006   1.00 38.21  ? 143 VAL A CG2 1 
ATOM   541 N N   . TYR A 1 84  ? 2.475   -14.700 1.011   1.00 20.46  ? 144 TYR A N   1 
ATOM   542 C CA  . TYR A 1 84  ? 2.726   -13.304 1.258   1.00 19.59  ? 144 TYR A CA  1 
ATOM   543 C C   . TYR A 1 84  ? 3.437   -13.102 2.588   1.00 16.81  ? 144 TYR A C   1 
ATOM   544 O O   . TYR A 1 84  ? 3.484   -14.003 3.424   1.00 21.18  ? 144 TYR A O   1 
ATOM   545 C CB  . TYR A 1 84  ? 1.415   -12.500 1.270   1.00 22.78  ? 144 TYR A CB  1 
ATOM   546 C CG  . TYR A 1 84  ? 0.555   -12.836 2.454   1.00 22.15  ? 144 TYR A CG  1 
ATOM   547 C CD1 . TYR A 1 84  ? 0.722   -12.154 3.661   1.00 25.97  ? 144 TYR A CD1 1 
ATOM   548 C CD2 . TYR A 1 84  ? -0.402  -13.843 2.402   1.00 19.80  ? 144 TYR A CD2 1 
ATOM   549 C CE1 . TYR A 1 84  ? -0.010  -12.480 4.767   1.00 21.38  ? 144 TYR A CE1 1 
ATOM   550 C CE2 . TYR A 1 84  ? -1.166  -14.165 3.512   1.00 23.91  ? 144 TYR A CE2 1 
ATOM   551 C CZ  . TYR A 1 84  ? -0.964  -13.462 4.708   1.00 22.62  ? 144 TYR A CZ  1 
ATOM   552 O OH  . TYR A 1 84  ? -1.708  -13.767 5.810   1.00 28.84  ? 144 TYR A OH  1 
ATOM   553 N N   . GLU A 1 85  ? 3.999   -11.894 2.733   1.00 20.11  ? 145 GLU A N   1 
ATOM   554 C CA  . GLU A 1 85  ? 4.463   -11.431 4.041   1.00 25.24  ? 145 GLU A CA  1 
ATOM   555 C C   . GLU A 1 85  ? 3.653   -10.198 4.347   1.00 15.02  ? 145 GLU A C   1 
ATOM   556 O O   . GLU A 1 85  ? 3.481   -9.321  3.494   1.00 16.05  ? 145 GLU A O   1 
ATOM   557 C CB  . GLU A 1 85  ? 5.957   -11.089 4.035   1.00 21.44  ? 145 GLU A CB  1 
ATOM   558 C CG  . GLU A 1 85  ? 6.851   -12.295 3.831   1.00 42.58  ? 145 GLU A CG  1 
ATOM   559 C CD  . GLU A 1 85  ? 8.256   -12.082 4.359   1.00 67.35  ? 145 GLU A CD  1 
ATOM   560 O OE1 . GLU A 1 85  ? 8.623   -10.911 4.617   1.00 45.96  ? 145 GLU A OE1 1 
ATOM   561 O OE2 . GLU A 1 85  ? 8.985   -13.088 4.521   1.00 69.11  ? 145 GLU A OE2 1 
ATOM   562 N N   . LEU A 1 86  ? 3.135   -10.129 5.565   1.00 15.15  ? 146 LEU A N   1 
ATOM   563 C CA  . LEU A 1 86  ? 2.355   -8.958  5.977   1.00 15.49  ? 146 LEU A CA  1 
ATOM   564 C C   . LEU A 1 86  ? 3.328   -7.842  6.357   1.00 15.08  ? 146 LEU A C   1 
ATOM   565 O O   . LEU A 1 86  ? 4.187   -8.062  7.237   1.00 18.48  ? 146 LEU A O   1 
ATOM   566 C CB  . LEU A 1 86  ? 1.474   -9.332  7.193   1.00 14.19  ? 146 LEU A CB  1 
ATOM   567 C CG  . LEU A 1 86  ? 0.698   -8.145  7.813   1.00 13.81  ? 146 LEU A CG  1 
ATOM   568 C CD1 . LEU A 1 86  ? -0.367  -7.605  6.838   1.00 16.68  ? 146 LEU A CD1 1 
ATOM   569 C CD2 . LEU A 1 86  ? 0.090   -8.535  9.162   1.00 15.90  ? 146 LEU A CD2 1 
ATOM   570 N N   . PHE A 1 87  ? 3.176   -6.695  5.705   1.00 14.36  ? 147 PHE A N   1 
ATOM   571 C CA  . PHE A 1 87  ? 3.989   -5.519  6.048   1.00 16.86  ? 147 PHE A CA  1 
ATOM   572 C C   . PHE A 1 87  ? 3.342   -4.742  7.195   1.00 16.39  ? 147 PHE A C   1 
ATOM   573 O O   . PHE A 1 87  ? 4.011   -4.360  8.156   1.00 18.52  ? 147 PHE A O   1 
ATOM   574 C CB  . PHE A 1 87  ? 4.209   -4.595  4.856   1.00 17.58  ? 147 PHE A CB  1 
ATOM   575 C CG  . PHE A 1 87  ? 5.084   -3.414  5.195   1.00 18.48  ? 147 PHE A CG  1 
ATOM   576 C CD1 . PHE A 1 87  ? 6.476   -3.530  5.182   1.00 19.51  ? 147 PHE A CD1 1 
ATOM   577 C CD2 . PHE A 1 87  ? 4.505   -2.215  5.594   1.00 17.50  ? 147 PHE A CD2 1 
ATOM   578 C CE1 . PHE A 1 87  ? 7.290   -2.438  5.526   1.00 20.45  ? 147 PHE A CE1 1 
ATOM   579 C CE2 . PHE A 1 87  ? 5.327   -1.096  5.956   1.00 18.46  ? 147 PHE A CE2 1 
ATOM   580 C CZ  . PHE A 1 87  ? 6.702   -1.220  5.912   1.00 19.40  ? 147 PHE A CZ  1 
ATOM   581 N N   . GLY A 1 88  ? 2.042   -4.512  7.087   1.00 14.72  ? 148 GLY A N   1 
ATOM   582 C CA  . GLY A 1 88  ? 1.315   -3.842  8.156   1.00 17.08  ? 148 GLY A CA  1 
ATOM   583 C C   . GLY A 1 88  ? -0.117  -3.597  7.749   1.00 15.04  ? 148 GLY A C   1 
ATOM   584 O O   . GLY A 1 88  ? -0.508  -3.857  6.599   1.00 13.76  ? 148 GLY A O   1 
ATOM   585 N N   . ASP A 1 89  ? -0.920  -3.155  8.713   1.00 14.85  ? 149 ASP A N   1 
ATOM   586 C CA  . ASP A 1 89  ? -2.293  -2.815  8.406   1.00 13.40  ? 149 ASP A CA  1 
ATOM   587 C C   . ASP A 1 89  ? -2.684  -1.608  9.256   1.00 13.01  ? 149 ASP A C   1 
ATOM   588 O O   . ASP A 1 89  ? -2.181  -1.437  10.364  1.00 15.06  ? 149 ASP A O   1 
ATOM   589 C CB  . ASP A 1 89  ? -3.236  -4.037  8.603   1.00 14.51  ? 149 ASP A CB  1 
ATOM   590 C CG  . ASP A 1 89  ? -3.168  -4.628  9.979   1.00 19.75  ? 149 ASP A CG  1 
ATOM   591 O OD1 . ASP A 1 89  ? -2.318  -5.545  10.233  1.00 18.83  ? 149 ASP A OD1 1 
ATOM   592 O OD2 . ASP A 1 89  ? -3.961  -4.258  10.876  1.00 23.44  ? 149 ASP A OD2 1 
ATOM   593 N N   . TYR A 1 90  ? -3.597  -0.798  8.715   1.00 11.90  ? 150 TYR A N   1 
ATOM   594 C CA  . TYR A 1 90  ? -3.796  0.571   9.211   1.00 15.90  ? 150 TYR A CA  1 
ATOM   595 C C   . TYR A 1 90  ? -5.245  0.991   9.151   1.00 15.44  ? 150 TYR A C   1 
ATOM   596 O O   . TYR A 1 90  ? -5.906  0.837   8.128   1.00 15.13  ? 150 TYR A O   1 
ATOM   597 C CB  . TYR A 1 90  ? -2.976  1.537   8.338   1.00 12.49  ? 150 TYR A CB  1 
ATOM   598 C CG  . TYR A 1 90  ? -1.555  1.049   8.128   1.00 12.64  ? 150 TYR A CG  1 
ATOM   599 C CD1 . TYR A 1 90  ? -0.556  1.325   9.047   1.00 17.36  ? 150 TYR A CD1 1 
ATOM   600 C CD2 . TYR A 1 90  ? -1.240  0.249   7.011   1.00 13.36  ? 150 TYR A CD2 1 
ATOM   601 C CE1 . TYR A 1 90  ? 0.766   0.828   8.862   1.00 17.98  ? 150 TYR A CE1 1 
ATOM   602 C CE2 . TYR A 1 90  ? 0.055   -0.218  6.805   1.00 16.48  ? 150 TYR A CE2 1 
ATOM   603 C CZ  . TYR A 1 90  ? 1.043   0.051   7.733   1.00 18.79  ? 150 TYR A CZ  1 
ATOM   604 O OH  . TYR A 1 90  ? 2.331   -0.424  7.539   1.00 22.10  ? 150 TYR A OH  1 
ATOM   605 N N   . ALA A 1 91  ? -5.745  1.546   10.254  1.00 14.55  ? 151 ALA A N   1 
ATOM   606 C CA  . ALA A 1 91  ? -7.096  2.109   10.246  1.00 15.88  ? 151 ALA A CA  1 
ATOM   607 C C   . ALA A 1 91  ? -7.234  3.243   9.248   1.00 18.01  ? 151 ALA A C   1 
ATOM   608 O O   . ALA A 1 91  ? -6.309  4.046   9.068   1.00 16.99  ? 151 ALA A O   1 
ATOM   609 C CB  . ALA A 1 91  ? -7.468  2.603   11.659  1.00 17.06  ? 151 ALA A CB  1 
ATOM   610 N N   . LEU A 1 92  ? -8.397  3.300   8.590   1.00 14.85  ? 152 LEU A N   1 
ATOM   611 C CA  . LEU A 1 92  ? -8.723  4.385   7.671   1.00 13.15  ? 152 LEU A CA  1 
ATOM   612 C C   . LEU A 1 92  ? -9.994  5.065   8.135   1.00 18.66  ? 152 LEU A C   1 
ATOM   613 O O   . LEU A 1 92  ? -11.101 4.646   7.776   1.00 16.73  ? 152 LEU A O   1 
ATOM   614 C CB  . LEU A 1 92  ? -8.938  3.833   6.244   1.00 15.89  ? 152 LEU A CB  1 
ATOM   615 C CG  . LEU A 1 92  ? -7.769  3.058   5.639   1.00 13.16  ? 152 LEU A CG  1 
ATOM   616 C CD1 . LEU A 1 92  ? -8.184  2.563   4.272   1.00 16.27  ? 152 LEU A CD1 1 
ATOM   617 C CD2 . LEU A 1 92  ? -6.496  3.896   5.588   1.00 14.72  ? 152 LEU A CD2 1 
ATOM   618 N N   . ILE A 1 93  ? -9.861  6.109   8.952   1.00 16.43  ? 153 ILE A N   1 
ATOM   619 C CA  . ILE A 1 93  ? -11.054 6.795   9.452   1.00 16.78  ? 153 ILE A CA  1 
ATOM   620 C C   . ILE A 1 93  ? -11.633 7.677   8.355   1.00 15.31  ? 153 ILE A C   1 
ATOM   621 O O   . ILE A 1 93  ? -11.020 7.855   7.300   1.00 18.17  ? 153 ILE A O   1 
ATOM   622 C CB  . ILE A 1 93  ? -10.756 7.639   10.721  1.00 18.72  ? 153 ILE A CB  1 
ATOM   623 C CG1 . ILE A 1 93  ? -9.698  8.726   10.446  1.00 19.17  ? 153 ILE A CG1 1 
ATOM   624 C CG2 . ILE A 1 93  ? -10.315 6.716   11.858  1.00 20.14  ? 153 ILE A CG2 1 
ATOM   625 C CD1 . ILE A 1 93  ? -9.633  9.775   11.588  1.00 18.24  ? 153 ILE A CD1 1 
ATOM   626 N N   . GLN A 1 94  ? -12.814 8.222   8.633   1.00 19.09  ? 154 GLN A N   1 
ATOM   627 C CA  . GLN A 1 94  ? -13.421 9.153   7.694   1.00 19.65  ? 154 GLN A CA  1 
ATOM   628 C C   . GLN A 1 94  ? -12.587 10.418  7.645   1.00 21.95  ? 154 GLN A C   1 
ATOM   629 O O   . GLN A 1 94  ? -12.126 10.909  8.677   1.00 26.25  ? 154 GLN A O   1 
ATOM   630 C CB  A GLN A 1 94  ? -14.868 9.474   8.089   0.70 23.71  ? 154 GLN A CB  1 
ATOM   631 C CB  B GLN A 1 94  ? -14.853 9.480   8.136   0.30 23.86  ? 154 GLN A CB  1 
ATOM   632 C CG  A GLN A 1 94  ? -15.627 10.259  7.002   0.70 23.76  ? 154 GLN A CG  1 
ATOM   633 C CG  B GLN A 1 94  ? -15.670 10.291  7.129   0.30 28.56  ? 154 GLN A CG  1 
ATOM   634 C CD  A GLN A 1 94  ? -17.135 10.303  7.227   0.70 30.11  ? 154 GLN A CD  1 
ATOM   635 C CD  B GLN A 1 94  ? -17.115 10.475  7.562   0.30 33.65  ? 154 GLN A CD  1 
ATOM   636 O OE1 A GLN A 1 94  ? -17.677 9.605   8.095   0.70 35.29  ? 154 GLN A OE1 1 
ATOM   637 O OE1 B GLN A 1 94  ? -17.391 11.074  8.607   0.30 27.16  ? 154 GLN A OE1 1 
ATOM   638 N NE2 A GLN A 1 94  ? -17.817 11.128  6.444   0.70 41.69  ? 154 GLN A NE2 1 
ATOM   639 N NE2 B GLN A 1 94  ? -18.043 9.966   6.758   0.30 33.50  ? 154 GLN A NE2 1 
ATOM   640 N N   . GLY A 1 95  ? -12.409 10.957  6.442   1.00 19.43  ? 155 GLY A N   1 
ATOM   641 C CA  . GLY A 1 95  ? -11.771 12.261  6.292   1.00 20.69  ? 155 GLY A CA  1 
ATOM   642 C C   . GLY A 1 95  ? -10.548 12.191  5.405   1.00 16.93  ? 155 GLY A C   1 
ATOM   643 O O   . GLY A 1 95  ? -10.383 11.267  4.609   1.00 21.72  ? 155 GLY A O   1 
ATOM   644 N N   . ARG A 1 96  ? -9.690  13.200  5.534   1.00 19.81  ? 156 ARG A N   1 
ATOM   645 C CA  . ARG A 1 96  ? -8.482  13.284  4.718   1.00 17.59  ? 156 ARG A CA  1 
ATOM   646 C C   . ARG A 1 96  ? -7.274  13.189  5.650   1.00 15.62  ? 156 ARG A C   1 
ATOM   647 O O   . ARG A 1 96  ? -7.156  13.999  6.588   1.00 17.52  ? 156 ARG A O   1 
ATOM   648 C CB  . ARG A 1 96  ? -8.465  14.638  3.999   1.00 22.73  ? 156 ARG A CB  1 
ATOM   649 C CG  . ARG A 1 96  ? -9.353  14.685  2.767   1.00 41.87  ? 156 ARG A CG  1 
ATOM   650 C CD  . ARG A 1 96  ? -9.405  16.056  2.100   1.00 56.03  ? 156 ARG A CD  1 
ATOM   651 N NE  . ARG A 1 96  ? -9.803  15.974  0.694   1.00 79.34  ? 156 ARG A NE  1 
ATOM   652 C CZ  . ARG A 1 96  ? -8.964  15.766  -0.319  1.00 82.24  ? 156 ARG A CZ  1 
ATOM   653 N NH1 . ARG A 1 96  ? -7.663  15.610  -0.098  1.00 81.68  ? 156 ARG A NH1 1 
ATOM   654 N NH2 . ARG A 1 96  ? -9.430  15.708  -1.560  1.00 87.41  ? 156 ARG A NH2 1 
ATOM   655 N N   . GLY A 1 97  ? -6.388  12.243  5.400   1.00 17.77  ? 157 GLY A N   1 
ATOM   656 C CA  . GLY A 1 97  ? -5.212  12.144  6.242   1.00 20.13  ? 157 GLY A CA  1 
ATOM   657 C C   . GLY A 1 97  ? -4.093  11.394  5.579   1.00 16.72  ? 157 GLY A C   1 
ATOM   658 O O   . GLY A 1 97  ? -4.141  11.120  4.383   1.00 16.38  ? 157 GLY A O   1 
ATOM   659 N N   . SER A 1 98  ? -3.080  11.060  6.373   1.00 14.31  ? 158 SER A N   1 
ATOM   660 C CA  . SER A 1 98  ? -1.942  10.358  5.809   1.00 14.34  ? 158 SER A CA  1 
ATOM   661 C C   . SER A 1 98  ? -1.170  9.665   6.901   1.00 17.74  ? 158 SER A C   1 
ATOM   662 O O   . SER A 1 98  ? -1.423  9.880   8.082   1.00 15.72  ? 158 SER A O   1 
ATOM   663 C CB  . SER A 1 98  ? -1.021  11.337  5.059   1.00 17.92  ? 158 SER A CB  1 
ATOM   664 O OG  . SER A 1 98  ? -0.345  12.189  5.962   1.00 23.19  ? 158 SER A OG  1 
ATOM   665 N N   . PHE A 1 99  ? -0.254  8.805   6.472   1.00 14.52  ? 159 PHE A N   1 
ATOM   666 C CA  . PHE A 1 99  ? 0.785   8.280   7.356   1.00 16.21  ? 159 PHE A CA  1 
ATOM   667 C C   . PHE A 1 99  ? 1.917   7.822   6.456   1.00 16.59  ? 159 PHE A C   1 
ATOM   668 O O   . PHE A 1 99  ? 1.771   7.807   5.237   1.00 15.95  ? 159 PHE A O   1 
ATOM   669 C CB  . PHE A 1 99  ? 0.278   7.132   8.251   1.00 17.19  ? 159 PHE A CB  1 
ATOM   670 C CG  . PHE A 1 99  ? -0.299  5.969   7.499   1.00 16.98  ? 159 PHE A CG  1 
ATOM   671 C CD1 . PHE A 1 99  ? 0.510   4.905   7.097   1.00 17.31  ? 159 PHE A CD1 1 
ATOM   672 C CD2 . PHE A 1 99  ? -1.672  5.912   7.201   1.00 16.12  ? 159 PHE A CD2 1 
ATOM   673 C CE1 . PHE A 1 99  ? -0.028  3.817   6.408   1.00 17.46  ? 159 PHE A CE1 1 
ATOM   674 C CE2 . PHE A 1 99  ? -2.202  4.830   6.503   1.00 16.23  ? 159 PHE A CE2 1 
ATOM   675 C CZ  . PHE A 1 99  ? -1.389  3.778   6.097   1.00 16.52  ? 159 PHE A CZ  1 
ATOM   676 N N   . CYS A 1 100 ? 3.047   7.472   7.070   1.00 18.40  ? 160 CYS A N   1 
ATOM   677 C CA  . CYS A 1 100 ? 4.217   7.065   6.287   1.00 19.17  ? 160 CYS A CA  1 
ATOM   678 C C   . CYS A 1 100 ? 4.660   5.646   6.588   1.00 28.43  ? 160 CYS A C   1 
ATOM   679 O O   . CYS A 1 100 ? 4.482   5.133   7.699   1.00 26.32  ? 160 CYS A O   1 
ATOM   680 C CB  . CYS A 1 100 ? 5.364   8.050   6.534   1.00 29.87  ? 160 CYS A CB  1 
ATOM   681 S SG  . CYS A 1 100 ? 5.022   9.684   5.807   1.00 33.75  ? 160 CYS A SG  1 
ATOM   682 N N   . LEU A 1 101 ? 5.202   5.014   5.563   1.00 18.38  ? 161 LEU A N   1 
ATOM   683 C CA  . LEU A 1 101 ? 5.745   3.632   5.642   1.00 21.16  ? 161 LEU A CA  1 
ATOM   684 C C   . LEU A 1 101 ? 7.260   3.743   5.468   1.00 21.66  ? 161 LEU A C   1 
ATOM   685 O O   . LEU A 1 101 ? 7.711   4.420   4.568   1.00 19.41  ? 161 LEU A O   1 
ATOM   686 C CB  . LEU A 1 101 ? 5.200   2.782   4.481   1.00 23.23  ? 161 LEU A CB  1 
ATOM   687 C CG  . LEU A 1 101 ? 3.713   2.666   4.060   1.00 23.38  ? 161 LEU A CG  1 
ATOM   688 C CD1 . LEU A 1 101 ? 3.508   1.990   2.679   1.00 29.80  ? 161 LEU A CD1 1 
ATOM   689 C CD2 . LEU A 1 101 ? 2.971   1.923   5.095   1.00 20.14  ? 161 LEU A CD2 1 
ATOM   690 N N   . ASN A 1 102 ? 8.039   3.067   6.304   1.00 17.36  ? 162 ASN A N   1 
ATOM   691 C CA  . ASN A 1 102 ? 9.478   3.006   6.127   1.00 20.94  ? 162 ASN A CA  1 
ATOM   692 C C   . ASN A 1 102 ? 9.829   1.791   5.263   1.00 24.74  ? 162 ASN A C   1 
ATOM   693 O O   . ASN A 1 102 ? 9.894   0.657   5.746   1.00 23.21  ? 162 ASN A O   1 
ATOM   694 C CB  . ASN A 1 102 ? 10.162  2.941   7.495   1.00 26.26  ? 162 ASN A CB  1 
ATOM   695 C CG  . ASN A 1 102 ? 11.676  2.751   7.395   1.00 47.59  ? 162 ASN A CG  1 
ATOM   696 O OD1 . ASN A 1 102 ? 12.336  3.261   6.472   1.00 44.28  ? 162 ASN A OD1 1 
ATOM   697 N ND2 . ASN A 1 102 ? 12.237  2.006   8.354   1.00 40.60  ? 162 ASN A ND2 1 
ATOM   698 N N   . ILE A 1 103 ? 10.006  2.028   3.968   1.00 21.63  ? 163 ILE A N   1 
ATOM   699 C CA  . ILE A 1 103 ? 10.375  0.967   3.027   1.00 18.30  ? 163 ILE A CA  1 
ATOM   700 C C   . ILE A 1 103 ? 11.423  1.555   2.115   1.00 18.68  ? 163 ILE A C   1 
ATOM   701 O O   . ILE A 1 103 ? 11.147  2.555   1.447   1.00 23.65  ? 163 ILE A O   1 
ATOM   702 C CB  . ILE A 1 103 ? 9.169   0.488   2.177   1.00 22.84  ? 163 ILE A CB  1 
ATOM   703 C CG1 . ILE A 1 103 ? 8.006   0.022   3.049   1.00 22.54  ? 163 ILE A CG1 1 
ATOM   704 C CG2 . ILE A 1 103 ? 9.595   -0.654  1.227   1.00 26.53  ? 163 ILE A CG2 1 
ATOM   705 C CD1 . ILE A 1 103 ? 6.711   -0.227  2.239   1.00 25.89  ? 163 ILE A CD1 1 
ATOM   706 N N   . ARG A 1 104 ? 12.608  0.941   2.081   1.00 23.43  ? 164 ARG A N   1 
ATOM   707 C CA  . ARG A 1 104 ? 13.734  1.495   1.309   1.00 32.62  ? 164 ARG A CA  1 
ATOM   708 C C   . ARG A 1 104 ? 13.550  1.385   -0.191  1.00 44.54  ? 164 ARG A C   1 
ATOM   709 O O   . ARG A 1 104 ? 13.049  0.373   -0.694  1.00 31.60  ? 164 ARG A O   1 
ATOM   710 C CB  . ARG A 1 104 ? 15.072  0.889   1.720   1.00 27.64  ? 164 ARG A CB  1 
ATOM   711 C CG  . ARG A 1 104 ? 15.695  1.580   2.918   1.00 53.07  ? 164 ARG A CG  1 
ATOM   712 C CD  . ARG A 1 104 ? 17.220  1.425   3.038   1.00 64.23  ? 164 ARG A CD  1 
ATOM   713 N NE  . ARG A 1 104 ? 17.940  1.709   1.792   1.00 73.60  ? 164 ARG A NE  1 
ATOM   714 C CZ  . ARG A 1 104 ? 18.102  2.921   1.249   1.00 84.49  ? 164 ARG A CZ  1 
ATOM   715 N NH1 . ARG A 1 104 ? 17.589  4.010   1.821   1.00 48.17  ? 164 ARG A NH1 1 
ATOM   716 N NH2 . ARG A 1 104 ? 18.778  3.043   0.113   1.00 83.54  ? 164 ARG A NH2 1 
ATOM   717 N N   . SER A 1 105 ? 13.969  2.446   -0.887  1.00 42.45  ? 165 SER A N   1 
ATOM   718 C CA  . SER A 1 105 ? 13.843  2.554   -2.338  1.00 55.73  ? 165 SER A CA  1 
ATOM   719 C C   . SER A 1 105 ? 14.530  1.401   -3.058  1.00 55.63  ? 165 SER A C   1 
ATOM   720 O O   . SER A 1 105 ? 14.066  0.973   -4.107  1.00 40.20  ? 165 SER A O   1 
ATOM   721 C CB  . SER A 1 105 ? 14.408  3.891   -2.831  1.00 70.42  ? 165 SER A CB  1 
ATOM   722 O OG  . SER A 1 105 ? 14.005  4.150   -4.169  1.00 65.72  ? 165 SER A OG  1 
ATOM   723 N N   . ASP A 1 106 ? 15.618  0.898   -2.472  1.00 52.64  ? 166 ASP A N   1 
ATOM   724 C CA  . ASP A 1 106 ? 16.412  -0.187  -3.059  1.00 61.63  ? 166 ASP A CA  1 
ATOM   725 C C   . ASP A 1 106 ? 16.091  -1.584  -2.512  1.00 48.06  ? 166 ASP A C   1 
ATOM   726 O O   . ASP A 1 106 ? 16.959  -2.463  -2.511  1.00 42.87  ? 166 ASP A O   1 
ATOM   727 C CB  . ASP A 1 106 ? 17.909  0.095   -2.849  1.00 53.64  ? 166 ASP A CB  1 
ATOM   728 C CG  . ASP A 1 106 ? 18.325  0.038   -1.378  1.00 43.98  ? 166 ASP A CG  1 
ATOM   729 O OD1 . ASP A 1 106 ? 17.499  -0.324  -0.503  1.00 49.41  ? 166 ASP A OD1 1 
ATOM   730 O OD2 . ASP A 1 106 ? 19.474  0.336   -0.996  1.00 51.35  ? 166 ASP A OD2 1 
ATOM   731 N N   . THR A 1 107 ? 14.875  -1.801  -2.024  1.00 40.81  ? 167 THR A N   1 
ATOM   732 C CA  . THR A 1 107 ? 14.556  -3.130  -1.465  1.00 50.58  ? 167 THR A CA  1 
ATOM   733 C C   . THR A 1 107 ? 14.609  -4.208  -2.552  1.00 52.84  ? 167 THR A C   1 
ATOM   734 O O   . THR A 1 107 ? 14.266  -3.931  -3.715  1.00 41.08  ? 167 THR A O   1 
ATOM   735 C CB  . THR A 1 107 ? 13.176  -3.143  -0.756  1.00 51.85  ? 167 THR A CB  1 
ATOM   736 O OG1 . THR A 1 107 ? 12.898  -4.473  -0.273  1.00 38.77  ? 167 THR A OG1 1 
ATOM   737 C CG2 . THR A 1 107 ? 12.028  -2.836  -1.752  1.00 31.58  ? 167 THR A CG2 1 
ATOM   738 N N   . GLY A 1 108 ? 15.053  -5.415  -2.179  1.00 33.62  ? 168 GLY A N   1 
ATOM   739 C CA  . GLY A 1 108 ? 15.032  -6.553  -3.092  1.00 35.76  ? 168 GLY A CA  1 
ATOM   740 C C   . GLY A 1 108 ? 13.675  -7.243  -3.193  1.00 40.22  ? 168 GLY A C   1 
ATOM   741 O O   . GLY A 1 108 ? 13.480  -8.121  -4.033  1.00 35.13  ? 168 GLY A O   1 
ATOM   742 N N   . ARG A 1 109 ? 12.734  -6.844  -2.340  1.00 30.80  ? 169 ARG A N   1 
ATOM   743 C CA  . ARG A 1 109 ? 11.402  -7.455  -2.301  1.00 30.72  ? 169 ARG A CA  1 
ATOM   744 C C   . ARG A 1 109 ? 10.496  -6.839  -3.363  1.00 29.66  ? 169 ARG A C   1 
ATOM   745 O O   . ARG A 1 109 ? 10.481  -5.616  -3.530  1.00 25.90  ? 169 ARG A O   1 
ATOM   746 C CB  . ARG A 1 109 ? 10.781  -7.236  -0.925  1.00 26.99  ? 169 ARG A CB  1 
ATOM   747 C CG  . ARG A 1 109 ? 11.524  -7.965  0.216   1.00 36.42  ? 169 ARG A CG  1 
ATOM   748 C CD  . ARG A 1 109 ? 10.971  -7.671  1.634   1.00 48.69  ? 169 ARG A CD  1 
ATOM   749 N NE  . ARG A 1 109 ? 11.365  -6.353  2.151   1.00 70.38  ? 169 ARG A NE  1 
ATOM   750 C CZ  . ARG A 1 109 ? 10.798  -5.728  3.193   1.00 77.90  ? 169 ARG A CZ  1 
ATOM   751 N NH1 . ARG A 1 109 ? 9.782   -6.281  3.858   1.00 48.17  ? 169 ARG A NH1 1 
ATOM   752 N NH2 . ARG A 1 109 ? 11.243  -4.530  3.567   1.00 68.91  ? 169 ARG A NH2 1 
ATOM   753 N N   . GLU A 1 110 ? 9.754   -7.676  -4.086  1.00 24.40  ? 170 GLU A N   1 
ATOM   754 C CA  . GLU A 1 110 ? 8.828   -7.161  -5.109  1.00 24.45  ? 170 GLU A CA  1 
ATOM   755 C C   . GLU A 1 110 ? 7.407   -7.670  -4.877  1.00 23.94  ? 170 GLU A C   1 
ATOM   756 O O   . GLU A 1 110 ? 7.143   -8.322  -3.873  1.00 25.66  ? 170 GLU A O   1 
ATOM   757 C CB  . GLU A 1 110 ? 9.305   -7.542  -6.512  1.00 28.55  ? 170 GLU A CB  1 
ATOM   758 C CG  . GLU A 1 110 ? 10.770  -7.238  -6.766  1.00 33.16  ? 170 GLU A CG  1 
ATOM   759 C CD  . GLU A 1 110 ? 11.165  -7.468  -8.210  1.00 56.87  ? 170 GLU A CD  1 
ATOM   760 O OE1 . GLU A 1 110 ? 10.778  -8.520  -8.776  1.00 51.80  ? 170 GLU A OE1 1 
ATOM   761 O OE2 . GLU A 1 110 ? 11.869  -6.601  -8.770  1.00 70.68  ? 170 GLU A OE2 1 
ATOM   762 N N   . ASN A 1 111 ? 6.496   -7.353  -5.801  1.00 19.58  ? 171 ASN A N   1 
ATOM   763 C CA  . ASN A 1 111 ? 5.095   -7.770  -5.727  1.00 16.66  ? 171 ASN A CA  1 
ATOM   764 C C   . ASN A 1 111 ? 4.406   -7.237  -4.473  1.00 15.32  ? 171 ASN A C   1 
ATOM   765 O O   . ASN A 1 111 ? 3.709   -7.979  -3.745  1.00 18.64  ? 171 ASN A O   1 
ATOM   766 C CB  . ASN A 1 111 ? 4.989   -9.300  -5.805  1.00 19.45  ? 171 ASN A CB  1 
ATOM   767 C CG  . ASN A 1 111 ? 5.866   -9.877  -6.891  1.00 31.99  ? 171 ASN A CG  1 
ATOM   768 O OD1 . ASN A 1 111 ? 5.714   -9.527  -8.056  1.00 27.90  ? 171 ASN A OD1 1 
ATOM   769 N ND2 . ASN A 1 111 ? 6.811   -10.740 -6.513  1.00 32.42  ? 171 ASN A ND2 1 
ATOM   770 N N   . TRP A 1 112 ? 4.585   -5.934  -4.232  1.00 13.10  ? 172 TRP A N   1 
ATOM   771 C CA  . TRP A 1 112 ? 3.929   -5.279  -3.131  1.00 12.18  ? 172 TRP A CA  1 
ATOM   772 C C   . TRP A 1 112 ? 2.467   -5.057  -3.506  1.00 17.07  ? 172 TRP A C   1 
ATOM   773 O O   . TRP A 1 112 ? 2.164   -4.722  -4.653  1.00 15.31  ? 172 TRP A O   1 
ATOM   774 C CB  . TRP A 1 112 ? 4.601   -3.926  -2.844  1.00 14.57  ? 172 TRP A CB  1 
ATOM   775 C CG  . TRP A 1 112 ? 5.965   -4.091  -2.273  1.00 12.80  ? 172 TRP A CG  1 
ATOM   776 C CD1 . TRP A 1 112 ? 7.132   -4.244  -2.966  1.00 15.82  ? 172 TRP A CD1 1 
ATOM   777 C CD2 . TRP A 1 112 ? 6.309   -4.110  -0.882  1.00 14.58  ? 172 TRP A CD2 1 
ATOM   778 N NE1 . TRP A 1 112 ? 8.185   -4.387  -2.085  1.00 19.52  ? 172 TRP A NE1 1 
ATOM   779 C CE2 . TRP A 1 112 ? 7.702   -4.273  -0.799  1.00 17.95  ? 172 TRP A CE2 1 
ATOM   780 C CE3 . TRP A 1 112 ? 5.566   -3.971  0.314   1.00 17.65  ? 172 TRP A CE3 1 
ATOM   781 C CZ2 . TRP A 1 112 ? 8.382   -4.349  0.439   1.00 19.81  ? 172 TRP A CZ2 1 
ATOM   782 C CZ3 . TRP A 1 112 ? 6.231   -4.046  1.537   1.00 17.47  ? 172 TRP A CZ3 1 
ATOM   783 C CH2 . TRP A 1 112 ? 7.629   -4.231  1.584   1.00 17.63  ? 172 TRP A CH2 1 
ATOM   784 N N   . ARG A 1 113 ? 1.568   -5.259  -2.543  1.00 13.30  ? 173 ARG A N   1 
ATOM   785 C CA  . ARG A 1 113 ? 0.135   -5.088  -2.779  1.00 12.51  ? 173 ARG A CA  1 
ATOM   786 C C   . ARG A 1 113 ? -0.531  -4.330  -1.643  1.00 15.80  ? 173 ARG A C   1 
ATOM   787 O O   . ARG A 1 113 ? -0.040  -4.341  -0.507  1.00 13.96  ? 173 ARG A O   1 
ATOM   788 C CB  A ARG A 1 113 ? -0.547  -6.466  -2.867  0.60 14.78  ? 173 ARG A CB  1 
ATOM   789 C CB  B ARG A 1 113 ? -0.553  -6.448  -2.963  0.40 11.30  ? 173 ARG A CB  1 
ATOM   790 C CG  A ARG A 1 113 ? -0.079  -7.398  -3.986  0.60 16.43  ? 173 ARG A CG  1 
ATOM   791 C CG  B ARG A 1 113 ? -0.086  -7.266  -4.168  0.40 20.45  ? 173 ARG A CG  1 
ATOM   792 C CD  A ARG A 1 113 ? -0.429  -6.917  -5.376  0.60 28.50  ? 173 ARG A CD  1 
ATOM   793 C CD  B ARG A 1 113 ? -0.887  -8.533  -4.391  0.40 16.81  ? 173 ARG A CD  1 
ATOM   794 N NE  A ARG A 1 113 ? 0.018   -7.876  -6.377  0.60 31.01  ? 173 ARG A NE  1 
ATOM   795 N NE  B ARG A 1 113 ? -0.181  -9.497  -5.241  0.40 22.11  ? 173 ARG A NE  1 
ATOM   796 C CZ  A ARG A 1 113 ? 1.159   -7.793  -7.053  0.60 20.95  ? 173 ARG A CZ  1 
ATOM   797 C CZ  B ARG A 1 113 ? -0.530  -10.777 -5.376  0.40 15.21  ? 173 ARG A CZ  1 
ATOM   798 N NH1 A ARG A 1 113 ? 1.443   -8.756  -7.914  0.60 21.07  ? 173 ARG A NH1 1 
ATOM   799 N NH1 B ARG A 1 113 ? 0.173   -11.580 -6.164  0.40 27.99  ? 173 ARG A NH1 1 
ATOM   800 N NH2 A ARG A 1 113 ? 2.017   -6.775  -6.868  0.60 15.09  ? 173 ARG A NH2 1 
ATOM   801 N NH2 B ARG A 1 113 ? -1.569  -11.269 -4.721  0.40 20.25  ? 173 ARG A NH2 1 
ATOM   802 N N   . MET A 1 114 ? -1.666  -3.687  -1.934  1.00 10.74  ? 174 MET A N   1 
ATOM   803 C CA  . MET A 1 114 ? -2.521  -3.197  -0.855  1.00 9.61   ? 174 MET A CA  1 
ATOM   804 C C   . MET A 1 114 ? -3.945  -3.579  -1.133  1.00 13.93  ? 174 MET A C   1 
ATOM   805 O O   . MET A 1 114 ? -4.310  -3.874  -2.277  1.00 14.21  ? 174 MET A O   1 
ATOM   806 C CB  . MET A 1 114 ? -2.392  -1.689  -0.671  1.00 10.58  ? 174 MET A CB  1 
ATOM   807 C CG  . MET A 1 114 ? -3.021  -0.869  -1.795  1.00 10.72  ? 174 MET A CG  1 
ATOM   808 S SD  . MET A 1 114 ? -2.615  0.886   -1.497  1.00 12.97  ? 174 MET A SD  1 
ATOM   809 C CE  . MET A 1 114 ? -3.189  1.575   -3.041  1.00 11.56  ? 174 MET A CE  1 
ATOM   810 N N   . GLN A 1 115 ? -4.750  -3.629  -0.085  1.00 12.41  ? 175 GLN A N   1 
ATOM   811 C CA  . GLN A 1 115 ? -6.174  -3.947  -0.227  1.00 13.31  ? 175 GLN A CA  1 
ATOM   812 C C   . GLN A 1 115 ? -6.929  -3.391  0.972   1.00 15.15  ? 175 GLN A C   1 
ATOM   813 O O   . GLN A 1 115 ? -6.336  -3.156  2.033   1.00 14.70  ? 175 GLN A O   1 
ATOM   814 C CB  . GLN A 1 115 ? -6.377  -5.462  -0.268  1.00 13.29  ? 175 GLN A CB  1 
ATOM   815 C CG  . GLN A 1 115 ? -6.042  -6.134  1.091   1.00 13.24  ? 175 GLN A CG  1 
ATOM   816 C CD  . GLN A 1 115 ? -5.856  -7.620  0.954   1.00 16.54  ? 175 GLN A CD  1 
ATOM   817 O OE1 . GLN A 1 115 ? -4.754  -8.072  0.685   1.00 19.13  ? 175 GLN A OE1 1 
ATOM   818 N NE2 . GLN A 1 115 ? -6.937  -8.389  1.131   1.00 20.64  ? 175 GLN A NE2 1 
ATOM   819 N N   . LEU A 1 116 ? -8.232  -3.171  0.803   1.00 14.59  ? 176 LEU A N   1 
ATOM   820 C CA  . LEU A 1 116 ? -9.090  -2.831  1.949   1.00 13.51  ? 176 LEU A CA  1 
ATOM   821 C C   . LEU A 1 116 ? -9.512  -4.090  2.667   1.00 17.98  ? 176 LEU A C   1 
ATOM   822 O O   . LEU A 1 116 ? -9.696  -5.134  2.021   1.00 21.56  ? 176 LEU A O   1 
ATOM   823 C CB  . LEU A 1 116 ? -10.334 -2.094  1.464   1.00 16.29  ? 176 LEU A CB  1 
ATOM   824 C CG  . LEU A 1 116 ? -10.065 -0.725  0.839   1.00 15.93  ? 176 LEU A CG  1 
ATOM   825 C CD1 . LEU A 1 116 ? -11.379 -0.133  0.330   1.00 18.53  ? 176 LEU A CD1 1 
ATOM   826 C CD2 . LEU A 1 116 ? -9.417  0.216   1.878   1.00 15.82  ? 176 LEU A CD2 1 
ATOM   827 N N   . GLU A 1 117 ? -9.695  -4.010  3.991   1.00 15.13  ? 177 GLU A N   1 
ATOM   828 C CA  . GLU A 1 117 ? -10.230 -5.149  4.763   1.00 17.35  ? 177 GLU A CA  1 
ATOM   829 C C   . GLU A 1 117 ? -11.678 -5.483  4.351   1.00 25.14  ? 177 GLU A C   1 
ATOM   830 O O   . GLU A 1 117 ? -12.047 -6.662  4.206   1.00 28.22  ? 177 GLU A O   1 
ATOM   831 C CB  . GLU A 1 117 ? -10.152 -4.864  6.280   1.00 20.00  ? 177 GLU A CB  1 
ATOM   832 C CG  A GLU A 1 117 ? -10.552 -5.969  7.235   0.50 21.92  ? 177 GLU A CG  1 
ATOM   833 C CG  B GLU A 1 117 ? -11.079 -5.798  7.058   0.50 29.25  ? 177 GLU A CG  1 
ATOM   834 C CD  A GLU A 1 117 ? -10.465 -5.522  8.698   0.50 29.43  ? 177 GLU A CD  1 
ATOM   835 C CD  B GLU A 1 117 ? -10.501 -6.356  8.345   0.50 33.86  ? 177 GLU A CD  1 
ATOM   836 O OE1 A GLU A 1 117 ? -10.677 -4.318  8.999   0.50 25.46  ? 177 GLU A OE1 1 
ATOM   837 O OE1 B GLU A 1 117 ? -11.172 -7.220  8.965   0.50 30.98  ? 177 GLU A OE1 1 
ATOM   838 O OE2 A GLU A 1 117 ? -10.178 -6.373  9.560   0.50 40.92  ? 177 GLU A OE2 1 
ATOM   839 O OE2 B GLU A 1 117 ? -9.391  -5.948  8.734   0.50 24.07  ? 177 GLU A OE2 1 
ATOM   840 N N   . ASN A 1 118 ? -12.493 -4.444  4.186   1.00 24.58  ? 178 ASN A N   1 
ATOM   841 C CA  . ASN A 1 118 ? -13.943 -4.578  4.012   1.00 32.20  ? 178 ASN A CA  1 
ATOM   842 C C   . ASN A 1 118 ? -14.444 -3.915  2.748   1.00 40.77  ? 178 ASN A C   1 
ATOM   843 O O   . ASN A 1 118 ? -13.798 -3.003  2.233   1.00 26.98  ? 178 ASN A O   1 
ATOM   844 C CB  . ASN A 1 118 ? -14.670 -3.906  5.177   1.00 31.77  ? 178 ASN A CB  1 
ATOM   845 C CG  . ASN A 1 118 ? -14.395 -4.567  6.486   1.00 39.56  ? 178 ASN A CG  1 
ATOM   846 O OD1 . ASN A 1 118 ? -14.055 -3.900  7.469   1.00 50.55  ? 178 ASN A OD1 1 
ATOM   847 N ND2 . ASN A 1 118 ? -14.528 -5.885  6.521   1.00 47.00  ? 178 ASN A ND2 1 
ATOM   848 O OXT . ASN A 1 118 ? -15.532 -4.247  2.256   1.00 41.42  ? 178 ASN A OXT 1 
HETATM 849 S S   . SO4 B 2 .   ? 10.651  5.351   -11.593 1.00 44.55  ? 501 SO4 A S   1 
HETATM 850 O O1  . SO4 B 2 .   ? 9.291   5.550   -11.113 1.00 53.35  ? 501 SO4 A O1  1 
HETATM 851 O O2  . SO4 B 2 .   ? 10.891  3.956   -11.887 1.00 36.09  ? 501 SO4 A O2  1 
HETATM 852 O O3  . SO4 B 2 .   ? 11.625  5.714   -10.591 1.00 33.87  ? 501 SO4 A O3  1 
HETATM 853 O O4  . SO4 B 2 .   ? 10.836  6.179   -12.789 1.00 54.41  ? 501 SO4 A O4  1 
HETATM 854 S S   . SO4 C 2 .   ? 9.933   -23.180 -2.037  1.00 84.45  ? 502 SO4 A S   1 
HETATM 855 O O1  . SO4 C 2 .   ? 11.216  -23.581 -1.465  1.00 94.48  ? 502 SO4 A O1  1 
HETATM 856 O O2  . SO4 C 2 .   ? 10.147  -22.073 -2.967  1.00 86.91  ? 502 SO4 A O2  1 
HETATM 857 O O3  . SO4 C 2 .   ? 9.025   -22.781 -0.964  1.00 86.01  ? 502 SO4 A O3  1 
HETATM 858 O O4  . SO4 C 2 .   ? 9.366   -24.305 -2.768  1.00 92.00  ? 502 SO4 A O4  1 
HETATM 859 O O   . HOH D 3 .   ? -2.006  -1.257  -9.541  1.00 15.22  ? 503 HOH A O   1 
HETATM 860 O O   . HOH D 3 .   ? -2.484  -6.549  0.565   1.00 16.32  ? 504 HOH A O   1 
HETATM 861 O O   . HOH D 3 .   ? 5.815   14.801  -1.925  1.00 16.19  ? 505 HOH A O   1 
HETATM 862 O O   . HOH D 3 .   ? 0.860   1.805   -10.735 1.00 19.35  ? 506 HOH A O   1 
HETATM 863 O O   . HOH D 3 .   ? 2.085   -0.547  -9.536  1.00 18.07  ? 507 HOH A O   1 
HETATM 864 O O   . HOH D 3 .   ? -15.539 3.968   3.808   1.00 20.48  ? 508 HOH A O   1 
HETATM 865 O O   . HOH D 3 .   ? -15.269 1.409   2.810   1.00 21.49  ? 509 HOH A O   1 
HETATM 866 O O   . HOH D 3 .   ? -7.053  6.665   9.499   1.00 20.04  ? 510 HOH A O   1 
HETATM 867 O O   . HOH D 3 .   ? -3.155  -3.696  -9.806  1.00 19.06  ? 511 HOH A O   1 
HETATM 868 O O   . HOH D 3 .   ? 13.264  13.432  -1.501  1.00 21.62  ? 512 HOH A O   1 
HETATM 869 O O   . HOH D 3 .   ? -1.738  -17.436 -0.444  1.00 24.06  ? 513 HOH A O   1 
HETATM 870 O O   . HOH D 3 .   ? -3.219  -15.749 5.721   1.00 20.23  ? 514 HOH A O   1 
HETATM 871 O O   . HOH D 3 .   ? -12.559 9.071   -1.714  1.00 21.82  ? 515 HOH A O   1 
HETATM 872 O O   . HOH D 3 .   ? -14.588 7.252   10.686  1.00 23.33  ? 516 HOH A O   1 
HETATM 873 O O   . HOH D 3 .   ? -9.217  -3.293  -1.852  1.00 24.54  ? 517 HOH A O   1 
HETATM 874 O O   . HOH D 3 .   ? -9.531  9.608   -7.642  1.00 24.77  ? 518 HOH A O   1 
HETATM 875 O O   . HOH D 3 .   ? -7.377  -11.217 0.669   1.00 25.91  ? 519 HOH A O   1 
HETATM 876 O O   . HOH D 3 .   ? 6.804   1.562   8.485   1.00 26.28  ? 520 HOH A O   1 
HETATM 877 O O   . HOH D 3 .   ? 2.543   13.059  -0.663  1.00 25.33  ? 521 HOH A O   1 
HETATM 878 O O   . HOH D 3 .   ? -6.035  10.219  -1.657  1.00 26.93  ? 522 HOH A O   1 
HETATM 879 O O   . HOH D 3 .   ? 17.155  10.352  -3.158  1.00 26.34  ? 523 HOH A O   1 
HETATM 880 O O   . HOH D 3 .   ? 0.660   -5.860  -12.063 1.00 28.70  ? 524 HOH A O   1 
HETATM 881 O O   . HOH D 3 .   ? -17.054 4.593   11.005  1.00 29.05  ? 525 HOH A O   1 
HETATM 882 O O   . HOH D 3 .   ? -13.002 6.552   -4.247  1.00 30.80  ? 526 HOH A O   1 
HETATM 883 O O   . HOH D 3 .   ? 15.307  11.249  -1.398  1.00 26.07  ? 527 HOH A O   1 
HETATM 884 O O   . HOH D 3 .   ? 5.402   -15.857 3.803   1.00 26.81  ? 528 HOH A O   1 
HETATM 885 O O   . HOH D 3 .   ? -12.827 11.451  11.226  1.00 29.36  ? 529 HOH A O   1 
HETATM 886 O O   . HOH D 3 .   ? -4.816  10.439  -4.012  1.00 28.65  ? 530 HOH A O   1 
HETATM 887 O O   . HOH D 3 .   ? 10.259  -10.529 -4.105  1.00 29.97  ? 531 HOH A O   1 
HETATM 888 O O   . HOH D 3 .   ? 11.866  13.881  3.272   1.00 27.29  ? 532 HOH A O   1 
HETATM 889 O O   . HOH D 3 .   ? 4.573   -5.818  -9.943  1.00 29.50  ? 533 HOH A O   1 
HETATM 890 O O   . HOH D 3 .   ? 17.404  7.886   -6.858  1.00 32.05  ? 534 HOH A O   1 
HETATM 891 O O   . HOH D 3 .   ? 0.745   -2.716  11.272  1.00 29.42  ? 535 HOH A O   1 
HETATM 892 O O   . HOH D 3 .   ? 3.419   8.275   9.789   1.00 32.35  ? 536 HOH A O   1 
HETATM 893 O O   . HOH D 3 .   ? 7.911   -5.533  -9.824  1.00 31.54  ? 537 HOH A O   1 
HETATM 894 O O   . HOH D 3 .   ? -14.204 -2.361  -0.356  1.00 32.17  ? 538 HOH A O   1 
HETATM 895 O O   A HOH D 3 .   ? 3.759   5.314   -10.155 0.70 23.43  ? 539 HOH A O   1 
HETATM 896 O O   B HOH D 3 .   ? 2.077   5.066   -10.205 0.30 19.89  ? 539 HOH A O   1 
HETATM 897 O O   . HOH D 3 .   ? 9.798   7.683   -10.199 1.00 34.69  ? 540 HOH A O   1 
HETATM 898 O O   A HOH D 3 .   ? 5.585   7.760   -10.691 0.60 19.62  ? 541 HOH A O   1 
HETATM 899 O O   B HOH D 3 .   ? 7.397   7.815   -11.707 0.40 16.76  ? 541 HOH A O   1 
HETATM 900 O O   . HOH D 3 .   ? -1.465  10.468  -5.231  1.00 30.35  ? 542 HOH A O   1 
HETATM 901 O O   . HOH D 3 .   ? 5.724   3.893   -13.226 1.00 35.72  ? 543 HOH A O   1 
HETATM 902 O O   . HOH D 3 .   ? -4.948  13.095  2.161   1.00 37.69  ? 544 HOH A O   1 
HETATM 903 O O   . HOH D 3 .   ? 0.045   10.743  -3.291  1.00 34.30  ? 545 HOH A O   1 
HETATM 904 O O   . HOH D 3 .   ? -9.602  -7.664  1.303   1.00 34.34  ? 546 HOH A O   1 
HETATM 905 O O   A HOH D 3 .   ? 14.338  8.391   -16.249 0.50 24.73  ? 547 HOH A O   1 
HETATM 906 O O   B HOH D 3 .   ? 15.358  7.819   -15.839 0.50 19.38  ? 547 HOH A O   1 
HETATM 907 O O   . HOH D 3 .   ? 3.675   -8.333  -9.254  1.00 38.82  ? 548 HOH A O   1 
HETATM 908 O O   . HOH D 3 .   ? -10.749 -8.605  3.566   1.00 33.90  ? 549 HOH A O   1 
HETATM 909 O O   . HOH D 3 .   ? -17.181 7.819   10.264  1.00 36.43  ? 550 HOH A O   1 
HETATM 910 O O   A HOH D 3 .   ? 3.589   9.174   -12.176 0.17 10.06  ? 551 HOH A O   1 
HETATM 911 O O   B HOH D 3 .   ? 5.101   9.474   -10.687 0.50 17.47  ? 551 HOH A O   1 
HETATM 912 O O   . HOH D 3 .   ? 6.482   -13.009 0.315   1.00 36.82  ? 552 HOH A O   1 
HETATM 913 O O   . HOH D 3 .   ? -8.023  -7.449  10.148  1.00 34.80  ? 553 HOH A O   1 
HETATM 914 O O   . HOH D 3 .   ? -11.907 -2.967  -2.212  1.00 34.33  ? 554 HOH A O   1 
HETATM 915 O O   . HOH D 3 .   ? -10.348 -3.348  11.567  1.00 41.13  ? 555 HOH A O   1 
HETATM 916 O O   . HOH D 3 .   ? 6.596   -3.993  8.890   1.00 40.59  ? 556 HOH A O   1 
HETATM 917 O O   . HOH D 3 .   ? 8.524   -14.228 -6.320  1.00 39.88  ? 557 HOH A O   1 
HETATM 918 O O   . HOH D 3 .   ? -17.816 0.616   -2.869  1.00 37.50  ? 558 HOH A O   1 
HETATM 919 O O   . HOH D 3 .   ? -11.023 10.603  -5.404  1.00 38.86  ? 559 HOH A O   1 
HETATM 920 O O   . HOH D 3 .   ? 12.812  -4.925  -5.291  1.00 38.71  ? 560 HOH A O   1 
HETATM 921 O O   . HOH D 3 .   ? -0.459  -20.546 -1.470  1.00 37.46  ? 561 HOH A O   1 
HETATM 922 O O   . HOH D 3 .   ? -1.966  12.523  -6.617  1.00 37.31  ? 562 HOH A O   1 
HETATM 923 O O   . HOH D 3 .   ? -3.374  14.857  3.918   1.00 44.19  ? 563 HOH A O   1 
HETATM 924 O O   . HOH D 3 .   ? 13.037  -1.310  3.711   1.00 36.47  ? 564 HOH A O   1 
HETATM 925 O O   A HOH D 3 .   ? -0.370  -4.917  12.042  0.50 28.50  ? 565 HOH A O   1 
HETATM 926 O O   B HOH D 3 .   ? -1.957  -3.705  12.974  0.50 28.89  ? 565 HOH A O   1 
HETATM 927 O O   . HOH D 3 .   ? -18.862 3.562   4.061   1.00 41.65  ? 566 HOH A O   1 
HETATM 928 O O   A HOH D 3 .   ? -12.341 -2.321  8.669   0.60 28.74  ? 567 HOH A O   1 
HETATM 929 O O   B HOH D 3 .   ? -12.459 -1.129  9.929   0.40 23.96  ? 567 HOH A O   1 
HETATM 930 O O   . HOH D 3 .   ? 7.815   3.097   -11.232 1.00 37.33  ? 568 HOH A O   1 
HETATM 931 O O   . HOH D 3 .   ? 13.482  -0.644  -7.449  1.00 38.84  ? 569 HOH A O   1 
HETATM 932 O O   A HOH D 3 .   ? 6.417   -7.277  3.978   0.50 24.38  ? 570 HOH A O   1 
HETATM 933 O O   B HOH D 3 .   ? 8.087   -8.246  3.154   0.50 24.92  ? 570 HOH A O   1 
HETATM 934 O O   . HOH D 3 .   ? 4.145   0.148   9.459   1.00 40.06  ? 571 HOH A O   1 
HETATM 935 O O   . HOH D 3 .   ? 15.355  14.667  0.533   1.00 44.38  ? 572 HOH A O   1 
HETATM 936 O O   . HOH D 3 .   ? 7.230   -14.952 2.040   1.00 39.91  ? 573 HOH A O   1 
HETATM 937 O O   . HOH D 3 .   ? 7.641   -8.614  -9.921  1.00 40.29  ? 574 HOH A O   1 
HETATM 938 O O   . HOH D 3 .   ? -13.463 -8.937  4.861   1.00 40.07  ? 575 HOH A O   1 
HETATM 939 O O   . HOH D 3 .   ? 7.149   -7.465  6.450   1.00 41.98  ? 576 HOH A O   1 
HETATM 940 O O   . HOH D 3 .   ? -15.944 0.423   10.655  1.00 44.27  ? 577 HOH A O   1 
HETATM 941 O O   . HOH D 3 .   ? 16.491  5.459   -5.771  1.00 43.99  ? 578 HOH A O   1 
HETATM 942 O O   . HOH D 3 .   ? -5.811  12.672  -0.437  1.00 47.06  ? 579 HOH A O   1 
HETATM 943 O O   . HOH D 3 .   ? 15.255  3.213   -7.336  1.00 50.36  ? 580 HOH A O   1 
HETATM 944 O O   . HOH D 3 .   ? 13.604  2.469   -9.435  1.00 45.88  ? 581 HOH A O   1 
HETATM 945 O O   . HOH D 3 .   ? 1.451   -5.666  -14.605 1.00 47.19  ? 582 HOH A O   1 
HETATM 946 O O   . HOH D 3 .   ? 6.455   5.262   -10.978 1.00 40.15  ? 583 HOH A O   1 
HETATM 947 O O   . HOH D 3 .   ? -14.475 7.922   -5.974  1.00 51.78  ? 584 HOH A O   1 
HETATM 948 O O   . HOH D 3 .   ? 15.264  4.032   -12.690 1.00 50.40  ? 585 HOH A O   1 
HETATM 949 O O   . HOH D 3 .   ? 10.472  5.999   6.936   1.00 49.93  ? 586 HOH A O   1 
HETATM 950 O O   . HOH D 3 .   ? 11.009  -2.034  5.530   1.00 43.84  ? 587 HOH A O   1 
HETATM 951 O O   A HOH D 3 .   ? 16.422  10.431  0.813   0.50 28.00  ? 588 HOH A O   1 
HETATM 952 O O   B HOH D 3 .   ? 18.377  10.022  0.940   0.50 29.27  ? 588 HOH A O   1 
HETATM 953 O O   . HOH D 3 .   ? 8.808   -11.840 -8.207  1.00 48.94  ? 589 HOH A O   1 
HETATM 954 O O   . HOH D 3 .   ? -18.115 9.435   12.179  1.00 50.98  ? 590 HOH A O   1 
HETATM 955 O O   . HOH D 3 .   ? 5.809   -6.173  -12.331 1.00 45.93  ? 591 HOH A O   1 
HETATM 956 O O   . HOH D 3 .   ? -12.901 -6.717  0.470   1.00 58.00  ? 592 HOH A O   1 
HETATM 957 O O   . HOH D 3 .   ? 11.831  -13.206 5.662   1.00 49.08  ? 593 HOH A O   1 
HETATM 958 O O   . HOH D 3 .   ? -3.585  -16.766 -2.321  1.00 50.04  ? 594 HOH A O   1 
HETATM 959 O O   . HOH D 3 .   ? 11.069  0.709   10.454  1.00 49.28  ? 595 HOH A O   1 
HETATM 960 O O   . HOH D 3 .   ? -17.643 0.152   2.601   1.00 51.83  ? 596 HOH A O   1 
HETATM 961 O O   . HOH D 3 .   ? -15.179 13.240  3.777   1.00 55.04  ? 597 HOH A O   1 
HETATM 962 O O   . HOH D 3 .   ? -1.041  -20.191 -4.709  1.00 53.06  ? 598 HOH A O   1 
HETATM 963 O O   . HOH D 3 .   ? 3.870   -2.335  10.201  1.00 50.60  ? 599 HOH A O   1 
HETATM 964 O O   . HOH D 3 .   ? 12.277  9.146   -17.569 1.00 50.41  ? 600 HOH A O   1 
HETATM 965 O O   . HOH D 3 .   ? -18.306 -0.153  -0.477  1.00 49.62  ? 601 HOH A O   1 
HETATM 966 O O   . HOH D 3 .   ? 1.104   15.294  -4.593  1.00 54.68  ? 602 HOH A O   1 
HETATM 967 O O   . HOH D 3 .   ? -14.684 -1.804  -5.297  1.00 54.71  ? 603 HOH A O   1 
HETATM 968 O O   . HOH D 3 .   ? -15.233 8.835   -2.335  1.00 48.93  ? 604 HOH A O   1 
HETATM 969 O O   . HOH D 3 .   ? 15.480  -6.420  0.354   1.00 61.21  ? 605 HOH A O   1 
HETATM 970 O O   . HOH D 3 .   ? -17.898 12.752  3.625   1.00 56.15  ? 606 HOH A O   1 
HETATM 971 O O   . HOH D 3 .   ? 1.670   13.408  -2.975  1.00 56.23  ? 607 HOH A O   1 
# 
loop_
_atom_site_anisotrop.id 
_atom_site_anisotrop.type_symbol 
_atom_site_anisotrop.pdbx_label_atom_id 
_atom_site_anisotrop.pdbx_label_alt_id 
_atom_site_anisotrop.pdbx_label_comp_id 
_atom_site_anisotrop.pdbx_label_asym_id 
_atom_site_anisotrop.pdbx_label_seq_id 
_atom_site_anisotrop.pdbx_PDB_ins_code 
_atom_site_anisotrop.U[1][1] 
_atom_site_anisotrop.U[2][2] 
_atom_site_anisotrop.U[3][3] 
_atom_site_anisotrop.U[1][2] 
_atom_site_anisotrop.U[1][3] 
_atom_site_anisotrop.U[2][3] 
_atom_site_anisotrop.pdbx_auth_seq_id 
_atom_site_anisotrop.pdbx_auth_comp_id 
_atom_site_anisotrop.pdbx_auth_asym_id 
_atom_site_anisotrop.pdbx_auth_atom_id 
1   N N   . PCA A 1   ? 0.5544 0.5255 0.3796 0.0093  -0.0419 0.0280  61  PCA A N   
2   C CA  . PCA A 1   ? 0.5482 0.5261 0.3911 0.0019  -0.0478 0.0202  61  PCA A CA  
3   C CB  . PCA A 1   ? 0.4657 0.4262 0.3026 -0.0011 -0.0382 0.0088  61  PCA A CB  
4   C CG  . PCA A 1   ? 0.3861 0.3331 0.2065 0.0057  -0.0250 0.0096  61  PCA A CG  
5   C CD  . PCA A 1   ? 0.6277 0.5817 0.4423 0.0106  -0.0275 0.0211  61  PCA A CD  
6   O OE  . PCA A 1   ? 0.7366 0.6837 0.5406 0.0157  -0.0170 0.0259  61  PCA A OE  
7   C C   . PCA A 1   ? 0.8625 0.8511 0.6968 -0.0080 -0.0648 0.0171  61  PCA A C   
8   O O   . PCA A 1   ? 0.7441 0.7401 0.5620 -0.0076 -0.0748 0.0231  61  PCA A O   
9   N N   . GLY A 2   ? 0.9186 0.9081 0.7632 -0.0179 -0.0683 0.0086  62  GLY A N   
10  C CA  . GLY A 2   ? 0.9340 0.9343 0.7732 -0.0319 -0.0846 0.0042  62  GLY A CA  
11  C C   . GLY A 2   ? 1.0346 1.0611 0.9111 -0.0364 -0.0906 0.0086  62  GLY A C   
12  O O   . GLY A 2   ? 1.0810 1.1096 0.9611 -0.0510 -0.0970 0.0014  62  GLY A O   
13  N N   . ASN A 18  ? 1.1980 0.9159 1.0193 -0.1357 0.0635  -0.0526 78  ASN A N   
14  C CA  . ASN A 18  ? 1.3312 1.0725 1.1722 -0.1488 0.0579  -0.0442 78  ASN A CA  
15  C C   . ASN A 18  ? 1.1895 0.9876 1.0525 -0.1550 0.0407  -0.0412 78  ASN A C   
16  O O   . ASN A 18  ? 0.7583 0.5812 0.6279 -0.1401 0.0340  -0.0398 78  ASN A O   
17  C CB  . ASN A 18  ? 1.3583 1.0974 1.2134 -0.1296 0.0666  -0.0291 78  ASN A CB  
18  C CG  . ASN A 18  ? 1.4291 1.1123 1.2647 -0.1230 0.0840  -0.0285 78  ASN A CG  
19  O OD1 . ASN A 18  ? 1.5142 1.1779 1.3487 -0.1305 0.0916  -0.0218 78  ASN A OD1 
20  N ND2 . ASN A 18  ? 1.3022 0.9591 1.1224 -0.1078 0.0919  -0.0341 78  ASN A ND2 
21  N N   . ILE A 19  ? 1.1627 0.9814 1.0385 -0.1765 0.0346  -0.0391 79  ILE A N   
22  C CA  . ILE A 19  ? 1.1014 0.9762 1.0012 -0.1814 0.0194  -0.0345 79  ILE A CA  
23  C C   . ILE A 19  ? 0.9936 0.8986 0.9163 -0.1561 0.0196  -0.0215 79  ILE A C   
24  O O   . ILE A 19  ? 0.9853 0.8830 0.9151 -0.1469 0.0290  -0.0127 79  ILE A O   
25  C CB  . ILE A 19  ? 1.1778 1.0734 1.0910 -0.2111 0.0135  -0.0339 79  ILE A CB  
26  C CG1 . ILE A 19  ? 1.2639 1.2200 1.2015 -0.2151 -0.0036 -0.0292 79  ILE A CG1 
27  C CG2 . ILE A 19  ? 1.1310 1.0223 1.0590 -0.2120 0.0254  -0.0230 79  ILE A CG2 
28  C CD1 . ILE A 19  ? 1.4011 1.3623 1.3207 -0.2230 -0.0175 -0.0395 79  ILE A CD1 
29  N N   . GLY A 20  ? 0.5525 0.4874 0.4826 -0.1454 0.0095  -0.0204 80  GLY A N   
30  C CA  . GLY A 20  ? 0.3927 0.3515 0.3400 -0.1231 0.0095  -0.0105 80  GLY A CA  
31  C C   . GLY A 20  ? 0.3243 0.2638 0.2607 -0.1021 0.0139  -0.0114 80  GLY A C   
32  O O   . GLY A 20  ? 0.3501 0.3089 0.2964 -0.0868 0.0110  -0.0061 80  GLY A O   
33  N N   . GLN A 21  ? 0.3217 0.2235 0.2384 -0.1014 0.0217  -0.0179 81  GLN A N   
34  C CA  . GLN A 21  ? 0.2616 0.1520 0.1740 -0.0808 0.0265  -0.0166 81  GLN A CA  
35  C C   . GLN A 21  ? 0.3294 0.2255 0.2336 -0.0786 0.0212  -0.0227 81  GLN A C   
36  O O   . GLN A 21  ? 0.3574 0.2460 0.2464 -0.0928 0.0183  -0.0313 81  GLN A O   
37  C CB  . GLN A 21  ? 0.3559 0.2059 0.2543 -0.0761 0.0394  -0.0183 81  GLN A CB  
38  C CG  . GLN A 21  ? 0.4087 0.2504 0.3131 -0.0736 0.0457  -0.0092 81  GLN A CG  
39  C CD  . GLN A 21  ? 0.5211 0.3193 0.4101 -0.0702 0.0589  -0.0096 81  GLN A CD  
40  O OE1 . GLN A 21  ? 0.5450 0.3166 0.4175 -0.0717 0.0646  -0.0188 81  GLN A OE1 
41  N NE2 . GLN A 21  ? 0.4998 0.2876 0.3915 -0.0651 0.0652  0.0008  81  GLN A NE2 
42  N N   . VAL A 22  ? 0.2515 0.1598 0.1634 -0.0625 0.0202  -0.0182 82  VAL A N   
43  C CA  . VAL A 22  ? 0.2344 0.1453 0.1380 -0.0588 0.0181  -0.0221 82  VAL A CA  
44  C C   . VAL A 22  ? 0.2523 0.1506 0.1555 -0.0438 0.0269  -0.0210 82  VAL A C   
45  O O   . VAL A 22  ? 0.2598 0.1608 0.1753 -0.0332 0.0292  -0.0144 82  VAL A O   
46  C CB  . VAL A 22  ? 0.2391 0.1809 0.1536 -0.0559 0.0076  -0.0169 82  VAL A CB  
47  C CG1 . VAL A 22  ? 0.2765 0.2374 0.1960 -0.0691 -0.0012 -0.0161 82  VAL A CG1 
48  C CG2 . VAL A 22  ? 0.1933 0.1473 0.1239 -0.0425 0.0077  -0.0090 82  VAL A CG2 
49  N N   . ASP A 23  ? 0.2551 0.1417 0.1441 -0.0432 0.0315  -0.0269 83  ASP A N   
50  C CA  . ASP A 23  ? 0.2409 0.1198 0.1326 -0.0294 0.0415  -0.0254 83  ASP A CA  
51  C C   . ASP A 23  ? 0.2579 0.1622 0.1651 -0.0219 0.0357  -0.0187 83  ASP A C   
52  O O   . ASP A 23  ? 0.2447 0.1597 0.1469 -0.0263 0.0299  -0.0193 83  ASP A O   
53  C CB  . ASP A 23  ? 0.2826 0.1409 0.1508 -0.0331 0.0500  -0.0346 83  ASP A CB  
54  C CG  . ASP A 23  ? 0.3374 0.1913 0.2091 -0.0190 0.0626  -0.0328 83  ASP A CG  
55  O OD1 . ASP A 23  ? 0.3131 0.1824 0.2078 -0.0069 0.0635  -0.0241 83  ASP A OD1 
56  O OD2 . ASP A 23  ? 0.3752 0.2104 0.2261 -0.0196 0.0731  -0.0402 83  ASP A OD2 
57  N N   . ILE A 24  ? 0.2034 0.1160 0.1277 -0.0113 0.0369  -0.0118 84  ILE A N   
58  C CA  . ILE A 24  ? 0.1766 0.1101 0.1144 -0.0069 0.0313  -0.0066 84  ILE A CA  
59  C C   . ILE A 24  ? 0.1770 0.1148 0.1242 0.0013  0.0388  -0.0039 84  ILE A C   
60  O O   . ILE A 24  ? 0.1731 0.1276 0.1338 0.0033  0.0345  0.0007  84  ILE A O   
61  C CB  . ILE A 24  ? 0.1869 0.1317 0.1355 -0.0051 0.0234  -0.0013 84  ILE A CB  
62  C CG1 . ILE A 24  ? 0.1813 0.1207 0.1360 0.0021  0.0269  0.0031  84  ILE A CG1 
63  C CG2 . ILE A 24  ? 0.1903 0.1374 0.1331 -0.0129 0.0175  -0.0029 84  ILE A CG2 
64  C CD1 . ILE A 24  ? 0.1787 0.1305 0.1406 0.0050  0.0192  0.0089  84  ILE A CD1 
65  N N   . ASP A 25  ? 0.1941 0.1167 0.1339 0.0050  0.0509  -0.0073 85  ASP A N   
66  C CA  . ASP A 25  ? 0.2227 0.1527 0.1749 0.0144  0.0609  -0.0037 85  ASP A CA  
67  C C   . ASP A 25  ? 0.2135 0.1581 0.1683 0.0101  0.0599  -0.0027 85  ASP A C   
68  O O   . ASP A 25  ? 0.2098 0.1716 0.1838 0.0148  0.0634  0.0031  85  ASP A O   
69  C CB  . ASP A 25  ? 0.2321 0.1387 0.1712 0.0205  0.0775  -0.0085 85  ASP A CB  
70  C CG  . ASP A 25  ? 0.2707 0.1641 0.2152 0.0309  0.0834  -0.0052 85  ASP A CG  
71  O OD1 . ASP A 25  ? 0.2604 0.1674 0.2208 0.0343  0.0743  0.0025  85  ASP A OD1 
72  O OD2 . ASP A 25  ? 0.3350 0.2012 0.2654 0.0365  0.0981  -0.0098 85  ASP A OD2 
73  N N   . SER A 26  ? 0.1899 0.1288 0.1266 0.0005  0.0548  -0.0068 86  SER A N   
74  C CA  . SER A 26  ? 0.1959 0.1443 0.1326 -0.0028 0.0556  -0.0042 86  SER A CA  
75  C C   . SER A 26  ? 0.1760 0.1436 0.1347 -0.0031 0.0484  0.0026  86  SER A C   
76  O O   . SER A 26  ? 0.2345 0.2111 0.2009 -0.0051 0.0529  0.0063  86  SER A O   
77  C CB  A SER A 26  ? 0.1903 0.1319 0.1050 -0.0111 0.0484  -0.0067 86  SER A CB  
78  C CB  B SER A 26  ? 0.3581 0.2991 0.2719 -0.0110 0.0495  -0.0069 86  SER A CB  
79  O OG  A SER A 26  ? 0.2370 0.1846 0.1565 -0.0136 0.0354  -0.0051 86  SER A OG  
80  O OG  B SER A 26  ? 0.2528 0.1974 0.1627 -0.0131 0.0535  -0.0030 86  SER A OG  
81  N N   . VAL A 27  ? 0.1608 0.1325 0.1265 -0.0030 0.0379  0.0036  87  VAL A N   
82  C CA  . VAL A 27  ? 0.1532 0.1388 0.1340 -0.0051 0.0301  0.0077  87  VAL A CA  
83  C C   . VAL A 27  ? 0.1534 0.1536 0.1543 0.0008  0.0299  0.0119  87  VAL A C   
84  O O   . VAL A 27  ? 0.1620 0.1792 0.1798 -0.0015 0.0288  0.0159  87  VAL A O   
85  C CB  . VAL A 27  ? 0.1513 0.1324 0.1241 -0.0079 0.0198  0.0065  87  VAL A CB  
86  C CG1 . VAL A 27  ? 0.1618 0.1507 0.1437 -0.0109 0.0127  0.0086  87  VAL A CG1 
87  C CG2 . VAL A 27  ? 0.1722 0.1441 0.1289 -0.0115 0.0194  0.0055  87  VAL A CG2 
88  N N   . ILE A 28  ? 0.1617 0.1560 0.1615 0.0077  0.0306  0.0119  88  ILE A N   
89  C CA  . ILE A 28  ? 0.1688 0.1780 0.1870 0.0155  0.0292  0.0185  88  ILE A CA  
90  C C   . ILE A 28  ? 0.1765 0.2011 0.2139 0.0216  0.0393  0.0232  88  ILE A C   
91  O O   . ILE A 28  ? 0.1738 0.2245 0.2343 0.0229  0.0341  0.0303  88  ILE A O   
92  C CB  . ILE A 28  ? 0.1482 0.1431 0.1592 0.0233  0.0308  0.0195  88  ILE A CB  
93  C CG1 . ILE A 28  ? 0.1608 0.1445 0.1559 0.0167  0.0228  0.0158  88  ILE A CG1 
94  C CG2 . ILE A 28  ? 0.2071 0.2193 0.2369 0.0333  0.0279  0.0292  88  ILE A CG2 
95  C CD1 . ILE A 28  ? 0.1795 0.1755 0.1767 0.0119  0.0106  0.0173  88  ILE A CD1 
96  N N   . LEU A 29  ? 0.1483 0.1595 0.1769 0.0248  0.0534  0.0197  89  LEU A N   
97  C CA  . LEU A 29  ? 0.1474 0.1723 0.1935 0.0325  0.0670  0.0242  89  LEU A CA  
98  C C   . LEU A 29  ? 0.1396 0.1752 0.1892 0.0232  0.0713  0.0242  89  LEU A C   
99  O O   . LEU A 29  ? 0.2086 0.2571 0.2726 0.0282  0.0849  0.0282  89  LEU A O   
100 C CB  . LEU A 29  ? 0.1803 0.1799 0.2111 0.0429  0.0836  0.0202  89  LEU A CB  
101 C CG  . LEU A 29  ? 0.2210 0.2039 0.2466 0.0516  0.0822  0.0210  89  LEU A CG  
102 C CD1 . LEU A 29  ? 0.2867 0.2382 0.2933 0.0595  0.1004  0.0152  89  LEU A CD1 
103 C CD2 . LEU A 29  ? 0.2747 0.2831 0.3288 0.0629  0.0768  0.0333  89  LEU A CD2 
104 N N   . GLY A 30  ? 0.1678 0.1971 0.2042 0.0105  0.0611  0.0207  90  GLY A N   
105 C CA  . GLY A 30  ? 0.1548 0.1891 0.1911 0.0007  0.0647  0.0218  90  GLY A CA  
106 C C   . GLY A 30  ? 0.1702 0.2328 0.2350 -0.0062 0.0586  0.0284  90  GLY A C   
107 O O   . GLY A 30  ? 0.1639 0.2415 0.2438 -0.0050 0.0471  0.0310  90  GLY A O   
108 N N   . ARG A 31  ? 0.1503 0.2204 0.2212 -0.0149 0.0659  0.0315  91  ARG A N   
109 C CA  . ARG A 31  ? 0.1475 0.2417 0.2426 -0.0270 0.0589  0.0365  91  ARG A CA  
110 C C   . ARG A 31  ? 0.1525 0.2314 0.2326 -0.0380 0.0426  0.0318  91  ARG A C   
111 O O   . ARG A 31  ? 0.1510 0.2023 0.2036 -0.0358 0.0402  0.0265  91  ARG A O   
112 C CB  . ARG A 31  ? 0.1529 0.2520 0.2532 -0.0361 0.0724  0.0406  91  ARG A CB  
113 C CG  . ARG A 31  ? 0.1467 0.2695 0.2699 -0.0268 0.0903  0.0468  91  ARG A CG  
114 C CD  . ARG A 31  ? 0.2304 0.3521 0.3509 -0.0350 0.1068  0.0507  91  ARG A CD  
115 N NE  . ARG A 31  ? 0.2217 0.3061 0.3003 -0.0316 0.1144  0.0452  91  ARG A NE  
116 C CZ  . ARG A 31  ? 0.2404 0.3158 0.3048 -0.0352 0.1308  0.0482  91  ARG A CZ  
117 N NH1 . ARG A 31  ? 0.2596 0.3597 0.3500 -0.0429 0.1429  0.0567  91  ARG A NH1 
118 N NH2 . ARG A 31  ? 0.3191 0.3627 0.3431 -0.0318 0.1347  0.0435  91  ARG A NH2 
119 N N   . PRO A 32  ? 0.1220 0.2185 0.2189 -0.0498 0.0315  0.0336  92  PRO A N   
120 C CA  . PRO A 32  ? 0.1346 0.2096 0.2122 -0.0615 0.0199  0.0279  92  PRO A CA  
121 C C   . PRO A 32  ? 0.1263 0.1716 0.1808 -0.0660 0.0286  0.0267  92  PRO A C   
122 O O   . PRO A 32  ? 0.1405 0.1899 0.2008 -0.0693 0.0411  0.0315  92  PRO A O   
123 C CB  . PRO A 32  ? 0.1944 0.2937 0.2946 -0.0782 0.0111  0.0302  92  PRO A CB  
124 C CG  . PRO A 32  ? 0.2078 0.3475 0.3400 -0.0686 0.0098  0.0373  92  PRO A CG  
125 C CD  . PRO A 32  ? 0.1468 0.2841 0.2805 -0.0531 0.0287  0.0406  92  PRO A CD  
126 N N   . GLY A 33  ? 0.1566 0.1739 0.1857 -0.0648 0.0224  0.0216  93  GLY A N   
127 C CA  . GLY A 33  ? 0.1757 0.1653 0.1818 -0.0650 0.0287  0.0224  93  GLY A CA  
128 C C   . GLY A 33  ? 0.1815 0.1612 0.1709 -0.0507 0.0303  0.0210  93  GLY A C   
129 O O   . GLY A 33  ? 0.1792 0.1375 0.1478 -0.0477 0.0297  0.0212  93  GLY A O   
130 N N   . ALA A 34  ? 0.1371 0.1318 0.1351 -0.0419 0.0321  0.0201  94  ALA A N   
131 C CA  . ALA A 34  ? 0.1657 0.1506 0.1470 -0.0321 0.0341  0.0179  94  ALA A CA  
132 C C   . ALA A 34  ? 0.1775 0.1495 0.1453 -0.0287 0.0244  0.0149  94  ALA A C   
133 O O   . ALA A 34  ? 0.1571 0.1313 0.1302 -0.0294 0.0168  0.0127  94  ALA A O   
134 C CB  . ALA A 34  ? 0.1730 0.1707 0.1650 -0.0241 0.0383  0.0165  94  ALA A CB  
135 N N   . ILE A 35  ? 0.1792 0.1396 0.1290 -0.0249 0.0247  0.0154  95  ILE A N   
136 C CA  . ILE A 35  ? 0.1727 0.1258 0.1137 -0.0205 0.0171  0.0144  95  ILE A CA  
137 C C   . ILE A 35  ? 0.1832 0.1376 0.1138 -0.0163 0.0161  0.0138  95  ILE A C   
138 O O   . ILE A 35  ? 0.1999 0.1526 0.1203 -0.0177 0.0210  0.0147  95  ILE A O   
139 C CB  A ILE A 35  ? 0.2694 0.2068 0.2012 -0.0219 0.0167  0.0183  95  ILE A CB  
140 C CB  B ILE A 35  ? 0.1907 0.1278 0.1212 -0.0211 0.0165  0.0187  95  ILE A CB  
141 C CG1 A ILE A 35  ? 0.2336 0.1642 0.1597 -0.0149 0.0113  0.0180  95  ILE A CG1 
142 C CG1 B ILE A 35  ? 0.3582 0.2879 0.2758 -0.0220 0.0224  0.0248  95  ILE A CG1 
143 C CG2 A ILE A 35  ? 0.2071 0.1368 0.1262 -0.0227 0.0225  0.0245  95  ILE A CG2 
144 C CG2 B ILE A 35  ? 0.1817 0.1121 0.1182 -0.0282 0.0163  0.0172  95  ILE A CG2 
145 C CD1 A ILE A 35  ? 0.2430 0.1530 0.1620 -0.0162 0.0128  0.0194  95  ILE A CD1 
146 C CD1 B ILE A 35  ? 0.3328 0.2447 0.2368 -0.0178 0.0216  0.0315  95  ILE A CD1 
147 N N   . GLY A 36  ? 0.1646 0.1223 0.0961 -0.0126 0.0101  0.0120  96  GLY A N   
148 C CA  . GLY A 36  ? 0.1941 0.1562 0.1178 -0.0117 0.0069  0.0116  96  GLY A CA  
149 C C   . GLY A 36  ? 0.1822 0.1494 0.1098 -0.0073 0.0009  0.0135  96  GLY A C   
150 O O   . GLY A 36  ? 0.1821 0.1469 0.1161 -0.0043 0.0007  0.0130  96  GLY A O   
151 N N   . SER A 37  ? 0.1713 0.1472 0.0947 -0.0069 -0.0038 0.0157  97  SER A N   
152 C CA  . SER A 37  ? 0.1523 0.1393 0.0843 -0.0021 -0.0079 0.0187  97  SER A CA  
153 C C   . SER A 37  ? 0.1696 0.1720 0.1030 -0.0080 -0.0133 0.0179  97  SER A C   
154 O O   . SER A 37  ? 0.1712 0.1768 0.0939 -0.0131 -0.0173 0.0183  97  SER A O   
155 C CB  . SER A 37  ? 0.2023 0.1884 0.1321 0.0068  -0.0091 0.0270  97  SER A CB  
156 O OG  . SER A 37  ? 0.2142 0.2103 0.1546 0.0144  -0.0096 0.0301  97  SER A OG  
157 N N   . TRP A 38  ? 0.1644 0.1754 0.1090 -0.0088 -0.0133 0.0165  98  TRP A N   
158 C CA  . TRP A 38  ? 0.1547 0.1795 0.1030 -0.0181 -0.0177 0.0149  98  TRP A CA  
159 C C   . TRP A 38  ? 0.1615 0.2089 0.1264 -0.0134 -0.0202 0.0218  98  TRP A C   
160 O O   . TRP A 38  ? 0.1758 0.2209 0.1478 -0.0045 -0.0146 0.0239  98  TRP A O   
161 C CB  . TRP A 38  ? 0.1809 0.1937 0.1291 -0.0242 -0.0123 0.0083  98  TRP A CB  
162 C CG  . TRP A 38  ? 0.1871 0.1805 0.1222 -0.0282 -0.0080 0.0017  98  TRP A CG  
163 C CD1 . TRP A 38  ? 0.2083 0.1927 0.1318 -0.0383 -0.0073 -0.0045 98  TRP A CD1 
164 C CD2 . TRP A 38  ? 0.1589 0.1397 0.0918 -0.0219 -0.0023 0.0010  98  TRP A CD2 
165 N NE1 . TRP A 38  ? 0.2093 0.1755 0.1232 -0.0360 0.0003  -0.0088 98  TRP A NE1 
166 C CE2 . TRP A 38  ? 0.1928 0.1601 0.1153 -0.0263 0.0031  -0.0048 98  TRP A CE2 
167 C CE3 . TRP A 38  ? 0.1635 0.1433 0.1025 -0.0143 -0.0009 0.0041  98  TRP A CE3 
168 C CZ2 . TRP A 38  ? 0.1842 0.1427 0.1066 -0.0215 0.0102  -0.0055 98  TRP A CZ2 
169 C CZ3 . TRP A 38  ? 0.1769 0.1485 0.1154 -0.0129 0.0039  0.0028  98  TRP A CZ3 
170 C CH2 . TRP A 38  ? 0.1708 0.1348 0.1036 -0.0156 0.0097  -0.0011 98  TRP A CH2 
171 N N   . GLU A 39  ? 0.1633 0.2336 0.1339 -0.0200 -0.0282 0.0253  99  GLU A N   
172 C CA  . GLU A 39  ? 0.1314 0.2292 0.1235 -0.0182 -0.0292 0.0319  99  GLU A CA  
173 C C   . GLU A 39  ? 0.1883 0.2869 0.1842 -0.0338 -0.0278 0.0260  99  GLU A C   
174 O O   . GLU A 39  ? 0.2228 0.3259 0.2129 -0.0496 -0.0348 0.0218  99  GLU A O   
175 C CB  . GLU A 39  ? 0.1688 0.2978 0.1708 -0.0157 -0.0395 0.0418  99  GLU A CB  
176 C CG  . GLU A 39  ? 0.1909 0.3138 0.1881 0.0024  -0.0384 0.0499  99  GLU A CG  
177 C CD  . GLU A 39  ? 0.2979 0.4508 0.3028 0.0080  -0.0492 0.0625  99  GLU A CD  
178 O OE1 . GLU A 39  ? 0.3090 0.4936 0.3251 -0.0037 -0.0598 0.0649  99  GLU A OE1 
179 O OE2 . GLU A 39  ? 0.2967 0.4419 0.2965 0.0239  -0.0476 0.0709  99  GLU A OE2 
180 N N   . LEU A 40  ? 0.1686 0.2603 0.1709 -0.0304 -0.0187 0.0255  100 LEU A N   
181 C CA  . LEU A 40  ? 0.1709 0.2569 0.1741 -0.0446 -0.0153 0.0211  100 LEU A CA  
182 C C   . LEU A 40  ? 0.1678 0.2860 0.1922 -0.0541 -0.0177 0.0268  100 LEU A C   
183 O O   . LEU A 40  ? 0.2212 0.3378 0.2454 -0.0722 -0.0185 0.0230  100 LEU A O   
184 C CB  . LEU A 40  ? 0.1764 0.2398 0.1741 -0.0380 -0.0050 0.0194  100 LEU A CB  
185 C CG  . LEU A 40  ? 0.1824 0.2179 0.1629 -0.0322 -0.0034 0.0138  100 LEU A CG  
186 C CD1 . LEU A 40  ? 0.2354 0.2549 0.2120 -0.0263 0.0042  0.0140  100 LEU A CD1 
187 C CD2 . LEU A 40  ? 0.2051 0.2249 0.1725 -0.0432 -0.0057 0.0066  100 LEU A CD2 
188 N N   . ASN A 41  ? 0.1659 0.3128 0.2095 -0.0423 -0.0173 0.0364  101 ASN A N   
189 C CA  . ASN A 41  ? 0.1677 0.3567 0.2376 -0.0508 -0.0218 0.0442  101 ASN A CA  
190 C C   . ASN A 41  ? 0.1741 0.3922 0.2607 -0.0320 -0.0241 0.0555  101 ASN A C   
191 O O   . ASN A 41  ? 0.1891 0.3891 0.2620 -0.0166 -0.0238 0.0555  101 ASN A O   
192 C CB  . ASN A 41  ? 0.1705 0.3657 0.2541 -0.0576 -0.0106 0.0465  101 ASN A CB  
193 C CG  . ASN A 41  ? 0.1803 0.3715 0.2675 -0.0370 0.0036  0.0516  101 ASN A CG  
194 O OD1 . ASN A 41  ? 0.1782 0.3670 0.2625 -0.0179 0.0049  0.0543  101 ASN A OD1 
195 N ND2 . ASN A 41  ? 0.1585 0.3452 0.2484 -0.0415 0.0150  0.0528  101 ASN A ND2 
196 N N   . ASN A 42  ? 0.1606 0.4232 0.2776 -0.0329 -0.0257 0.0660  102 ASN A N   
197 C CA  . ASN A 42  ? 0.1900 0.4831 0.3257 -0.0125 -0.0275 0.0790  102 ASN A CA  
198 C C   . ASN A 42  ? 0.2809 0.5540 0.4125 0.0138  -0.0113 0.0818  102 ASN A C   
199 O O   . ASN A 42  ? 0.2224 0.5044 0.3601 0.0341  -0.0106 0.0908  102 ASN A O   
200 C CB  . ASN A 42  ? 0.1920 0.5442 0.3668 -0.0187 -0.0322 0.0913  102 ASN A CB  
201 C CG  . ASN A 42  ? 0.4788 0.8561 0.6563 -0.0432 -0.0528 0.0901  102 ASN A CG  
202 O OD1 . ASN A 42  ? 0.4080 0.7624 0.5582 -0.0488 -0.0638 0.0831  102 ASN A OD1 
203 N ND2 . ASN A 42  ? 0.4575 0.8824 0.6671 -0.0589 -0.0577 0.0969  102 ASN A ND2 
204 N N   . PHE A 43  ? 0.1538 0.3970 0.2718 0.0131  0.0014  0.0741  103 PHE A N   
205 C CA  . PHE A 43  ? 0.1652 0.3898 0.2765 0.0344  0.0172  0.0751  103 PHE A CA  
206 C C   . PHE A 43  ? 0.1572 0.3317 0.2342 0.0379  0.0188  0.0641  103 PHE A C   
207 O O   . PHE A 43  ? 0.1772 0.3316 0.2430 0.0550  0.0276  0.0638  103 PHE A O   
208 C CB  . PHE A 43  ? 0.1194 0.3517 0.2401 0.0319  0.0316  0.0763  103 PHE A CB  
209 C CG  . PHE A 43  ? 0.1763 0.4621 0.3354 0.0274  0.0326  0.0881  103 PHE A CG  
210 C CD1 . PHE A 43  ? 0.2008 0.5184 0.3844 0.0481  0.0396  0.1005  103 PHE A CD1 
211 C CD2 . PHE A 43  ? 0.2346 0.5385 0.4060 0.0021  0.0269  0.0872  103 PHE A CD2 
212 C CE1 . PHE A 43  ? 0.2142 0.5889 0.4390 0.0440  0.0401  0.1133  103 PHE A CE1 
213 C CE2 . PHE A 43  ? 0.2624 0.6198 0.4721 -0.0057 0.0269  0.0985  103 PHE A CE2 
214 C CZ  . PHE A 43  ? 0.2915 0.6877 0.5301 0.0154  0.0330  0.1120  103 PHE A CZ  
215 N N   . ILE A 44  ? 0.1283 0.2830 0.1895 0.0215  0.0110  0.0551  104 ILE A N   
216 C CA  . ILE A 44  ? 0.1348 0.2494 0.1694 0.0225  0.0135  0.0456  104 ILE A CA  
217 C C   . ILE A 44  ? 0.1729 0.2725 0.1942 0.0171  0.0032  0.0411  104 ILE A C   
218 O O   . ILE A 44  ? 0.1656 0.2723 0.1878 0.0031  -0.0050 0.0389  104 ILE A O   
219 C CB  . ILE A 44  ? 0.1390 0.2407 0.1663 0.0116  0.0181  0.0404  104 ILE A CB  
220 C CG1 . ILE A 44  ? 0.1442 0.2560 0.1791 0.0191  0.0312  0.0453  104 ILE A CG1 
221 C CG2 . ILE A 44  ? 0.1586 0.2256 0.1622 0.0112  0.0171  0.0321  104 ILE A CG2 
222 C CD1 . ILE A 44  ? 0.1878 0.2897 0.2160 0.0090  0.0371  0.0435  104 ILE A CD1 
223 N N   . THR A 45  ? 0.1505 0.2279 0.1577 0.0275  0.0049  0.0394  105 THR A N   
224 C CA  . THR A 45  ? 0.1150 0.1745 0.1080 0.0232  -0.0013 0.0353  105 THR A CA  
225 C C   . THR A 45  ? 0.1749 0.2062 0.1523 0.0214  0.0027  0.0272  105 THR A C   
226 O O   . THR A 45  ? 0.1952 0.2140 0.1665 0.0293  0.0093  0.0260  105 THR A O   
227 C CB  . THR A 45  ? 0.1687 0.2254 0.1593 0.0359  -0.0018 0.0418  105 THR A CB  
228 O OG1 . THR A 45  ? 0.2413 0.3298 0.2483 0.0394  -0.0072 0.0517  105 THR A OG1 
229 C CG2 . THR A 45  ? 0.2195 0.2589 0.1946 0.0303  -0.0070 0.0390  105 THR A CG2 
230 N N   . ILE A 46  ? 0.1427 0.1647 0.1134 0.0112  -0.0010 0.0219  106 ILE A N   
231 C CA  . ILE A 46  ? 0.1708 0.1729 0.1314 0.0095  0.0010  0.0162  106 ILE A CA  
232 C C   . ILE A 46  ? 0.1909 0.1823 0.1445 0.0072  -0.0015 0.0145  106 ILE A C   
233 O O   . ILE A 46  ? 0.1794 0.1742 0.1319 0.0015  -0.0041 0.0140  106 ILE A O   
234 C CB  . ILE A 46  ? 0.1682 0.1693 0.1296 0.0020  0.0016  0.0133  106 ILE A CB  
235 C CG1 . ILE A 46  ? 0.1966 0.2075 0.1642 0.0024  0.0056  0.0161  106 ILE A CG1 
236 C CG2 . ILE A 46  ? 0.1881 0.1748 0.1425 0.0020  0.0018  0.0098  106 ILE A CG2 
237 C CD1 . ILE A 46  ? 0.2177 0.2214 0.1786 0.0103  0.0106  0.0163  106 ILE A CD1 
238 N N   . GLY A 47  ? 0.1697 0.1465 0.1162 0.0107  0.0003  0.0133  107 GLY A N   
239 C CA  . GLY A 47  ? 0.1816 0.1486 0.1234 0.0064  -0.0004 0.0120  107 GLY A CA  
240 C C   . GLY A 47  ? 0.2163 0.1803 0.1596 0.0012  -0.0006 0.0076  107 GLY A C   
241 O O   . GLY A 47  ? 0.2253 0.1875 0.1671 0.0022  -0.0010 0.0057  107 GLY A O   
242 N N   . LEU A 48  ? 0.1714 0.1366 0.1172 -0.0037 -0.0001 0.0070  108 LEU A N   
243 C CA  . LEU A 48  ? 0.1552 0.1223 0.1070 -0.0068 -0.0004 0.0053  108 LEU A CA  
244 C C   . LEU A 48  ? 0.1772 0.1411 0.1304 -0.0117 0.0011  0.0059  108 LEU A C   
245 O O   . LEU A 48  ? 0.1767 0.1379 0.1261 -0.0125 0.0045  0.0078  108 LEU A O   
246 C CB  . LEU A 48  ? 0.1550 0.1283 0.1129 -0.0066 0.0020  0.0051  108 LEU A CB  
247 C CG  . LEU A 48  ? 0.1616 0.1358 0.1182 -0.0044 0.0018  0.0051  108 LEU A CG  
248 C CD1 . LEU A 48  ? 0.1608 0.1327 0.1197 -0.0045 0.0064  0.0044  108 LEU A CD1 
249 C CD2 . LEU A 48  ? 0.1696 0.1445 0.1253 -0.0019 -0.0011 0.0060  108 LEU A CD2 
250 N N   . ASN A 49  ? 0.1486 0.1138 0.1061 -0.0163 -0.0017 0.0047  109 ASN A N   
251 C CA  . ASN A 49  ? 0.1631 0.1270 0.1246 -0.0239 0.0003  0.0057  109 ASN A CA  
252 C C   . ASN A 49  ? 0.1548 0.1349 0.1312 -0.0291 -0.0036 0.0059  109 ASN A C   
253 O O   . ASN A 49  ? 0.1619 0.1433 0.1359 -0.0311 -0.0107 0.0037  109 ASN A O   
254 C CB  . ASN A 49  ? 0.1998 0.1436 0.1477 -0.0271 -0.0004 0.0041  109 ASN A CB  
255 C CG  . ASN A 49  ? 0.1952 0.1319 0.1448 -0.0382 0.0018  0.0049  109 ASN A CG  
256 O OD1 . ASN A 49  ? 0.2248 0.1422 0.1629 -0.0435 0.0007  0.0019  109 ASN A OD1 
257 N ND2 . ASN A 49  ? 0.1824 0.1315 0.1439 -0.0424 0.0064  0.0088  109 ASN A ND2 
258 N N   . ARG A 50  ? 0.1452 0.1396 0.1368 -0.0308 0.0012  0.0093  110 ARG A N   
259 C CA  . ARG A 50  ? 0.1339 0.1505 0.1451 -0.0352 -0.0031 0.0117  110 ARG A CA  
260 C C   . ARG A 50  ? 0.1618 0.1757 0.1736 -0.0500 -0.0068 0.0104  110 ARG A C   
261 O O   . ARG A 50  ? 0.1667 0.1797 0.1834 -0.0566 0.0001  0.0127  110 ARG A O   
262 C CB  . ARG A 50  ? 0.1375 0.1721 0.1673 -0.0298 0.0055  0.0168  110 ARG A CB  
263 C CG  . ARG A 50  ? 0.1573 0.2218 0.2130 -0.0329 0.0003  0.0219  110 ARG A CG  
264 C CD  . ARG A 50  ? 0.1588 0.2443 0.2369 -0.0228 0.0103  0.0285  110 ARG A CD  
265 N NE  . ARG A 50  ? 0.1547 0.2355 0.2288 -0.0081 0.0112  0.0296  110 ARG A NE  
266 C CZ  . ARG A 50  ? 0.1657 0.2588 0.2461 -0.0037 0.0010  0.0335  110 ARG A CZ  
267 N NH1 . ARG A 50  ? 0.1531 0.2649 0.2424 -0.0136 -0.0125 0.0352  110 ARG A NH1 
268 N NH2 . ARG A 50  ? 0.1369 0.2216 0.2122 0.0095  0.0039  0.0357  110 ARG A NH2 
269 N N   . VAL A 51  ? 0.1850 0.1952 0.1891 -0.0565 -0.0172 0.0063  111 VAL A N   
270 C CA  . VAL A 51  ? 0.1795 0.1777 0.1771 -0.0729 -0.0205 0.0024  111 VAL A CA  
271 C C   . VAL A 51  ? 0.2141 0.2409 0.2363 -0.0872 -0.0259 0.0056  111 VAL A C   
272 O O   . VAL A 51  ? 0.2340 0.2534 0.2561 -0.1040 -0.0257 0.0038  111 VAL A O   
273 C CB  . VAL A 51  ? 0.2513 0.2262 0.2232 -0.0757 -0.0280 -0.0055 111 VAL A CB  
274 C CG1 . VAL A 51  ? 0.2359 0.1857 0.1880 -0.0619 -0.0208 -0.0072 111 VAL A CG1 
275 C CG2 . VAL A 51  ? 0.2336 0.2275 0.2077 -0.0741 -0.0394 -0.0061 111 VAL A CG2 
276 N N   . ASN A 52  ? 0.1792 0.2396 0.2236 -0.0805 -0.0304 0.0113  112 ASN A N   
277 C CA  . ASN A 52  ? 0.1965 0.2947 0.2725 -0.0908 -0.0349 0.0175  112 ASN A CA  
278 C C   . ASN A 52  ? 0.1390 0.2681 0.2386 -0.0732 -0.0327 0.0264  112 ASN A C   
279 O O   . ASN A 52  ? 0.1811 0.2956 0.2689 -0.0563 -0.0266 0.0263  112 ASN A O   
280 C CB  . ASN A 52  ? 0.2420 0.3484 0.3151 -0.1096 -0.0520 0.0131  112 ASN A CB  
281 C CG  . ASN A 52  ? 0.2817 0.3886 0.3393 -0.1016 -0.0646 0.0111  112 ASN A CG  
282 O OD1 . ASN A 52  ? 0.2156 0.3412 0.2850 -0.0847 -0.0643 0.0183  112 ASN A OD1 
283 N ND2 . ASN A 52  ? 0.2830 0.3665 0.3118 -0.1136 -0.0741 0.0013  112 ASN A ND2 
284 N N   . ALA A 53  ? 0.1784 0.3490 0.3119 -0.0772 -0.0367 0.0346  113 ALA A N   
285 C CA  . ALA A 53  ? 0.1718 0.3705 0.3308 -0.0580 -0.0305 0.0450  113 ALA A CA  
286 C C   . ALA A 53  ? 0.2603 0.4572 0.4087 -0.0434 -0.0396 0.0471  113 ALA A C   
287 O O   . ALA A 53  ? 0.1900 0.3921 0.3474 -0.0239 -0.0312 0.0537  113 ALA A O   
288 C CB  . ALA A 53  ? 0.1988 0.4484 0.4009 -0.0647 -0.0335 0.0555  113 ALA A CB  
289 N N   . ASP A 54  ? 0.1848 0.3700 0.3106 -0.0527 -0.0548 0.0411  114 ASP A N   
290 C CA  . ASP A 54  ? 0.2026 0.3900 0.3183 -0.0407 -0.0644 0.0450  114 ASP A CA  
291 C C   . ASP A 54  ? 0.2325 0.3785 0.3121 -0.0341 -0.0601 0.0371  114 ASP A C   
292 O O   . ASP A 54  ? 0.2111 0.3540 0.2802 -0.0228 -0.0638 0.0410  114 ASP A O   
293 C CB  . ASP A 54  ? 0.1977 0.4087 0.3136 -0.0552 -0.0862 0.0459  114 ASP A CB  
294 C CG  . ASP A 54  ? 0.3394 0.6033 0.4978 -0.0594 -0.0934 0.0574  114 ASP A CG  
295 O OD1 . ASP A 54  ? 0.3952 0.6850 0.5793 -0.0400 -0.0889 0.0707  114 ASP A OD1 
296 O OD2 . ASP A 54  ? 0.4156 0.6983 0.5857 -0.0816 -0.1027 0.0548  114 ASP A OD2 
297 N N   . THR A 55  ? 0.1823 0.2980 0.2439 -0.0405 -0.0518 0.0276  115 THR A N   
298 C CA  . THR A 55  ? 0.1584 0.2409 0.1871 -0.0394 -0.0518 0.0196  115 THR A CA  
299 C C   . THR A 55  ? 0.1706 0.2271 0.1888 -0.0345 -0.0379 0.0153  115 THR A C   
300 O O   . THR A 55  ? 0.2058 0.2590 0.2302 -0.0408 -0.0314 0.0138  115 THR A O   
301 C CB  . THR A 55  ? 0.1826 0.2539 0.1927 -0.0568 -0.0620 0.0111  115 THR A CB  
302 O OG1 . THR A 55  ? 0.2826 0.3818 0.3014 -0.0647 -0.0778 0.0147  115 THR A OG1 
303 C CG2 . THR A 55  ? 0.2538 0.2943 0.2301 -0.0527 -0.0614 0.0041  115 THR A CG2 
304 N N   . VAL A 56  ? 0.1527 0.1925 0.1555 -0.0241 -0.0338 0.0142  116 VAL A N   
305 C CA  . VAL A 56  ? 0.1434 0.1615 0.1347 -0.0210 -0.0241 0.0102  116 VAL A CA  
306 C C   . VAL A 56  ? 0.1902 0.1887 0.1582 -0.0214 -0.0262 0.0049  116 VAL A C   
307 O O   . VAL A 56  ? 0.2235 0.2217 0.1826 -0.0170 -0.0297 0.0059  116 VAL A O   
308 C CB  . VAL A 56  ? 0.1619 0.1791 0.1575 -0.0098 -0.0158 0.0137  116 VAL A CB  
309 C CG1 . VAL A 56  ? 0.1865 0.1858 0.1693 -0.0086 -0.0093 0.0098  116 VAL A CG1 
310 C CG2 . VAL A 56  ? 0.1749 0.2075 0.1912 -0.0072 -0.0099 0.0183  116 VAL A CG2 
311 N N   . ARG A 57  ? 0.1562 0.1374 0.1135 -0.0256 -0.0229 0.0002  117 ARG A N   
312 C CA  . ARG A 57  ? 0.1922 0.1537 0.1289 -0.0227 -0.0213 -0.0042 117 ARG A CA  
313 C C   . ARG A 57  ? 0.2184 0.1772 0.1551 -0.0129 -0.0141 -0.0017 117 ARG A C   
314 O O   . ARG A 57  ? 0.1965 0.1573 0.1409 -0.0117 -0.0099 0.0004  117 ARG A O   
315 C CB  A ARG A 57  ? 0.2072 0.1481 0.1316 -0.0295 -0.0197 -0.0092 117 ARG A CB  
316 C CB  B ARG A 57  ? 0.2192 0.1606 0.1446 -0.0298 -0.0196 -0.0090 117 ARG A CB  
317 C CG  A ARG A 57  ? 0.2446 0.1632 0.1470 -0.0233 -0.0155 -0.0135 117 ARG A CG  
318 C CG  B ARG A 57  ? 0.4606 0.3779 0.3617 -0.0272 -0.0175 -0.0149 117 ARG A CG  
319 C CD  A ARG A 57  ? 0.3942 0.2844 0.2792 -0.0290 -0.0128 -0.0193 117 ARG A CD  
320 C CD  B ARG A 57  ? 0.3120 0.2025 0.2016 -0.0295 -0.0114 -0.0178 117 ARG A CD  
321 N NE  A ARG A 57  ? 0.3736 0.2594 0.2513 -0.0449 -0.0209 -0.0253 117 ARG A NE  
322 N NE  B ARG A 57  ? 0.4141 0.2762 0.2773 -0.0288 -0.0085 -0.0251 117 ARG A NE  
323 C CZ  A ARG A 57  ? 0.5634 0.4387 0.4202 -0.0500 -0.0259 -0.0326 117 ARG A CZ  
324 C CZ  B ARG A 57  ? 0.4863 0.3211 0.3359 -0.0216 0.0009  -0.0262 117 ARG A CZ  
325 N NH1 A ARG A 57  ? 0.4837 0.3513 0.3243 -0.0387 -0.0216 -0.0342 117 ARG A NH1 
326 N NH1 B ARG A 57  ? 0.4646 0.2708 0.2881 -0.0202 0.0055  -0.0340 117 ARG A NH1 
327 N NH2 A ARG A 57  ? 0.4731 0.3472 0.3245 -0.0678 -0.0354 -0.0381 117 ARG A NH2 
328 N NH2 B ARG A 57  ? 0.4852 0.3198 0.3453 -0.0146 0.0065  -0.0188 117 ARG A NH2 
329 N N   . VAL A 58  ? 0.2007 0.1559 0.1278 -0.0072 -0.0128 -0.0021 118 VAL A N   
330 C CA  . VAL A 58  ? 0.1895 0.1459 0.1184 -0.0002 -0.0068 0.0004  118 VAL A CA  
331 C C   . VAL A 58  ? 0.2244 0.1674 0.1413 0.0042  -0.0023 -0.0018 118 VAL A C   
332 O O   . VAL A 58  ? 0.2408 0.1734 0.1428 0.0054  -0.0015 -0.0052 118 VAL A O   
333 C CB  . VAL A 58  ? 0.1925 0.1551 0.1203 0.0030  -0.0062 0.0032  118 VAL A CB  
334 C CG1 . VAL A 58  ? 0.1811 0.1483 0.1143 0.0066  -0.0003 0.0060  118 VAL A CG1 
335 C CG2 . VAL A 58  ? 0.2055 0.1773 0.1430 0.0015  -0.0096 0.0066  118 VAL A CG2 
336 N N   . ASN A 59  ? 0.1826 0.1253 0.1044 0.0081  0.0013  0.0008  119 ASN A N   
337 C CA  . ASN A 59  ? 0.2040 0.1344 0.1174 0.0160  0.0069  0.0010  119 ASN A CA  
338 C C   . ASN A 59  ? 0.2287 0.1756 0.1523 0.0237  0.0107  0.0065  119 ASN A C   
339 O O   . ASN A 59  ? 0.2298 0.1924 0.1658 0.0212  0.0079  0.0103  119 ASN A O   
340 C CB  . ASN A 59  ? 0.2318 0.1516 0.1444 0.0154  0.0074  0.0029  119 ASN A CB  
341 C CG  . ASN A 59  ? 0.3385 0.2423 0.2426 0.0051  0.0047  -0.0023 119 ASN A CG  
342 O OD1 . ASN A 59  ? 0.3795 0.2664 0.2689 0.0030  0.0054  -0.0080 119 ASN A OD1 
343 N ND2 . ASN A 59  ? 0.4045 0.3145 0.3173 -0.0024 0.0020  -0.0004 119 ASN A ND2 
344 N N   . ILE A 60  ? 0.2101 0.1539 0.1280 0.0319  0.0177  0.0067  120 ILE A N   
345 C CA  . ILE A 60  ? 0.2137 0.1790 0.1453 0.0376  0.0221  0.0127  120 ILE A CA  
346 C C   . ILE A 60  ? 0.2065 0.1726 0.1413 0.0513  0.0296  0.0176  120 ILE A C   
347 O O   . ILE A 60  ? 0.2532 0.1964 0.1721 0.0590  0.0367  0.0142  120 ILE A O   
348 C CB  . ILE A 60  ? 0.2344 0.1999 0.1585 0.0371  0.0267  0.0110  120 ILE A CB  
349 C CG1 . ILE A 60  ? 0.2548 0.2156 0.1724 0.0268  0.0193  0.0074  120 ILE A CG1 
350 C CG2 . ILE A 60  ? 0.2448 0.2350 0.1864 0.0391  0.0316  0.0180  120 ILE A CG2 
351 C CD1 . ILE A 60  ? 0.3163 0.2653 0.2141 0.0274  0.0217  0.0041  120 ILE A CD1 
352 N N   . ARG A 61  ? 0.1713 0.1633 0.1263 0.0545  0.0282  0.0259  121 ARG A N   
353 C CA  . ARG A 61  ? 0.1930 0.1965 0.1582 0.0701  0.0365  0.0336  121 ARG A CA  
354 C C   . ARG A 61  ? 0.2148 0.2529 0.2019 0.0677  0.0376  0.0395  121 ARG A C   
355 O O   . ARG A 61  ? 0.2120 0.2708 0.2122 0.0564  0.0283  0.0418  121 ARG A O   
356 C CB  . ARG A 61  ? 0.2251 0.2330 0.1970 0.0772  0.0319  0.0412  121 ARG A CB  
357 C CG  . ARG A 61  ? 0.2727 0.2940 0.2576 0.0969  0.0407  0.0518  121 ARG A CG  
358 C CD  . ARG A 61  ? 0.3710 0.4022 0.3640 0.1041  0.0337  0.0626  121 ARG A CD  
359 N NE  . ARG A 61  ? 0.4667 0.5151 0.4759 0.1262  0.0417  0.0755  121 ARG A NE  
360 C CZ  . ARG A 61  ? 0.6091 0.7021 0.6458 0.1305  0.0348  0.0886  121 ARG A CZ  
361 N NH1 . ARG A 61  ? 0.4306 0.5508 0.4770 0.1121  0.0195  0.0884  121 ARG A NH1 
362 N NH2 . ARG A 61  ? 0.4591 0.5697 0.5132 0.1534  0.0431  0.1021  121 ARG A NH2 
363 N N   . ASN A 62  ? 0.1956 0.2381 0.1845 0.0771  0.0502  0.0414  122 ASN A N   
364 C CA  . ASN A 62  ? 0.1771 0.2530 0.1881 0.0737  0.0540  0.0478  122 ASN A CA  
365 C C   . ASN A 62  ? 0.1928 0.2883 0.2204 0.0925  0.0666  0.0571  122 ASN A C   
366 O O   . ASN A 62  ? 0.2254 0.3005 0.2376 0.1061  0.0812  0.0546  122 ASN A O   
367 C CB  . ASN A 62  ? 0.1627 0.2266 0.1595 0.0652  0.0595  0.0420  122 ASN A CB  
368 C CG  . ASN A 62  ? 0.2025 0.2979 0.2210 0.0592  0.0651  0.0492  122 ASN A CG  
369 O OD1 . ASN A 62  ? 0.2015 0.3319 0.2486 0.0587  0.0629  0.0578  122 ASN A OD1 
370 N ND2 . ASN A 62  ? 0.1821 0.2661 0.1867 0.0536  0.0718  0.0468  122 ASN A ND2 
371 N N   . THR A 63  ? 0.1855 0.3214 0.2442 0.0938  0.0614  0.0683  123 THR A N   
372 C CA  . THR A 63  ? 0.1584 0.3202 0.2395 0.1147  0.0735  0.0801  123 THR A CA  
373 C C   . THR A 63  ? 0.1777 0.3762 0.2838 0.1113  0.0832  0.0866  123 THR A C   
374 O O   . THR A 63  ? 0.2623 0.4926 0.3945 0.1277  0.0941  0.0983  123 THR A O   
375 C CB  . THR A 63  ? 0.2604 0.4517 0.3643 0.1207  0.0615  0.0919  123 THR A CB  
376 O OG1 . THR A 63  ? 0.2295 0.4554 0.3525 0.0991  0.0456  0.0941  123 THR A OG1 
377 C CG2 . THR A 63  ? 0.2602 0.4152 0.3387 0.1218  0.0526  0.0868  123 THR A CG2 
378 N N   . GLY A 64  ? 0.1985 0.3937 0.2980 0.0909  0.0805  0.0804  124 GLY A N   
379 C CA  . GLY A 64  ? 0.2045 0.4323 0.3266 0.0828  0.0895  0.0867  124 GLY A CA  
380 C C   . GLY A 64  ? 0.2808 0.4791 0.3763 0.0795  0.1027  0.0797  124 GLY A C   
381 O O   . GLY A 64  ? 0.2512 0.4101 0.3141 0.0898  0.1089  0.0715  124 GLY A O   
382 N N   . ARG A 65  ? 0.1963 0.4131 0.3040 0.0639  0.1065  0.0834  125 ARG A N   
383 C CA  . ARG A 65  ? 0.2101 0.4018 0.2921 0.0618  0.1200  0.0798  125 ARG A CA  
384 C C   . ARG A 65  ? 0.2054 0.3545 0.2524 0.0507  0.1086  0.0687  125 ARG A C   
385 O O   . ARG A 65  ? 0.2203 0.3627 0.2671 0.0413  0.0915  0.0641  125 ARG A O   
386 C CB  . ARG A 65  ? 0.3821 0.6060 0.4883 0.0493  0.1306  0.0896  125 ARG A CB  
387 C CG  . ARG A 65  ? 0.5112 0.7565 0.6400 0.0236  0.1155  0.0918  125 ARG A CG  
388 C CD  . ARG A 65  ? 0.8463 1.0582 0.9501 0.0052  0.1113  0.0860  125 ARG A CD  
389 N NE  . ARG A 65  ? 0.8730 1.0944 0.9912 -0.0174 0.0956  0.0845  125 ARG A NE  
390 C CZ  . ARG A 65  ? 0.7962 0.9847 0.8930 -0.0310 0.0866  0.0773  125 ARG A CZ  
391 N NH1 . ARG A 65  ? 0.3186 0.4667 0.3815 -0.0243 0.0896  0.0724  125 ARG A NH1 
392 N NH2 . ARG A 65  ? 0.7714 0.9678 0.8800 -0.0511 0.0744  0.0751  125 ARG A NH2 
393 N N   . THR A 66  ? 0.2541 0.3761 0.2710 0.0527  0.1187  0.0655  126 THR A N   
394 C CA  . THR A 66  ? 0.2047 0.2912 0.1907 0.0444  0.1079  0.0573  126 THR A CA  
395 C C   . THR A 66  ? 0.1933 0.2865 0.1924 0.0247  0.0969  0.0593  126 THR A C   
396 O O   . THR A 66  ? 0.2354 0.3493 0.2535 0.0143  0.1035  0.0670  126 THR A O   
397 C CB  . THR A 66  ? 0.2583 0.3219 0.2115 0.0485  0.1204  0.0565  126 THR A CB  
398 O OG1 . THR A 66  ? 0.3148 0.3642 0.2484 0.0659  0.1308  0.0516  126 THR A OG1 
399 C CG2 . THR A 66  ? 0.2619 0.2939 0.1849 0.0413  0.1076  0.0503  126 THR A CG2 
400 N N   . ASN A 67  ? 0.2235 0.2967 0.2112 0.0194  0.0818  0.0523  127 ASN A N   
401 C CA  . ASN A 67  ? 0.2121 0.2815 0.2049 0.0031  0.0728  0.0522  127 ASN A CA  
402 C C   . ASN A 67  ? 0.2143 0.2512 0.1794 0.0042  0.0663  0.0471  127 ASN A C   
403 O O   . ASN A 67  ? 0.2285 0.2504 0.1710 0.0138  0.0698  0.0453  127 ASN A O   
404 C CB  . ASN A 67  ? 0.2122 0.2986 0.2260 -0.0036 0.0609  0.0500  127 ASN A CB  
405 C CG  . ASN A 67  ? 0.2176 0.3067 0.2413 -0.0233 0.0561  0.0506  127 ASN A CG  
406 O OD1 . ASN A 67  ? 0.2278 0.2931 0.2367 -0.0299 0.0574  0.0498  127 ASN A OD1 
407 N ND2 . ASN A 67  ? 0.1809 0.2977 0.2281 -0.0326 0.0500  0.0521  127 ASN A ND2 
408 N N   . ARG A 68  ? 0.1974 0.2239 0.1631 -0.0052 0.0574  0.0449  128 ARG A N   
409 C CA  . ARG A 68  ? 0.2088 0.2103 0.1539 -0.0030 0.0519  0.0427  128 ARG A CA  
410 C C   . ARG A 68  ? 0.2235 0.2190 0.1745 -0.0083 0.0416  0.0375  128 ARG A C   
411 O O   . ARG A 68  ? 0.2050 0.2071 0.1696 -0.0187 0.0408  0.0370  128 ARG A O   
412 C CB  . ARG A 68  ? 0.2286 0.2172 0.1628 -0.0071 0.0592  0.0504  128 ARG A CB  
413 C CG  . ARG A 68  ? 0.2920 0.2584 0.2095 -0.0038 0.0527  0.0513  128 ARG A CG  
414 C CD  . ARG A 68  ? 0.3238 0.2758 0.2248 -0.0034 0.0606  0.0615  128 ARG A CD  
415 N NE  . ARG A 68  ? 0.3642 0.3225 0.2517 0.0028  0.0674  0.0634  128 ARG A NE  
416 C CZ  . ARG A 68  ? 0.4513 0.4034 0.3162 0.0119  0.0625  0.0615  128 ARG A CZ  
417 N NH1 . ARG A 68  ? 0.3211 0.2650 0.1778 0.0155  0.0499  0.0599  128 ARG A NH1 
418 N NH2 . ARG A 68  ? 0.4681 0.4229 0.3183 0.0167  0.0710  0.0611  128 ARG A NH2 
419 N N   . LEU A 69  ? 0.1724 0.1566 0.1131 -0.0021 0.0343  0.0335  129 LEU A N   
420 C CA  . LEU A 69  ? 0.1687 0.1466 0.1137 -0.0052 0.0272  0.0292  129 LEU A CA  
421 C C   . LEU A 69  ? 0.2359 0.1969 0.1723 -0.0041 0.0276  0.0329  129 LEU A C   
422 O O   . LEU A 69  ? 0.2310 0.1874 0.1554 0.0028  0.0265  0.0367  129 LEU A O   
423 C CB  . LEU A 69  ? 0.1919 0.1712 0.1348 0.0006  0.0200  0.0238  129 LEU A CB  
424 C CG  . LEU A 69  ? 0.2014 0.1781 0.1504 -0.0025 0.0149  0.0195  129 LEU A CG  
425 C CD1 . LEU A 69  ? 0.1765 0.1628 0.1352 -0.0098 0.0149  0.0177  129 LEU A CD1 
426 C CD2 . LEU A 69  ? 0.2120 0.1888 0.1580 0.0021  0.0094  0.0159  129 LEU A CD2 
427 N N   . ILE A 70  ? 0.1848 0.1354 0.1252 -0.0099 0.0289  0.0319  130 ILE A N   
428 C CA  . ILE A 70  ? 0.1837 0.1151 0.1167 -0.0058 0.0316  0.0371  130 ILE A CA  
429 C C   . ILE A 70  ? 0.2160 0.1421 0.1531 -0.0031 0.0283  0.0321  130 ILE A C   
430 O O   . ILE A 70  ? 0.2168 0.1410 0.1577 -0.0109 0.0290  0.0252  130 ILE A O   
431 C CB  . ILE A 70  ? 0.2058 0.1213 0.1362 -0.0147 0.0407  0.0411  130 ILE A CB  
432 C CG1 . ILE A 70  ? 0.2103 0.1346 0.1389 -0.0182 0.0462  0.0472  130 ILE A CG1 
433 C CG2 . ILE A 70  ? 0.2740 0.1646 0.1957 -0.0074 0.0450  0.0478  130 ILE A CG2 
434 C CD1 . ILE A 70  ? 0.2510 0.1647 0.1815 -0.0321 0.0556  0.0505  130 ILE A CD1 
435 N N   . ILE A 71  ? 0.1926 0.1189 0.1289 0.0075  0.0247  0.0358  131 ILE A N   
436 C CA  . ILE A 71  ? 0.1886 0.1144 0.1320 0.0118  0.0235  0.0325  131 ILE A CA  
437 C C   . ILE A 71  ? 0.2176 0.1253 0.1593 0.0203  0.0302  0.0394  131 ILE A C   
438 O O   . ILE A 71  ? 0.2351 0.1415 0.1732 0.0287  0.0293  0.0497  131 ILE A O   
439 C CB  . ILE A 71  ? 0.2067 0.1516 0.1557 0.0168  0.0145  0.0321  131 ILE A CB  
440 C CG1 . ILE A 71  ? 0.2424 0.1978 0.1904 0.0100  0.0104  0.0254  131 ILE A CG1 
441 C CG2 . ILE A 71  ? 0.2110 0.1582 0.1705 0.0217  0.0155  0.0310  131 ILE A CG2 
442 C CD1 A ILE A 71  ? 0.2330 0.2004 0.1835 0.0112  0.0028  0.0229  131 ILE A CD1 
443 C CD1 B ILE A 71  ? 0.1880 0.1457 0.1413 0.0055  0.0105  0.0187  131 ILE A CD1 
444 N N   . THR A 72  ? 0.2115 0.1029 0.1532 0.0190  0.0378  0.0344  132 THR A N   
445 C CA  . THR A 72  ? 0.2093 0.0769 0.1478 0.0286  0.0475  0.0403  132 THR A CA  
446 C C   . THR A 72  ? 0.2277 0.0937 0.1726 0.0357  0.0524  0.0358  132 THR A C   
447 O O   . THR A 72  ? 0.2345 0.1136 0.1830 0.0295  0.0491  0.0272  132 THR A O   
448 C CB  . THR A 72  ? 0.2608 0.0962 0.1853 0.0182  0.0576  0.0375  132 THR A CB  
449 O OG1 . THR A 72  ? 0.2719 0.1072 0.1930 0.0024  0.0569  0.0244  132 THR A OG1 
450 C CG2 . THR A 72  ? 0.2682 0.1048 0.1875 0.0117  0.0562  0.0444  132 THR A CG2 
451 N N   . GLN A 73  ? 0.2466 0.0961 0.1927 0.0499  0.0618  0.0431  133 GLN A N   
452 C CA  . GLN A 73  ? 0.2861 0.1336 0.2392 0.0595  0.0703  0.0402  133 GLN A CA  
453 C C   . GLN A 73  ? 0.3664 0.1710 0.3054 0.0657  0.0873  0.0399  133 GLN A C   
454 O O   . GLN A 73  ? 0.3405 0.1293 0.2775 0.0769  0.0920  0.0517  133 GLN A O   
455 C CB  . GLN A 73  ? 0.2824 0.1636 0.2587 0.0750  0.0639  0.0514  133 GLN A CB  
456 C CG  . GLN A 73  ? 0.3118 0.1994 0.3015 0.0865  0.0737  0.0510  133 GLN A CG  
457 C CD  . GLN A 73  ? 0.4354 0.3018 0.4276 0.1073  0.0886  0.0610  133 GLN A CD  
458 O OE1 . GLN A 73  ? 0.3864 0.2611 0.3873 0.1205  0.0843  0.0763  133 GLN A OE1 
459 N NE2 . GLN A 73  ? 0.4195 0.2567 0.4017 0.1113  0.1065  0.0531  133 GLN A NE2 
460 N N   . TRP A 74  ? 0.3166 0.0987 0.2421 0.0585  0.0973  0.0266  134 TRP A N   
461 C CA  . TRP A 74  ? 0.3903 0.1219 0.2937 0.0582  0.1139  0.0218  134 TRP A CA  
462 C C   . TRP A 74  ? 0.4377 0.1501 0.3410 0.0776  0.1317  0.0224  134 TRP A C   
463 O O   . TRP A 74  ? 0.4531 0.1912 0.3711 0.0863  0.1324  0.0222  134 TRP A O   
464 C CB  . TRP A 74  ? 0.4750 0.1882 0.3563 0.0326  0.1127  0.0050  134 TRP A CB  
465 C CG  . TRP A 74  ? 0.4125 0.1374 0.2944 0.0158  0.1004  0.0067  134 TRP A CG  
466 C CD1 . TRP A 74  ? 0.3864 0.1526 0.2838 0.0111  0.0846  0.0100  134 TRP A CD1 
467 C CD2 . TRP A 74  ? 0.4124 0.1068 0.2794 0.0020  0.1048  0.0059  134 TRP A CD2 
468 N NE1 . TRP A 74  ? 0.4104 0.1758 0.3045 -0.0031 0.0801  0.0116  134 TRP A NE1 
469 C CE2 . TRP A 74  ? 0.4254 0.1492 0.3024 -0.0100 0.0917  0.0097  134 TRP A CE2 
470 C CE3 . TRP A 74  ? 0.4801 0.1225 0.3256 -0.0018 0.1201  0.0026  134 TRP A CE3 
471 C CZ2 . TRP A 74  ? 0.4183 0.1265 0.2877 -0.0261 0.0935  0.0111  134 TRP A CZ2 
472 C CZ3 . TRP A 74  ? 0.5785 0.2019 0.4146 -0.0202 0.1207  0.0034  134 TRP A CZ3 
473 C CH2 . TRP A 74  ? 0.5424 0.2017 0.3922 -0.0324 0.1074  0.0080  134 TRP A CH2 
474 N N   . ASP A 75  ? 0.4681 0.1334 0.3548 0.0851  0.1478  0.0243  135 ASP A N   
475 C CA  . ASP A 75  ? 0.5671 0.2034 0.4479 0.1042  0.1691  0.0231  135 ASP A CA  
476 C C   . ASP A 75  ? 0.6541 0.2233 0.4983 0.0944  0.1859  0.0114  135 ASP A C   
477 O O   . ASP A 75  ? 0.6413 0.1875 0.4725 0.0806  0.1826  0.0124  135 ASP A O   
478 C CB  . ASP A 75  ? 0.6573 0.3095 0.5640 0.1354  0.1739  0.0447  135 ASP A CB  
479 C CG  . ASP A 75  ? 0.9546 0.6707 0.8969 0.1448  0.1614  0.0530  135 ASP A CG  
480 O OD1 . ASP A 75  ? 0.7575 0.4852 0.7052 0.1471  0.1687  0.0454  135 ASP A OD1 
481 O OD2 . ASP A 75  ? 0.6329 0.3888 0.5971 0.1485  0.1445  0.0668  135 ASP A OD2 
482 N N   . ASN A 76  ? 0.6780 0.2142 0.5034 0.1000  0.2047  -0.0003 136 ASN A N   
483 C CA  . ASN A 76  ? 0.8411 0.3053 0.6291 0.0953  0.2245  -0.0107 136 ASN A CA  
484 C C   . ASN A 76  ? 0.9113 0.3466 0.7052 0.1297  0.2463  0.0043  136 ASN A C   
485 O O   . ASN A 76  ? 1.1258 0.5899 0.9447 0.1562  0.2530  0.0143  136 ASN A O   
486 C CB  . ASN A 76  ? 1.0726 0.5074 0.8268 0.0792  0.2339  -0.0346 136 ASN A CB  
487 C CG  . ASN A 76  ? 1.4650 0.8201 1.1745 0.0679  0.2526  -0.0488 136 ASN A CG  
488 O OD1 . ASN A 76  ? 1.3020 0.6304 1.0017 0.0535  0.2493  -0.0467 136 ASN A OD1 
489 N ND2 . ASN A 76  ? 1.5894 0.9036 1.2693 0.0735  0.2736  -0.0636 136 ASN A ND2 
490 N N   . THR A 77  ? 0.8645 0.2447 0.6375 0.1291  0.2573  0.0077  137 THR A N   
491 C CA  . THR A 77  ? 0.8872 0.2343 0.6636 0.1631  0.2783  0.0245  137 THR A CA  
492 C C   . THR A 77  ? 1.2255 0.4863 0.9563 0.1599  0.3059  0.0080  137 THR A C   
493 O O   . THR A 77  ? 1.1002 0.3305 0.7974 0.1272  0.3043  -0.0152 137 THR A O   
494 C CB  . THR A 77  ? 1.0235 0.3759 0.8126 0.1686  0.2687  0.0466  137 THR A CB  
495 O OG1 . THR A 77  ? 1.0966 0.4052 0.8552 0.1376  0.2670  0.0366  137 THR A OG1 
496 C CG2 . THR A 77  ? 0.8534 0.2857 0.6782 0.1641  0.2395  0.0581  137 THR A CG2 
497 N N   . VAL A 78  ? 1.2313 0.4524 0.9600 0.1938  0.3311  0.0199  138 VAL A N   
498 C CA  . VAL A 78  ? 1.3829 0.5125 1.0649 0.1942  0.3610  0.0050  138 VAL A CA  
499 C C   . VAL A 78  ? 1.3231 0.3959 0.9782 0.1741  0.3616  0.0060  138 VAL A C   
500 O O   . VAL A 78  ? 1.4696 0.4793 1.0803 0.1454  0.3706  -0.0163 138 VAL A O   
501 C CB  . VAL A 78  ? 1.5198 0.6252 1.2104 0.2419  0.3911  0.0188  138 VAL A CB  
502 C CG1 . VAL A 78  ? 1.7170 0.7183 1.3537 0.2432  0.4250  0.0019  138 VAL A CG1 
503 C CG2 . VAL A 78  ? 1.5115 0.6791 1.2333 0.2602  0.3912  0.0192  138 VAL A CG2 
504 N N   . THR A 79  ? 1.4361 0.5338 1.1174 0.1870  0.3512  0.0320  139 THR A N   
505 C CA  . THR A 79  ? 1.5406 0.5839 1.1998 0.1750  0.3560  0.0394  139 THR A CA  
506 C C   . THR A 79  ? 1.5473 0.6152 1.2042 0.1313  0.3310  0.0315  139 THR A C   
507 O O   . THR A 79  ? 1.3599 0.3703 0.9835 0.1020  0.3375  0.0200  139 THR A O   
508 C CB  . THR A 79  ? 1.6087 0.6622 1.2934 0.2141  0.3596  0.0745  139 THR A CB  
509 O OG1 . THR A 79  ? 1.6707 0.6986 1.3588 0.2563  0.3853  0.0831  139 THR A OG1 
510 C CG2 . THR A 79  ? 1.7811 0.7665 1.4381 0.2058  0.3704  0.0843  139 THR A CG2 
511 N N   . ARG A 80  ? 1.1657 0.3182 0.8583 0.1265  0.3037  0.0377  140 ARG A N   
512 C CA  . ARG A 80  ? 1.2753 0.4580 0.9740 0.0957  0.2818  0.0392  140 ARG A CA  
513 C C   . ARG A 80  ? 1.1550 0.3746 0.8535 0.0599  0.2630  0.0166  140 ARG A C   
514 O O   . ARG A 80  ? 1.0557 0.3114 0.7655 0.0374  0.2443  0.0186  140 ARG A O   
515 C CB  . ARG A 80  ? 1.3111 0.5569 1.0465 0.1160  0.2648  0.0658  140 ARG A CB  
516 C CG  . ARG A 80  ? 1.6240 0.8424 1.3619 0.1511  0.2787  0.0929  140 ARG A CG  
517 C CD  . ARG A 80  ? 1.5082 0.7974 1.2829 0.1752  0.2602  0.1174  140 ARG A CD  
518 N NE  . ARG A 80  ? 1.5773 0.9197 1.3806 0.1942  0.2539  0.1156  140 ARG A NE  
519 C CZ  . ARG A 80  ? 1.4417 0.8595 1.2777 0.1998  0.2312  0.1247  140 ARG A CZ  
520 N NH1 . ARG A 80  ? 1.2805 0.7288 1.1218 0.1892  0.2126  0.1356  140 ARG A NH1 
521 N NH2 . ARG A 80  ? 1.3155 0.7765 1.1769 0.2146  0.2282  0.1226  140 ARG A NH2 
522 N N   . GLY A 81  ? 0.9561 0.1667 0.6406 0.0560  0.2686  -0.0037 141 GLY A N   
523 C CA  . GLY A 81  ? 0.9226 0.1739 0.6082 0.0266  0.2494  -0.0224 141 GLY A CA  
524 C C   . GLY A 81  ? 0.7481 0.0836 0.4745 0.0369  0.2275  -0.0114 141 GLY A C   
525 O O   . GLY A 81  ? 0.8762 0.2383 0.6273 0.0687  0.2296  0.0049  141 GLY A O   
526 N N   . ASP A 82  ? 0.7376 0.1155 0.4714 0.0100  0.2063  -0.0201 142 ASP A N   
527 C CA  . ASP A 82  ? 0.6365 0.0872 0.4042 0.0169  0.1865  -0.0121 142 ASP A CA  
528 C C   . ASP A 82  ? 0.6280 0.1057 0.4181 0.0250  0.1773  0.0087  142 ASP A C   
529 O O   . ASP A 82  ? 0.6992 0.1589 0.4809 0.0084  0.1766  0.0117  142 ASP A O   
530 C CB  . ASP A 82  ? 0.7306 0.2142 0.4972 -0.0122 0.1686  -0.0270 142 ASP A CB  
531 C CG  . ASP A 82  ? 1.0068 0.4709 0.7491 -0.0201 0.1748  -0.0470 142 ASP A CG  
532 O OD1 . ASP A 82  ? 0.9980 0.4292 0.7279 -0.0004 0.1938  -0.0492 142 ASP A OD1 
533 O OD2 . ASP A 82  ? 1.1156 0.5960 0.8489 -0.0447 0.1621  -0.0605 142 ASP A OD2 
534 N N   . VAL A 83  ? 0.5912 0.1129 0.4087 0.0491  0.1701  0.0229  143 VAL A N   
535 C CA  . VAL A 83  ? 0.5189 0.0669 0.3538 0.0588  0.1607  0.0428  143 VAL A CA  
536 C C   . VAL A 83  ? 0.5243 0.1369 0.3857 0.0629  0.1418  0.0458  143 VAL A C   
537 O O   . VAL A 83  ? 0.5127 0.1462 0.3828 0.0667  0.1400  0.0376  143 VAL A O   
538 C CB  . VAL A 83  ? 0.5350 0.0581 0.3716 0.0894  0.1740  0.0628  143 VAL A CB  
539 C CG1 . VAL A 83  ? 0.5943 0.0442 0.4013 0.0868  0.1957  0.0597  143 VAL A CG1 
540 C CG2 . VAL A 83  ? 0.6819 0.2305 0.5393 0.1176  0.1769  0.0683  143 VAL A CG2 
541 N N   . TYR A 84  ? 0.4210 0.0635 0.2929 0.0604  0.1285  0.0567  144 TYR A N   
542 C CA  . TYR A 84  ? 0.3845 0.0826 0.2773 0.0616  0.1111  0.0576  144 TYR A CA  
543 C C   . TYR A 84  ? 0.3365 0.0600 0.2425 0.0802  0.1030  0.0770  144 TYR A C   
544 O O   . TYR A 84  ? 0.4023 0.1027 0.2998 0.0898  0.1094  0.0909  144 TYR A O   
545 C CB  . TYR A 84  ? 0.4187 0.1368 0.3099 0.0368  0.0994  0.0481  144 TYR A CB  
546 C CG  . TYR A 84  ? 0.4145 0.1275 0.2996 0.0299  0.0980  0.0578  144 TYR A CG  
547 C CD1 . TYR A 84  ? 0.4495 0.1940 0.3433 0.0382  0.0873  0.0698  144 TYR A CD1 
548 C CD2 . TYR A 84  ? 0.4026 0.0783 0.2713 0.0142  0.1083  0.0553  144 TYR A CD2 
549 C CE1 . TYR A 84  ? 0.3960 0.1348 0.2814 0.0334  0.0883  0.0797  144 TYR A CE1 
550 C CE2 . TYR A 84  ? 0.4576 0.1294 0.3216 0.0077  0.1093  0.0659  144 TYR A CE2 
551 C CZ  . TYR A 84  ? 0.4279 0.1319 0.2995 0.0186  0.0998  0.0785  144 TYR A CZ  
552 O OH  . TYR A 84  ? 0.5108 0.2104 0.3746 0.0130  0.1025  0.0893  144 TYR A OH  
553 N N   . GLU A 85  ? 0.3564 0.1265 0.2810 0.0841  0.0888  0.0776  145 GLU A N   
554 C CA  . GLU A 85  ? 0.4081 0.2091 0.3419 0.0943  0.0759  0.0926  145 GLU A CA  
555 C C   . GLU A 85  ? 0.2695 0.0982 0.2031 0.0769  0.0620  0.0845  145 GLU A C   
556 O O   . GLU A 85  ? 0.2754 0.1192 0.2153 0.0666  0.0580  0.0712  145 GLU A O   
557 C CB  . GLU A 85  ? 0.3420 0.1740 0.2986 0.1138  0.0709  0.1013  145 GLU A CB  
558 C CG  . GLU A 85  ? 0.6166 0.4247 0.5767 0.1365  0.0859  0.1127  145 GLU A CG  
559 C CD  . GLU A 85  ? 0.9087 0.7558 0.8943 0.1585  0.0778  0.1293  145 GLU A CD  
560 O OE1 . GLU A 85  ? 0.6176 0.5100 0.6188 0.1523  0.0609  0.1279  145 GLU A OE1 
561 O OE2 . GLU A 85  ? 0.9341 0.7668 0.9248 0.1816  0.0884  0.1443  145 GLU A OE2 
562 N N   . LEU A 86  ? 0.2727 0.1061 0.1970 0.0746  0.0561  0.0929  146 LEU A N   
563 C CA  . LEU A 86  ? 0.2697 0.1268 0.1919 0.0609  0.0453  0.0861  146 LEU A CA  
564 C C   . LEU A 86  ? 0.2485 0.1422 0.1824 0.0673  0.0305  0.0879  146 LEU A C   
565 O O   . LEU A 86  ? 0.2876 0.1919 0.2226 0.0805  0.0244  0.1014  146 LEU A O   
566 C CB  . LEU A 86  ? 0.2625 0.1091 0.1674 0.0570  0.0472  0.0949  146 LEU A CB  
567 C CG  . LEU A 86  ? 0.2515 0.1213 0.1518 0.0466  0.0386  0.0894  146 LEU A CG  
568 C CD1 . LEU A 86  ? 0.2848 0.1576 0.1914 0.0304  0.0413  0.0744  146 LEU A CD1 
569 C CD2 . LEU A 86  ? 0.2869 0.1485 0.1686 0.0468  0.0416  0.1010  146 LEU A CD2 
570 N N   . PHE A 87  ? 0.2310 0.1425 0.1723 0.0575  0.0247  0.0751  147 PHE A N   
571 C CA  . PHE A 87  ? 0.2490 0.1921 0.1995 0.0587  0.0109  0.0746  147 PHE A CA  
572 C C   . PHE A 87  ? 0.2457 0.1966 0.1805 0.0519  0.0024  0.0742  147 PHE A C   
573 O O   . PHE A 87  ? 0.2684 0.2357 0.1994 0.0560  -0.0087 0.0807  147 PHE A O   
574 C CB  . PHE A 87  ? 0.2499 0.2047 0.2134 0.0517  0.0097  0.0625  147 PHE A CB  
575 C CG  . PHE A 87  ? 0.2486 0.2324 0.2213 0.0503  -0.0035 0.0621  147 PHE A CG  
576 C CD1 . PHE A 87  ? 0.2485 0.2530 0.2399 0.0596  -0.0079 0.0701  147 PHE A CD1 
577 C CD2 . PHE A 87  ? 0.2375 0.2272 0.2001 0.0395  -0.0109 0.0544  147 PHE A CD2 
578 C CE1 . PHE A 87  ? 0.2477 0.2807 0.2486 0.0545  -0.0213 0.0695  147 PHE A CE1 
579 C CE2 . PHE A 87  ? 0.2407 0.2522 0.2084 0.0352  -0.0233 0.0527  147 PHE A CE2 
580 C CZ  . PHE A 87  ? 0.2389 0.2726 0.2257 0.0408  -0.0292 0.0599  147 PHE A CZ  
581 N N   . GLY A 88  ? 0.2312 0.1715 0.1565 0.0416  0.0080  0.0667  148 GLY A N   
582 C CA  . GLY A 88  ? 0.2654 0.2096 0.1741 0.0371  0.0046  0.0662  148 GLY A CA  
583 C C   . GLY A 88  ? 0.2424 0.1799 0.1494 0.0271  0.0128  0.0582  148 GLY A C   
584 O O   . GLY A 88  ? 0.2242 0.1565 0.1420 0.0219  0.0181  0.0525  148 GLY A O   
585 N N   . ASP A 89  ? 0.2444 0.1831 0.1367 0.0248  0.0142  0.0589  149 ASP A N   
586 C CA  . ASP A 89  ? 0.2250 0.1644 0.1198 0.0171  0.0221  0.0531  149 ASP A CA  
587 C C   . ASP A 89  ? 0.2222 0.1687 0.1033 0.0181  0.0204  0.0492  149 ASP A C   
588 O O   . ASP A 89  ? 0.2550 0.1998 0.1175 0.0224  0.0161  0.0529  149 ASP A O   
589 C CB  . ASP A 89  ? 0.2436 0.1707 0.1369 0.0127  0.0338  0.0601  149 ASP A CB  
590 C CG  . ASP A 89  ? 0.3196 0.2374 0.1933 0.0178  0.0373  0.0718  149 ASP A CG  
591 O OD1 . ASP A 89  ? 0.3136 0.2194 0.1824 0.0245  0.0359  0.0810  149 ASP A OD1 
592 O OD2 . ASP A 89  ? 0.3695 0.2903 0.2306 0.0167  0.0428  0.0736  149 ASP A OD2 
593 N N   . TYR A 90  ? 0.2032 0.1567 0.0923 0.0145  0.0243  0.0420  150 TYR A N   
594 C CA  . TYR A 90  ? 0.2567 0.2129 0.1344 0.0172  0.0232  0.0356  150 TYR A CA  
595 C C   . TYR A 90  ? 0.2469 0.2096 0.1302 0.0171  0.0342  0.0343  150 TYR A C   
596 O O   . TYR A 90  ? 0.2329 0.2052 0.1367 0.0133  0.0365  0.0337  150 TYR A O   
597 C CB  . TYR A 90  ? 0.2100 0.1692 0.0955 0.0162  0.0138  0.0276  150 TYR A CB  
598 C CG  . TYR A 90  ? 0.2100 0.1703 0.0999 0.0161  0.0040  0.0299  150 TYR A CG  
599 C CD1 . TYR A 90  ? 0.2744 0.2352 0.1501 0.0174  -0.0051 0.0311  150 TYR A CD1 
600 C CD2 . TYR A 90  ? 0.2126 0.1744 0.1206 0.0149  0.0046  0.0315  150 TYR A CD2 
601 C CE1 . TYR A 90  ? 0.2763 0.2450 0.1618 0.0189  -0.0141 0.0358  150 TYR A CE1 
602 C CE2 . TYR A 90  ? 0.2489 0.2135 0.1638 0.0177  -0.0016 0.0349  150 TYR A CE2 
603 C CZ  . TYR A 90  ? 0.2790 0.2496 0.1854 0.0204  -0.0109 0.0382  150 TYR A CZ  
604 O OH  . TYR A 90  ? 0.3139 0.2936 0.2322 0.0246  -0.0170 0.0437  150 TYR A OH  
605 N N   . ALA A 91  ? 0.2433 0.2020 0.1077 0.0218  0.0413  0.0342  151 ALA A N   
606 C CA  . ALA A 91  ? 0.2546 0.2223 0.1264 0.0250  0.0536  0.0338  151 ALA A CA  
607 C C   . ALA A 91  ? 0.2756 0.2484 0.1605 0.0278  0.0504  0.0269  151 ALA A C   
608 O O   . ALA A 91  ? 0.2694 0.2313 0.1447 0.0285  0.0417  0.0201  151 ALA A O   
609 C CB  . ALA A 91  ? 0.2820 0.2401 0.1258 0.0317  0.0637  0.0336  151 ALA A CB  
610 N N   . LEU A 92  ? 0.2219 0.2125 0.1296 0.0288  0.0571  0.0300  152 LEU A N   
611 C CA  . LEU A 92  ? 0.1942 0.1913 0.1142 0.0340  0.0555  0.0267  152 LEU A CA  
612 C C   . LEU A 92  ? 0.2590 0.2663 0.1837 0.0448  0.0699  0.0299  152 LEU A C   
613 O O   . LEU A 92  ? 0.2176 0.2507 0.1672 0.0439  0.0756  0.0372  152 LEU A O   
614 C CB  . LEU A 92  ? 0.2145 0.2288 0.1606 0.0262  0.0480  0.0291  152 LEU A CB  
615 C CG  . LEU A 92  ? 0.1836 0.1885 0.1277 0.0171  0.0370  0.0264  152 LEU A CG  
616 C CD1 . LEU A 92  ? 0.2116 0.2310 0.1757 0.0093  0.0320  0.0275  152 LEU A CD1 
617 C CD2 . LEU A 92  ? 0.2140 0.2020 0.1435 0.0198  0.0295  0.0199  152 LEU A CD2 
618 N N   . ILE A 93  ? 0.2453 0.2329 0.1460 0.0547  0.0768  0.0246  153 ILE A N   
619 C CA  . ILE A 93  ? 0.2468 0.2409 0.1499 0.0684  0.0941  0.0275  153 ILE A CA  
620 C C   . ILE A 93  ? 0.2163 0.2230 0.1422 0.0775  0.0938  0.0300  153 ILE A C   
621 O O   . ILE A 93  ? 0.2509 0.2558 0.1838 0.0723  0.0803  0.0280  153 ILE A O   
622 C CB  . ILE A 93  ? 0.2950 0.2575 0.1585 0.0766  0.1039  0.0195  153 ILE A CB  
623 C CG1 . ILE A 93  ? 0.3177 0.2505 0.1603 0.0762  0.0942  0.0086  153 ILE A CG1 
624 C CG2 . ILE A 93  ? 0.3237 0.2780 0.1635 0.0689  0.1042  0.0199  153 ILE A CG2 
625 C CD1 . ILE A 93  ? 0.3309 0.2291 0.1329 0.0845  0.1059  -0.0011 153 ILE A CD1 
626 N N   . GLN A 94  ? 0.2560 0.2762 0.1929 0.0921  0.1097  0.0357  154 GLN A N   
627 C CA  . GLN A 94  ? 0.2523 0.2845 0.2099 0.1048  0.1106  0.0405  154 GLN A CA  
628 C C   . GLN A 94  ? 0.3043 0.2959 0.2335 0.1120  0.1092  0.0311  154 GLN A C   
629 O O   . GLN A 94  ? 0.3817 0.3394 0.2764 0.1147  0.1170  0.0218  154 GLN A O   
630 C CB  A GLN A 94  ? 0.2884 0.3461 0.2664 0.1221  0.1300  0.0503  154 GLN A CB  
631 C CB  B GLN A 94  ? 0.2911 0.3477 0.2678 0.1222  0.1305  0.0501  154 GLN A CB  
632 C CG  A GLN A 94  ? 0.2713 0.3524 0.2790 0.1364  0.1290  0.0599  154 GLN A CG  
633 C CG  B GLN A 94  ? 0.3330 0.4129 0.3392 0.1377  0.1311  0.0597  154 GLN A CG  
634 C CD  A GLN A 94  ? 0.3267 0.4494 0.3679 0.1516  0.1455  0.0735  154 GLN A CD  
635 C CD  B GLN A 94  ? 0.3774 0.4908 0.4103 0.1553  0.1509  0.0718  154 GLN A CD  
636 O OE1 A GLN A 94  ? 0.3851 0.5239 0.4318 0.1483  0.1577  0.0764  154 GLN A OE1 
637 O OE1 B GLN A 94  ? 0.3085 0.4016 0.3217 0.1709  0.1718  0.0689  154 GLN A OE1 
638 N NE2 A GLN A 94  ? 0.4590 0.6010 0.5241 0.1690  0.1465  0.0836  154 GLN A NE2 
639 N NE2 B GLN A 94  ? 0.3430 0.5093 0.4206 0.1525  0.1449  0.0851  154 GLN A NE2 
640 N N   . GLY A 95  ? 0.2678 0.2612 0.2092 0.1136  0.0994  0.0335  155 GLY A N   
641 C CA  . GLY A 95  ? 0.3047 0.2592 0.2224 0.1208  0.1003  0.0267  155 GLY A CA  
642 C C   . GLY A 95  ? 0.2624 0.2056 0.1752 0.1054  0.0823  0.0219  155 GLY A C   
643 O O   . GLY A 95  ? 0.3081 0.2766 0.2404 0.0936  0.0697  0.0259  155 GLY A O   
644 N N   . ARG A 96  ? 0.3212 0.2246 0.2070 0.1049  0.0824  0.0132  156 ARG A N   
645 C CA  . ARG A 96  ? 0.2983 0.1904 0.1798 0.0906  0.0678  0.0092  156 ARG A CA  
646 C C   . ARG A 96  ? 0.2907 0.1582 0.1446 0.0761  0.0628  -0.0033 156 ARG A C   
647 O O   . ARG A 96  ? 0.3351 0.1701 0.1604 0.0794  0.0714  -0.0119 156 ARG A O   
648 C CB  . ARG A 96  ? 0.3741 0.2406 0.2488 0.1001  0.0717  0.0112  156 ARG A CB  
649 C CG  . ARG A 96  ? 0.5977 0.4926 0.5006 0.1113  0.0700  0.0255  156 ARG A CG  
650 C CD  . ARG A 96  ? 0.7892 0.6563 0.6834 0.1239  0.0755  0.0303  156 ARG A CD  
651 N NE  . ARG A 96  ? 1.0678 0.9620 0.9846 0.1277  0.0668  0.0440  156 ARG A NE  
652 C CZ  . ARG A 96  ? 1.1042 0.9995 1.0209 0.1138  0.0543  0.0442  156 ARG A CZ  
653 N NH1 . ARG A 96  ? 1.1095 0.9841 1.0101 0.0956  0.0492  0.0327  156 ARG A NH1 
654 N NH2 . ARG A 96  ? 1.1564 1.0756 1.0889 0.1182  0.0469  0.0567  156 ARG A NH2 
655 N N   . GLY A 97  ? 0.3106 0.1925 0.1720 0.0608  0.0494  -0.0043 157 GLY A N   
656 C CA  . GLY A 97  ? 0.3532 0.2188 0.1927 0.0478  0.0425  -0.0137 157 GLY A CA  
657 C C   . GLY A 97  ? 0.3004 0.1811 0.1536 0.0338  0.0282  -0.0128 157 GLY A C   
658 O O   . GLY A 97  ? 0.2840 0.1802 0.1580 0.0335  0.0246  -0.0068 157 GLY A O   
659 N N   . SER A 98  ? 0.2755 0.1525 0.1156 0.0231  0.0202  -0.0182 158 SER A N   
660 C CA  . SER A 98  ? 0.2658 0.1587 0.1206 0.0122  0.0082  -0.0162 158 SER A CA  
661 C C   . SER A 98  ? 0.3105 0.2086 0.1548 0.0054  0.0005  -0.0180 158 SER A C   
662 O O   . SER A 98  ? 0.2971 0.1826 0.1175 0.0068  0.0032  -0.0222 158 SER A O   
663 C CB  . SER A 98  ? 0.3153 0.1954 0.1701 0.0037  0.0039  -0.0198 158 SER A CB  
664 O OG  . SER A 98  ? 0.3974 0.2554 0.2281 -0.0051 0.0008  -0.0289 158 SER A OG  
665 N N   . PHE A 99  ? 0.2578 0.1748 0.1194 -0.0005 -0.0085 -0.0137 159 PHE A N   
666 C CA  . PHE A 99  ? 0.2784 0.2036 0.1338 -0.0070 -0.0189 -0.0134 159 PHE A CA  
667 C C   . PHE A 99  ? 0.2689 0.2127 0.1487 -0.0125 -0.0264 -0.0091 159 PHE A C   
668 O O   . PHE A 99  ? 0.2541 0.2012 0.1508 -0.0108 -0.0219 -0.0072 159 PHE A O   
669 C CB  . PHE A 99  ? 0.2904 0.2230 0.1398 -0.0006 -0.0168 -0.0074 159 PHE A CB  
670 C CG  . PHE A 99  ? 0.2761 0.2219 0.1472 0.0054  -0.0112 0.0006  159 PHE A CG  
671 C CD1 . PHE A 99  ? 0.2699 0.2299 0.1579 0.0046  -0.0165 0.0069  159 PHE A CD1 
672 C CD2 . PHE A 99  ? 0.2645 0.2086 0.1394 0.0116  -0.0001 0.0019  159 PHE A CD2 
673 C CE1 . PHE A 99  ? 0.2650 0.2305 0.1680 0.0083  -0.0103 0.0123  159 PHE A CE1 
674 C CE2 . PHE A 99  ? 0.2559 0.2116 0.1493 0.0131  0.0036  0.0080  159 PHE A CE2 
675 C CZ  . PHE A 99  ? 0.2533 0.2161 0.1582 0.0107  -0.0012 0.0123  159 PHE A CZ  
676 N N   . CYS A 100 ? 0.2871 0.2439 0.1680 -0.0182 -0.0374 -0.0072 160 CYS A N   
677 C CA  . CYS A 100 ? 0.2812 0.2591 0.1881 -0.0219 -0.0430 -0.0022 160 CYS A CA  
678 C C   . CYS A 100 ? 0.3880 0.3851 0.3072 -0.0145 -0.0463 0.0078  160 CYS A C   
679 O O   . CYS A 100 ? 0.3662 0.3632 0.2706 -0.0109 -0.0497 0.0110  160 CYS A O   
680 C CB  . CYS A 100 ? 0.4157 0.3978 0.3214 -0.0363 -0.0535 -0.0069 160 CYS A CB  
681 S SG  . CYS A 100 ? 0.4773 0.4318 0.3730 -0.0449 -0.0467 -0.0166 160 CYS A SG  
682 N N   . LEU A 101 ? 0.2481 0.2585 0.1919 -0.0111 -0.0431 0.0130  161 LEU A N   
683 C CA  . LEU A 101 ? 0.2735 0.2989 0.2317 -0.0018 -0.0435 0.0233  161 LEU A CA  
684 C C   . LEU A 101 ? 0.2636 0.3153 0.2441 -0.0052 -0.0515 0.0279  161 LEU A C   
685 O O   . LEU A 101 ? 0.2293 0.2855 0.2226 -0.0120 -0.0493 0.0244  161 LEU A O   
686 C CB  . LEU A 101 ? 0.2989 0.3166 0.2673 0.0054  -0.0308 0.0248  161 LEU A CB  
687 C CG  . LEU A 101 ? 0.3109 0.3096 0.2681 0.0065  -0.0214 0.0203  161 LEU A CG  
688 C CD1 . LEU A 101 ? 0.3900 0.3845 0.3579 0.0088  -0.0122 0.0201  161 LEU A CD1 
689 C CD2 . LEU A 101 ? 0.2767 0.2680 0.2206 0.0111  -0.0200 0.0244  161 LEU A CD2 
690 N N   . ASN A 102 ? 0.2006 0.2717 0.1872 -0.0002 -0.0605 0.0373  162 ASN A N   
691 C CA  . ASN A 102 ? 0.2259 0.3294 0.2405 -0.0010 -0.0677 0.0448  162 ASN A CA  
692 C C   . ASN A 102 ? 0.2642 0.3741 0.3017 0.0146  -0.0558 0.0539  162 ASN A C   
693 O O   . ASN A 102 ? 0.2440 0.3554 0.2823 0.0284  -0.0548 0.0641  162 ASN A O   
694 C CB  . ASN A 102 ? 0.2877 0.4127 0.2974 -0.0029 -0.0855 0.0518  162 ASN A CB  
695 C CG  . ASN A 102 ? 0.5319 0.6997 0.5765 -0.0020 -0.0945 0.0628  162 ASN A CG  
696 O OD1 . ASN A 102 ? 0.4768 0.6596 0.5460 -0.0088 -0.0908 0.0609  162 ASN A OD1 
697 N ND2 . ASN A 102 ? 0.4349 0.6250 0.4829 0.0071  -0.1060 0.0761  162 ASN A ND2 
698 N N   . ILE A 103 ? 0.2202 0.3292 0.2723 0.0129  -0.0451 0.0499  163 ILE A N   
699 C CA  . ILE A 103 ? 0.1715 0.2821 0.2415 0.0269  -0.0312 0.0561  163 ILE A CA  
700 C C   . ILE A 103 ? 0.1601 0.2938 0.2559 0.0218  -0.0277 0.0565  163 ILE A C   
701 O O   . ILE A 103 ? 0.2281 0.3525 0.3180 0.0092  -0.0252 0.0477  163 ILE A O   
702 C CB  . ILE A 103 ? 0.2468 0.3226 0.2987 0.0300  -0.0169 0.0486  163 ILE A CB  
703 C CG1 . ILE A 103 ? 0.2582 0.3122 0.2859 0.0317  -0.0190 0.0478  163 ILE A CG1 
704 C CG2 . ILE A 103 ? 0.2906 0.3622 0.3551 0.0437  -0.0016 0.0531  163 ILE A CG2 
705 C CD1 . ILE A 103 ? 0.3155 0.3408 0.3272 0.0295  -0.0080 0.0395  163 ILE A CD1 
706 N N   . ARG A 104 ? 0.2004 0.3642 0.3256 0.0324  -0.0264 0.0684  164 ARG A N   
707 C CA  . ARG A 104 ? 0.2967 0.4903 0.4522 0.0272  -0.0226 0.0711  164 ARG A CA  
708 C C   . ARG A 104 ? 0.4543 0.6295 0.6086 0.0304  -0.0022 0.0656  164 ARG A C   
709 O O   . ARG A 104 ? 0.3024 0.4529 0.4454 0.0439  0.0112  0.0647  164 ARG A O   
710 C CB  . ARG A 104 ? 0.2068 0.4447 0.3987 0.0391  -0.0266 0.0871  164 ARG A CB  
711 C CG  . ARG A 104 ? 0.5141 0.7866 0.7157 0.0260  -0.0504 0.0918  164 ARG A CG  
712 C CD  . ARG A 104 ? 0.6205 0.9510 0.8688 0.0306  -0.0560 0.1073  164 ARG A CD  
713 N NE  . ARG A 104 ? 0.7237 1.0716 1.0012 0.0290  -0.0398 0.1081  164 ARG A NE  
714 C CZ  . ARG A 104 ? 0.8596 1.2105 1.1400 0.0063  -0.0396 0.0996  164 ARG A CZ  
715 N NH1 . ARG A 104 ? 0.4134 0.7482 0.6686 -0.0168 -0.0546 0.0883  164 ARG A NH1 
716 N NH2 . ARG A 104 ? 0.8337 1.2005 1.1402 0.0072  -0.0223 0.1026  164 ARG A NH2 
717 N N   . SER A 105 ? 0.4214 0.6066 0.5849 0.0161  0.0001  0.0619  165 SER A N   
718 C CA  . SER A 105 ? 0.5965 0.7656 0.7555 0.0162  0.0185  0.0569  165 SER A CA  
719 C C   . SER A 105 ? 0.5867 0.7639 0.7632 0.0356  0.0366  0.0641  165 SER A C   
720 O O   . SER A 105 ? 0.4063 0.5560 0.5653 0.0412  0.0527  0.0583  165 SER A O   
721 C CB  . SER A 105 ? 0.7741 0.9577 0.9439 -0.0023 0.0179  0.0554  165 SER A CB  
722 O OG  . SER A 105 ? 0.7277 0.8876 0.8819 -0.0040 0.0337  0.0497  165 SER A OG  
723 N N   . ASP A 106 ? 0.5253 0.7399 0.7349 0.0463  0.0337  0.0770  166 ASP A N   
724 C CA  . ASP A 106 ? 0.6282 0.8539 0.8594 0.0683  0.0526  0.0860  166 ASP A CA  
725 C C   . ASP A 106 ? 0.4658 0.6724 0.6878 0.0898  0.0555  0.0911  166 ASP A C   
726 O O   . ASP A 106 ? 0.3855 0.6108 0.6327 0.1107  0.0657  0.1034  166 ASP A O   
727 C CB  . ASP A 106 ? 0.4913 0.7756 0.7713 0.0697  0.0501  0.1002  166 ASP A CB  
728 C CG  . ASP A 106 ? 0.3514 0.6699 0.6499 0.0700  0.0265  0.1109  166 ASP A CG  
729 O OD1 . ASP A 106 ? 0.4371 0.7315 0.7090 0.0721  0.0145  0.1083  166 ASP A OD1 
730 O OD2 . ASP A 106 ? 0.4135 0.7855 0.7521 0.0675  0.0179  0.1230  166 ASP A OD2 
731 N N   . THR A 107 ? 0.3975 0.5678 0.5853 0.0858  0.0478  0.0832  167 THR A N   
732 C CA  . THR A 107 ? 0.5316 0.6807 0.7094 0.1043  0.0513  0.0890  167 THR A CA  
733 C C   . THR A 107 ? 0.5726 0.6922 0.7431 0.1211  0.0771  0.0868  167 THR A C   
734 O O   . THR A 107 ? 0.4359 0.5348 0.5903 0.1133  0.0895  0.0751  167 THR A O   
735 C CB  . THR A 107 ? 0.5705 0.6864 0.7131 0.0945  0.0400  0.0809  167 THR A CB  
736 O OG1 . THR A 107 ? 0.4160 0.5085 0.5485 0.1115  0.0458  0.0875  167 THR A OG1 
737 C CG2 . THR A 107 ? 0.3364 0.4151 0.4484 0.0817  0.0479  0.0644  167 THR A CG2 
738 N N   . GLY A 108 ? 0.3273 0.4430 0.5071 0.1442  0.0857  0.0984  168 GLY A N   
739 C CA  . GLY A 108 ? 0.3717 0.4493 0.5379 0.1612  0.1115  0.0953  168 GLY A CA  
740 C C   . GLY A 108 ? 0.4620 0.4815 0.5845 0.1552  0.1152  0.0829  168 GLY A C   
741 O O   . GLY A 108 ? 0.4178 0.3970 0.5201 0.1634  0.1359  0.0761  168 GLY A O   
742 N N   . ARG A 109 ? 0.3494 0.3644 0.4565 0.1399  0.0960  0.0799  169 ARG A N   
743 C CA  . ARG A 109 ? 0.3763 0.3436 0.4470 0.1318  0.0977  0.0700  169 ARG A CA  
744 C C   . ARG A 109 ? 0.3774 0.3255 0.4241 0.1116  0.0995  0.0520  169 ARG A C   
745 O O   . ARG A 109 ? 0.3192 0.2924 0.3727 0.0981  0.0889  0.0482  169 ARG A O   
746 C CB  . ARG A 109 ? 0.3282 0.3031 0.3942 0.1247  0.0779  0.0756  169 ARG A CB  
747 C CG  . ARG A 109 ? 0.4373 0.4266 0.5199 0.1447  0.0742  0.0949  169 ARG A CG  
748 C CD  . ARG A 109 ? 0.5924 0.5910 0.6665 0.1372  0.0542  0.1009  169 ARG A CD  
749 N NE  . ARG A 109 ? 0.8473 0.8899 0.9369 0.1254  0.0346  0.1014  169 ARG A NE  
750 C CZ  . ARG A 109 ? 0.9443 0.9943 1.0212 0.1132  0.0172  0.1008  169 ARG A CZ  
751 N NH1 . ARG A 109 ? 0.5861 0.6069 0.6373 0.1116  0.0172  0.1009  169 ARG A NH1 
752 N NH2 . ARG A 109 ? 0.8150 0.8998 0.9034 0.1016  0.0011  0.0995  169 ARG A NH2 
753 N N   . GLU A 110 ? 0.3354 0.2386 0.3530 0.1091  0.1125  0.0414  170 GLU A N   
754 C CA  . GLU A 110 ? 0.3499 0.2366 0.3426 0.0896  0.1122  0.0253  170 GLU A CA  
755 C C   . GLU A 110 ? 0.3631 0.2178 0.3286 0.0760  0.1072  0.0175  170 GLU A C   
756 O O   . GLU A 110 ? 0.3879 0.2333 0.3538 0.0806  0.1043  0.0247  170 GLU A O   
757 C CB  . GLU A 110 ? 0.4127 0.2793 0.3931 0.0946  0.1328  0.0172  170 GLU A CB  
758 C CG  . GLU A 110 ? 0.4503 0.3487 0.4608 0.1106  0.1427  0.0265  170 GLU A CG  
759 C CD  . GLU A 110 ? 0.7625 0.6414 0.7570 0.1141  0.1645  0.0175  170 GLU A CD  
760 O OE1 . GLU A 110 ? 0.7239 0.5561 0.6879 0.1171  0.1796  0.0082  170 GLU A OE1 
761 O OE2 . GLU A 110 ? 0.9224 0.8305 0.9327 0.1130  0.1674  0.0196  170 GLU A OE2 
762 N N   . ASN A 111 ? 0.3202 0.1607 0.2632 0.0587  0.1058  0.0041  171 ASN A N   
763 C CA  . ASN A 111 ? 0.2988 0.1152 0.2191 0.0426  0.1004  -0.0038 171 ASN A CA  
764 C C   . ASN A 111 ? 0.2708 0.1086 0.2027 0.0366  0.0837  0.0032  171 ASN A C   
765 O O   . ASN A 111 ? 0.3209 0.1417 0.2455 0.0334  0.0830  0.0056  171 ASN A O   
766 C CB  . ASN A 111 ? 0.3556 0.1266 0.2570 0.0471  0.1156  -0.0066 171 ASN A CB  
767 C CG  . ASN A 111 ? 0.5259 0.2734 0.4161 0.0581  0.1357  -0.0123 171 ASN A CG  
768 O OD1 . ASN A 111 ? 0.4818 0.2237 0.3546 0.0486  0.1388  -0.0237 171 ASN A OD1 
769 N ND2 . ASN A 111 ? 0.5327 0.2669 0.4321 0.0800  0.1502  -0.0031 171 ASN A ND2 
770 N N   . TRP A 112 ? 0.2261 0.0983 0.1734 0.0346  0.0717  0.0063  172 TRP A N   
771 C CA  . TRP A 112 ? 0.2062 0.0967 0.1600 0.0290  0.0575  0.0109  172 TRP A CA  
772 C C   . TRP A 112 ? 0.2752 0.1589 0.2142 0.0124  0.0520  0.0027  172 TRP A C   
773 O O   . TRP A 112 ? 0.2572 0.1382 0.1864 0.0042  0.0527  -0.0055 172 TRP A O   
774 C CB  . TRP A 112 ? 0.2195 0.1430 0.1910 0.0307  0.0479  0.0149  172 TRP A CB  
775 C CG  . TRP A 112 ? 0.1852 0.1250 0.1762 0.0449  0.0494  0.0250  172 TRP A CG  
776 C CD1 . TRP A 112 ? 0.2171 0.1636 0.2205 0.0544  0.0591  0.0272  172 TRP A CD1 
777 C CD2 . TRP A 112 ? 0.1992 0.1541 0.2007 0.0513  0.0405  0.0354  172 TRP A CD2 
778 N NE1 . TRP A 112 ? 0.2492 0.2179 0.2745 0.0669  0.0561  0.0394  172 TRP A NE1 
779 C CE2 . TRP A 112 ? 0.2285 0.2025 0.2511 0.0644  0.0431  0.0444  172 TRP A CE2 
780 C CE3 . TRP A 112 ? 0.2402 0.1962 0.2343 0.0473  0.0305  0.0384  172 TRP A CE3 
781 C CZ2 . TRP A 112 ? 0.2404 0.2357 0.2767 0.0731  0.0337  0.0568  172 TRP A CZ2 
782 C CZ3 . TRP A 112 ? 0.2297 0.2018 0.2323 0.0557  0.0227  0.0496  172 TRP A CZ3 
783 C CH2 . TRP A 112 ? 0.2179 0.2104 0.2414 0.0680  0.0229  0.0588  172 TRP A CH2 
784 N N   . ARG A 113 ? 0.2280 0.1113 0.1659 0.0075  0.0468  0.0060  173 ARG A N   
785 C CA  . ARG A 113 ? 0.2205 0.1043 0.1505 -0.0077 0.0416  0.0004  173 ARG A CA  
786 C C   . ARG A 113 ? 0.2526 0.1567 0.1911 -0.0086 0.0329  0.0062  173 ARG A C   
787 O O   . ARG A 113 ? 0.2259 0.1345 0.1698 0.0003  0.0319  0.0139  173 ARG A O   
788 C CB  A ARG A 113 ? 0.2634 0.1183 0.1799 -0.0162 0.0491  -0.0026 173 ARG A CB  
789 C CB  B ARG A 113 ? 0.2195 0.0743 0.1355 -0.0167 0.0491  -0.0033 173 ARG A CB  
790 C CG  A ARG A 113 ? 0.2998 0.1242 0.2002 -0.0171 0.0604  -0.0108 173 ARG A CG  
791 C CG  B ARG A 113 ? 0.3502 0.1766 0.2501 -0.0181 0.0597  -0.0120 173 ARG A CG  
792 C CD  A ARG A 113 ? 0.4557 0.2828 0.3444 -0.0283 0.0573  -0.0215 173 ARG A CD  
793 C CD  B ARG A 113 ? 0.3211 0.1145 0.2030 -0.0316 0.0663  -0.0180 173 ARG A CD  
794 N NE  A ARG A 113 ? 0.5060 0.2988 0.3734 -0.0295 0.0699  -0.0306 173 ARG A NE  
795 N NE  B ARG A 113 ? 0.4070 0.1633 0.2701 -0.0279 0.0806  -0.0253 173 ARG A NE  
796 C CZ  A ARG A 113 ? 0.3815 0.1685 0.2459 -0.0173 0.0793  -0.0323 173 ARG A CZ  
797 C CZ  B ARG A 113 ? 0.3395 0.0551 0.1834 -0.0361 0.0908  -0.0306 173 ARG A CZ  
798 N NH1 A ARG A 113 ? 0.4030 0.1535 0.2439 -0.0183 0.0931  -0.0415 173 ARG A NH1 
799 N NH1 B ARG A 113 ? 0.5203 0.1986 0.3445 -0.0304 0.1058  -0.0379 173 ARG A NH1 
800 N NH2 A ARG A 113 ? 0.2912 0.1070 0.1750 -0.0052 0.0762  -0.0250 173 ARG A NH2 
801 N NH2 B ARG A 113 ? 0.4056 0.1150 0.2487 -0.0503 0.0877  -0.0284 173 ARG A NH2 
802 N N   . MET A 114 ? 0.1843 0.1011 0.1228 -0.0185 0.0269  0.0029  174 MET A N   
803 C CA  . MET A 114 ? 0.1630 0.0944 0.1075 -0.0193 0.0228  0.0079  174 MET A CA  
804 C C   . MET A 114 ? 0.2169 0.1515 0.1611 -0.0326 0.0225  0.0060  174 MET A C   
805 O O   . MET A 114 ? 0.2233 0.1541 0.1626 -0.0426 0.0213  -0.0004 174 MET A O   
806 C CB  . MET A 114 ? 0.1670 0.1177 0.1174 -0.0139 0.0160  0.0087  174 MET A CB  
807 C CG  . MET A 114 ? 0.1649 0.1264 0.1161 -0.0194 0.0116  0.0046  174 MET A CG  
808 S SD  . MET A 114 ? 0.1882 0.1616 0.1430 -0.0112 0.0067  0.0064  174 MET A SD  
809 C CE  . MET A 114 ? 0.1688 0.1491 0.1213 -0.0157 0.0029  0.0040  174 MET A CE  
810 N N   . GLN A 115 ? 0.1932 0.1360 0.1424 -0.0339 0.0237  0.0116  175 GLN A N   
811 C CA  . GLN A 115 ? 0.1990 0.1524 0.1541 -0.0474 0.0236  0.0117  175 GLN A CA  
812 C C   . GLN A 115 ? 0.2133 0.1850 0.1773 -0.0430 0.0254  0.0190  175 GLN A C   
813 O O   . GLN A 115 ? 0.2112 0.1775 0.1699 -0.0320 0.0280  0.0233  175 GLN A O   
814 C CB  . GLN A 115 ? 0.2093 0.1387 0.1567 -0.0592 0.0305  0.0106  175 GLN A CB  
815 C CG  . GLN A 115 ? 0.2154 0.1292 0.1585 -0.0522 0.0388  0.0192  175 GLN A CG  
816 C CD  . GLN A 115 ? 0.2726 0.1521 0.2039 -0.0594 0.0474  0.0185  175 GLN A CD  
817 O OE1 . GLN A 115 ? 0.3160 0.1728 0.2381 -0.0503 0.0510  0.0172  175 GLN A OE1 
818 N NE2 . GLN A 115 ? 0.3257 0.2005 0.2579 -0.0760 0.0521  0.0200  175 GLN A NE2 
819 N N   . LEU A 116 ? 0.1944 0.1889 0.1711 -0.0513 0.0241  0.0206  176 LEU A N   
820 C CA  . LEU A 116 ? 0.1722 0.1834 0.1578 -0.0476 0.0298  0.0281  176 LEU A CA  
821 C C   . LEU A 116 ? 0.2332 0.2331 0.2169 -0.0576 0.0388  0.0329  176 LEU A C   
822 O O   . LEU A 116 ? 0.2829 0.2709 0.2653 -0.0727 0.0389  0.0298  176 LEU A O   
823 C CB  . LEU A 116 ? 0.1898 0.2348 0.1945 -0.0506 0.0263  0.0302  176 LEU A CB  
824 C CG  . LEU A 116 ? 0.1815 0.2366 0.1874 -0.0388 0.0192  0.0282  176 LEU A CG  
825 C CD1 . LEU A 116 ? 0.1954 0.2861 0.2226 -0.0403 0.0156  0.0330  176 LEU A CD1 
826 C CD2 . LEU A 116 ? 0.1866 0.2318 0.1827 -0.0220 0.0237  0.0292  176 LEU A CD2 
827 N N   . GLU A 117 ? 0.1977 0.1985 0.1786 -0.0503 0.0470  0.0401  177 GLU A N   
828 C CA  . GLU A 117 ? 0.2297 0.2207 0.2087 -0.0600 0.0575  0.0471  177 GLU A CA  
829 C C   . GLU A 117 ? 0.3128 0.3290 0.3135 -0.0779 0.0598  0.0491  177 GLU A C   
830 O O   . GLU A 117 ? 0.3559 0.3595 0.3567 -0.0955 0.0641  0.0501  177 GLU A O   
831 C CB  . GLU A 117 ? 0.2679 0.2564 0.2358 -0.0477 0.0661  0.0552  177 GLU A CB  
832 C CG  A GLU A 117 ? 0.2992 0.2738 0.2598 -0.0547 0.0785  0.0648  177 GLU A CG  
833 C CG  B GLU A 117 ? 0.3843 0.3723 0.3547 -0.0585 0.0792  0.0644  177 GLU A CG  
834 C CD  A GLU A 117 ? 0.3998 0.3736 0.3446 -0.0413 0.0863  0.0722  177 GLU A CD  
835 C CD  B GLU A 117 ? 0.4590 0.4217 0.4058 -0.0508 0.0874  0.0731  177 GLU A CD  
836 O OE1 A GLU A 117 ? 0.3431 0.3350 0.2892 -0.0306 0.0858  0.0697  177 GLU A OE1 
837 O OE1 B GLU A 117 ? 0.4247 0.3817 0.3706 -0.0603 0.0994  0.0819  177 GLU A OE1 
838 O OE2 A GLU A 117 ? 0.5585 0.5104 0.4860 -0.0409 0.0935  0.0806  177 GLU A OE2 
839 O OE2 B GLU A 117 ? 0.3449 0.2952 0.2746 -0.0362 0.0816  0.0720  177 GLU A OE2 
840 N N   . ASN A 118 ? 0.2876 0.3395 0.3070 -0.0737 0.0572  0.0504  178 ASN A N   
841 C CA  . ASN A 118 ? 0.3633 0.4507 0.4095 -0.0873 0.0597  0.0556  178 ASN A CA  
842 C C   . ASN A 118 ? 0.4556 0.5734 0.5201 -0.0908 0.0467  0.0519  178 ASN A C   
843 O O   . ASN A 118 ? 0.2844 0.3990 0.3415 -0.0772 0.0387  0.0473  178 ASN A O   
844 C CB  . ASN A 118 ? 0.3468 0.4569 0.4032 -0.0751 0.0723  0.0649  178 ASN A CB  
845 C CG  . ASN A 118 ? 0.4601 0.5453 0.4978 -0.0731 0.0859  0.0707  178 ASN A CG  
846 O OD1 . ASN A 118 ? 0.6065 0.6849 0.6293 -0.0557 0.0926  0.0729  178 ASN A OD1 
847 N ND2 . ASN A 118 ? 0.5607 0.6293 0.5957 -0.0914 0.0903  0.0732  178 ASN A ND2 
848 O OXT . ASN A 118 ? 0.4461 0.5942 0.5335 -0.1074 0.0436  0.0548  178 ASN A OXT 
# 
